data_8CGP
#
_entry.id   8CGP
#
_cell.length_a   73.443
_cell.length_b   119.074
_cell.length_c   141.643
_cell.angle_alpha   90.000
_cell.angle_beta   102.770
_cell.angle_gamma   90.000
#
_symmetry.space_group_name_H-M   'P 1 21 1'
#
loop_
_entity.id
_entity.type
_entity.pdbx_description
1 polymer 'Leucyl-cystinyl aminopeptidase, pregnancy serum form'
2 branched alpha-D-mannopyranose-(1-3)-[alpha-D-mannopyranose-(1-6)]alpha-D-mannopyranose-(1-6)-beta-D-mannopyranose-(1-4)-2-acetamido-2-deoxy-beta-D-glucopyranose-(1-4)-2-acetamido-2-deoxy-beta-D-glucopyranose
3 branched 2-acetamido-2-deoxy-beta-D-glucopyranose-(1-4)-2-acetamido-2-deoxy-beta-D-glucopyranose
4 branched alpha-D-mannopyranose-(1-6)-alpha-D-mannopyranose-(1-6)-beta-D-mannopyranose-(1-4)-2-acetamido-2-deoxy-beta-D-glucopyranose-(1-4)-2-acetamido-2-deoxy-beta-D-glucopyranose
5 branched alpha-D-mannopyranose-(1-3)-[alpha-D-mannopyranose-(1-6)]beta-D-mannopyranose-(1-4)-2-acetamido-2-deoxy-beta-D-glucopyranose-(1-4)-2-acetamido-2-deoxy-beta-D-glucopyranose
6 branched beta-D-mannopyranose-(1-4)-2-acetamido-2-deoxy-beta-D-glucopyranose-(1-4)-2-acetamido-2-deoxy-beta-D-glucopyranose
7 branched alpha-D-mannopyranose-(1-6)-alpha-D-mannopyranose-(1-6)-[alpha-D-mannopyranose-(1-3)]beta-D-mannopyranose-(1-4)-2-acetamido-2-deoxy-beta-D-glucopyranose-(1-4)-2-acetamido-2-deoxy-beta-D-glucopyranose
8 branched alpha-D-mannopyranose-(1-3)-alpha-D-mannopyranose-(1-6)-[alpha-D-mannopyranose-(1-3)]beta-D-mannopyranose-(1-4)-2-acetamido-2-deoxy-beta-D-glucopyranose-(1-4)-2-acetamido-2-deoxy-beta-D-glucopyranose
9 non-polymer 2-acetamido-2-deoxy-beta-D-glucopyranose
10 non-polymer D-MALATE
11 non-polymer 'ZINC ION'
12 non-polymer 4-bromanyl-5-chloranyl-~{N}-[3-(1~{H}-1,2,3,4-tetrazol-5-yl)phenyl]thiophene-2-sulfonamide
13 non-polymer DI(HYDROXYETHYL)ETHER
14 non-polymer 1,2-ETHANEDIOL
15 water water
#
_entity_poly.entity_id   1
_entity_poly.type   'polypeptide(L)'
_entity_poly.pdbx_seq_one_letter_code
;ATNGKLFPWAQIRLPTAVVPLRYELSLHPNLTSMTFRGSVTISVQALQVTWNIILHSTGHNISRVTFMSAVSSQEKQAEI
LEYAYHGQIAIVAPEALLAGHNYTLKIEYSANISSSYYGFYGFSYTDESNEKKYFAATQFEPLAARSAFPCFDEPAFKAT
FIIKIIRDEQYTALSNMPKKSSVVLDDGLVQDEFSESVKMSTYLVAFIVGEMKNLSQDVNGTLVSIYAVPEKIGQVHYAL
ETTVKLLEFFQNYFEIQYPLKKLDLVAIPDFEAGAMENWGLLTFREETLLYDSNTSSMADRKLVTKIIAHELAHQWFGNL
VTMKWWNDLWLNEGFATFMEYFSLEKIFKELSSYEDFLDARFKTMKKDSLNSSHPISSSVQSSEQIEEMFDSLSYFKGSS
LLLMLKTYLSEDVFQHAVVLYLHNHSYASIQSDDLWDSFNEVTNQTLDVKRMMKTWTLQKGFPLVTVQKKGKELFIQQER
FFLNMKPEIQPSDTSYLWHIPLSYVTEGRNYSKYQSVSLLDKKSGVINLTEEVLWVKVNINMNGYYIVHYADDDWEALIH
QLKINPYVLSDKDRANLINNIFELAGLGKVPLKRAFDLINYLGNENHTAPITEALFQTDLIYNLLEKLGYMDLASRLVTR
VFKLLQNQIQQQTWTDEGTPSMRELRSALLEFACTHNLGNCSTTAMKLFDDWMASNGTQSLPTDVMTTVFKVGAKTDKGW
SFLLGKYISIGSEAEKNKILEALASSEDVRKLYWLMKSSLNGDNFRTQKLSFIIRTVGRHFPGHLLAWDFVKENWNKLVQ
KFPLGSYTIQNIVAGSTYLFSTKTHLSEVQAFFENQSEATFRLRCVQEALEVIQLNIQWMEKNLKSLTWWLRT
;
_entity_poly.pdbx_strand_id   A,B
#
# COMPACT_ATOMS: atom_id res chain seq x y z
N GLY A 4 33.48 -22.39 -2.88
CA GLY A 4 34.08 -22.98 -1.71
C GLY A 4 34.67 -24.35 -1.97
N LYS A 5 34.62 -24.74 -3.25
CA LYS A 5 34.97 -26.10 -3.63
C LYS A 5 36.47 -26.34 -3.57
N LEU A 6 37.27 -25.29 -3.83
CA LEU A 6 38.72 -25.41 -3.65
C LEU A 6 39.20 -24.76 -2.36
N PHE A 7 38.32 -24.62 -1.36
CA PHE A 7 38.61 -24.14 -0.02
C PHE A 7 38.74 -25.31 0.97
N PRO A 8 39.78 -25.34 1.84
CA PRO A 8 40.02 -26.52 2.68
C PRO A 8 39.10 -26.67 3.90
N TRP A 9 37.91 -26.09 3.90
CA TRP A 9 37.04 -26.23 5.07
C TRP A 9 35.59 -26.05 4.64
N ALA A 10 34.71 -26.91 5.12
CA ALA A 10 33.37 -26.99 4.58
C ALA A 10 32.28 -26.58 5.55
N GLN A 11 32.63 -26.17 6.77
CA GLN A 11 31.63 -25.90 7.78
C GLN A 11 31.70 -24.46 8.26
N ILE A 12 30.60 -24.06 8.88
CA ILE A 12 30.48 -22.73 9.45
C ILE A 12 31.38 -22.55 10.66
N ARG A 13 31.50 -23.59 11.48
CA ARG A 13 32.28 -23.44 12.71
C ARG A 13 33.73 -23.79 12.44
N LEU A 14 34.62 -22.95 12.94
CA LEU A 14 36.04 -23.13 12.72
C LEU A 14 36.52 -24.48 13.26
N PRO A 15 37.65 -24.97 12.76
CA PRO A 15 38.20 -26.19 13.34
C PRO A 15 38.62 -25.95 14.77
N THR A 16 38.92 -27.03 15.48
CA THR A 16 39.38 -26.91 16.84
C THR A 16 40.87 -27.11 16.98
N ALA A 17 41.57 -27.37 15.87
CA ALA A 17 42.96 -27.82 15.88
C ALA A 17 43.95 -26.73 16.24
N VAL A 18 43.62 -25.46 16.01
CA VAL A 18 44.47 -24.33 16.33
C VAL A 18 43.67 -23.36 17.17
N VAL A 19 44.30 -22.82 18.22
CA VAL A 19 43.65 -21.88 19.14
C VAL A 19 44.49 -20.61 19.30
N PRO A 20 43.85 -19.43 19.36
CA PRO A 20 44.62 -18.20 19.50
C PRO A 20 45.02 -17.99 20.96
N LEU A 21 46.23 -17.50 21.15
CA LEU A 21 46.70 -17.17 22.48
C LEU A 21 46.68 -15.66 22.71
N ARG A 22 47.44 -14.91 21.90
CA ARG A 22 47.53 -13.47 22.02
C ARG A 22 47.43 -12.85 20.64
N TYR A 23 46.67 -11.76 20.55
CA TYR A 23 46.65 -10.90 19.39
C TYR A 23 47.38 -9.59 19.70
N GLU A 24 48.08 -9.07 18.71
CA GLU A 24 48.54 -7.70 18.66
C GLU A 24 47.97 -7.09 17.40
N LEU A 25 47.05 -6.14 17.56
CA LEU A 25 46.38 -5.49 16.45
C LEU A 25 46.87 -4.06 16.28
N SER A 26 47.38 -3.72 15.10
CA SER A 26 47.77 -2.35 14.77
C SER A 26 46.87 -1.79 13.69
N LEU A 27 46.11 -0.75 14.02
CA LEU A 27 45.24 -0.13 13.05
C LEU A 27 45.67 1.31 12.83
N HIS A 28 45.57 1.75 11.58
CA HIS A 28 45.83 3.13 11.22
C HIS A 28 44.62 3.57 10.39
N PRO A 29 43.57 4.05 11.05
CA PRO A 29 42.35 4.44 10.33
C PRO A 29 42.42 5.87 9.86
N ASN A 30 41.71 6.13 8.77
CA ASN A 30 41.55 7.48 8.23
C ASN A 30 40.07 7.83 8.13
N LEU A 31 39.65 8.77 8.98
CA LEU A 31 38.24 9.11 9.06
C LEU A 31 37.79 9.94 7.87
N THR A 32 38.69 10.64 7.20
CA THR A 32 38.29 11.46 6.07
C THR A 32 38.23 10.67 4.76
N SER A 33 39.08 9.66 4.58
CA SER A 33 38.94 8.73 3.46
C SER A 33 38.12 7.49 3.82
N MET A 34 37.86 7.24 5.11
CA MET A 34 37.00 6.13 5.54
C MET A 34 37.63 4.79 5.19
N THR A 35 38.94 4.72 5.34
CA THR A 35 39.67 3.50 5.10
C THR A 35 40.63 3.33 6.26
N PHE A 36 41.25 2.16 6.34
CA PHE A 36 42.23 1.92 7.38
C PHE A 36 43.17 0.83 6.95
N ARG A 37 44.41 0.93 7.46
CA ARG A 37 45.46 -0.05 7.27
C ARG A 37 45.65 -0.80 8.57
N GLY A 38 45.94 -2.09 8.46
CA GLY A 38 45.98 -2.95 9.61
C GLY A 38 47.08 -3.99 9.51
N SER A 39 47.53 -4.41 10.67
CA SER A 39 48.50 -5.49 10.78
C SER A 39 48.24 -6.16 12.11
N VAL A 40 47.64 -7.34 12.05
CA VAL A 40 47.43 -8.15 13.24
C VAL A 40 48.49 -9.24 13.28
N THR A 41 48.87 -9.63 14.50
CA THR A 41 49.84 -10.71 14.72
C THR A 41 49.27 -11.63 15.77
N ILE A 42 49.06 -12.89 15.40
CA ILE A 42 48.39 -13.86 16.26
C ILE A 42 49.40 -14.91 16.69
N SER A 43 49.50 -15.14 17.99
CA SER A 43 50.16 -16.35 18.50
C SER A 43 49.10 -17.44 18.65
N VAL A 44 49.37 -18.59 18.06
CA VAL A 44 48.43 -19.71 18.04
C VAL A 44 49.19 -20.96 18.46
N GLN A 45 48.48 -21.89 19.05
CA GLN A 45 49.05 -23.20 19.35
C GLN A 45 48.30 -24.25 18.56
N ALA A 46 49.04 -25.18 17.94
CA ALA A 46 48.41 -26.24 17.18
C ALA A 46 48.23 -27.44 18.10
N LEU A 47 46.99 -27.92 18.20
CA LEU A 47 46.67 -29.10 19.01
C LEU A 47 46.59 -30.37 18.20
N GLN A 48 46.40 -30.25 16.88
CA GLN A 48 46.48 -31.37 15.95
C GLN A 48 47.34 -30.92 14.79
N VAL A 49 48.12 -31.85 14.25
CA VAL A 49 48.89 -31.66 13.03
C VAL A 49 47.98 -31.15 11.93
N THR A 50 48.23 -29.92 11.43
CA THR A 50 47.46 -29.40 10.31
C THR A 50 48.36 -28.65 9.35
N TRP A 51 47.94 -28.62 8.10
CA TRP A 51 48.63 -27.82 7.11
C TRP A 51 48.03 -26.44 6.93
N ASN A 52 46.78 -26.22 7.39
CA ASN A 52 46.08 -24.96 7.24
C ASN A 52 45.64 -24.39 8.58
N ILE A 53 45.43 -23.08 8.59
CA ILE A 53 44.73 -22.37 9.64
C ILE A 53 43.49 -21.79 9.00
N ILE A 54 42.32 -22.14 9.53
CA ILE A 54 41.06 -21.57 9.08
C ILE A 54 40.69 -20.51 10.10
N LEU A 55 40.29 -19.36 9.61
CA LEU A 55 40.27 -18.11 10.34
C LEU A 55 39.09 -17.33 9.80
N HIS A 56 38.77 -16.21 10.43
CA HIS A 56 37.65 -15.38 9.97
C HIS A 56 38.16 -14.05 9.44
N SER A 57 37.56 -13.61 8.33
CA SER A 57 37.96 -12.36 7.69
C SER A 57 37.00 -11.97 6.57
N THR A 58 36.50 -10.74 6.61
CA THR A 58 35.69 -10.24 5.51
C THR A 58 36.08 -8.81 5.19
N GLY A 59 36.09 -8.46 3.91
CA GLY A 59 36.44 -7.11 3.48
C GLY A 59 37.90 -6.71 3.64
N HIS A 60 38.82 -7.65 3.61
CA HIS A 60 40.21 -7.33 3.86
C HIS A 60 41.02 -7.59 2.60
N ASN A 61 41.74 -6.56 2.18
CA ASN A 61 42.66 -6.64 1.06
C ASN A 61 44.03 -6.95 1.66
N ILE A 62 44.37 -8.23 1.66
CA ILE A 62 45.50 -8.74 2.42
C ILE A 62 46.74 -8.66 1.57
N SER A 63 47.68 -7.78 1.94
CA SER A 63 48.91 -7.63 1.18
C SER A 63 49.96 -8.68 1.54
N ARG A 64 50.00 -9.16 2.77
CA ARG A 64 51.08 -10.06 3.15
C ARG A 64 50.69 -10.94 4.34
N VAL A 65 51.16 -12.20 4.32
CA VAL A 65 51.00 -13.12 5.43
C VAL A 65 52.33 -13.82 5.67
N THR A 66 52.74 -13.90 6.93
CA THR A 66 54.07 -14.40 7.27
C THR A 66 54.00 -15.21 8.56
N PHE A 67 54.60 -16.38 8.55
CA PHE A 67 54.81 -17.16 9.75
C PHE A 67 56.11 -16.69 10.40
N MET A 68 56.01 -15.86 11.44
CA MET A 68 57.18 -15.29 12.11
C MET A 68 57.82 -16.26 13.11
N SER A 69 59.12 -16.09 13.34
CA SER A 69 59.87 -16.93 14.29
C SER A 69 60.22 -16.18 15.58
N SER A 73 63.82 -14.93 14.34
CA SER A 73 64.93 -15.16 13.40
C SER A 73 64.49 -15.07 11.90
N GLN A 74 63.92 -16.14 11.35
CA GLN A 74 63.61 -16.24 9.92
C GLN A 74 62.10 -16.21 9.68
N GLU A 75 61.66 -15.32 8.80
CA GLU A 75 60.26 -15.14 8.46
C GLU A 75 59.89 -15.94 7.21
N LYS A 76 58.83 -16.74 7.28
CA LYS A 76 58.36 -17.54 6.15
C LYS A 76 57.07 -16.95 5.59
N GLN A 77 57.04 -16.70 4.28
CA GLN A 77 55.83 -16.22 3.63
C GLN A 77 54.82 -17.35 3.50
N ALA A 78 53.56 -17.04 3.64
CA ALA A 78 52.53 -18.05 3.53
C ALA A 78 51.51 -17.63 2.48
N GLU A 79 50.77 -18.60 1.95
CA GLU A 79 49.74 -18.37 0.93
C GLU A 79 48.35 -18.41 1.58
N ILE A 80 47.47 -17.53 1.10
CA ILE A 80 46.18 -17.31 1.72
C ILE A 80 45.06 -17.52 0.69
N LEU A 81 44.02 -18.25 1.10
CA LEU A 81 42.83 -18.55 0.32
C LEU A 81 41.60 -17.96 1.01
N GLU A 82 40.59 -17.56 0.23
CA GLU A 82 39.39 -16.93 0.76
C GLU A 82 38.11 -17.69 0.40
N TYR A 83 37.14 -17.65 1.33
CA TYR A 83 35.80 -18.22 1.15
C TYR A 83 34.84 -17.21 1.75
N ALA A 84 34.32 -16.32 0.91
CA ALA A 84 33.59 -15.18 1.46
C ALA A 84 32.18 -15.57 1.93
N TYR A 85 31.61 -16.63 1.36
CA TYR A 85 30.27 -17.06 1.77
C TYR A 85 30.22 -17.38 3.26
N HIS A 86 31.27 -17.99 3.79
CA HIS A 86 31.36 -18.35 5.19
C HIS A 86 32.17 -17.34 6.00
N GLY A 87 32.62 -16.26 5.38
CA GLY A 87 33.46 -15.29 6.06
C GLY A 87 34.83 -15.81 6.48
N GLN A 88 35.32 -16.86 5.83
CA GLN A 88 36.54 -17.53 6.28
C GLN A 88 37.69 -17.34 5.29
N ILE A 89 38.92 -17.37 5.83
CA ILE A 89 40.15 -17.43 5.05
C ILE A 89 41.01 -18.57 5.53
N ALA A 90 41.85 -19.07 4.63
CA ALA A 90 42.70 -20.23 4.92
C ALA A 90 44.16 -19.90 4.66
N ILE A 91 44.97 -19.94 5.71
CA ILE A 91 46.41 -19.86 5.58
C ILE A 91 46.96 -21.25 5.28
N VAL A 92 47.72 -21.36 4.20
CA VAL A 92 48.44 -22.60 3.88
C VAL A 92 49.85 -22.50 4.44
N ALA A 93 50.20 -23.41 5.31
CA ALA A 93 51.49 -23.38 5.95
C ALA A 93 52.56 -23.95 5.03
N PRO A 94 53.74 -23.36 5.02
CA PRO A 94 54.85 -23.96 4.24
C PRO A 94 55.31 -25.31 4.79
N GLU A 95 55.45 -25.42 6.11
CA GLU A 95 55.63 -26.69 6.79
C GLU A 95 54.47 -26.90 7.76
N ALA A 96 54.07 -28.16 7.92
CA ALA A 96 52.89 -28.49 8.70
C ALA A 96 52.99 -27.97 10.13
N LEU A 97 51.87 -27.43 10.62
CA LEU A 97 51.80 -27.07 12.03
C LEU A 97 51.75 -28.36 12.84
N LEU A 98 52.69 -28.52 13.76
CA LEU A 98 52.75 -29.73 14.58
C LEU A 98 51.98 -29.59 15.87
N ALA A 99 51.51 -30.72 16.39
CA ALA A 99 50.75 -30.70 17.64
C ALA A 99 51.68 -30.42 18.82
N GLY A 100 51.21 -29.61 19.76
CA GLY A 100 51.99 -29.23 20.92
C GLY A 100 52.96 -28.10 20.66
N HIS A 101 52.97 -27.57 19.46
CA HIS A 101 53.83 -26.47 19.07
C HIS A 101 53.00 -25.21 18.95
N ASN A 102 53.62 -24.07 19.17
CA ASN A 102 52.91 -22.87 18.85
C ASN A 102 53.69 -21.99 17.91
N TYR A 103 52.93 -21.22 17.13
CA TYR A 103 53.41 -20.50 15.98
C TYR A 103 52.88 -19.08 16.10
N THR A 104 53.51 -18.16 15.39
CA THR A 104 53.11 -16.77 15.39
C THR A 104 52.83 -16.36 13.95
N LEU A 105 51.62 -15.89 13.70
CA LEU A 105 51.16 -15.51 12.38
C LEU A 105 50.94 -13.99 12.30
N LYS A 106 51.20 -13.41 11.12
CA LYS A 106 51.13 -11.97 10.90
C LYS A 106 50.53 -11.69 9.53
N ILE A 107 49.47 -10.87 9.50
CA ILE A 107 48.71 -10.57 8.30
C ILE A 107 48.63 -9.05 8.15
N GLU A 108 49.22 -8.53 7.09
CA GLU A 108 49.11 -7.10 6.80
C GLU A 108 48.03 -6.88 5.76
N TYR A 109 47.15 -5.91 6.00
CA TYR A 109 45.91 -5.81 5.23
C TYR A 109 45.37 -4.39 5.31
N SER A 110 44.42 -4.09 4.43
CA SER A 110 43.78 -2.80 4.40
C SER A 110 42.30 -3.04 4.14
N ALA A 111 41.51 -2.03 4.45
CA ALA A 111 40.08 -2.26 4.54
C ALA A 111 39.37 -0.93 4.52
N ASN A 112 38.07 -0.99 4.25
CA ASN A 112 37.24 0.19 4.39
C ASN A 112 36.63 0.24 5.78
N ILE A 113 36.44 1.45 6.27
CA ILE A 113 35.63 1.63 7.47
C ILE A 113 34.17 1.50 7.07
N SER A 114 33.36 0.94 7.95
CA SER A 114 32.00 0.60 7.60
C SER A 114 31.11 1.83 7.53
N SER A 115 30.17 1.82 6.61
CA SER A 115 29.10 2.81 6.58
C SER A 115 27.83 2.29 7.24
N SER A 116 27.81 1.01 7.62
CA SER A 116 26.77 0.42 8.44
C SER A 116 27.03 0.72 9.91
N TYR A 117 26.16 0.22 10.77
CA TYR A 117 26.38 0.37 12.20
C TYR A 117 27.17 -0.80 12.78
N TYR A 118 27.69 -1.67 11.92
CA TYR A 118 28.28 -2.95 12.29
C TYR A 118 29.78 -2.89 12.03
N GLY A 119 30.57 -3.47 12.94
CA GLY A 119 32.00 -3.48 12.75
C GLY A 119 32.63 -2.13 13.06
N PHE A 120 33.83 -1.93 12.52
CA PHE A 120 34.60 -0.69 12.69
C PHE A 120 34.01 0.33 11.73
N TYR A 121 33.16 1.22 12.23
CA TYR A 121 32.37 2.08 11.37
C TYR A 121 32.63 3.54 11.70
N GLY A 122 32.43 4.39 10.72
CA GLY A 122 32.77 5.80 10.85
C GLY A 122 31.62 6.68 10.45
N PHE A 123 31.53 7.83 11.12
CA PHE A 123 30.44 8.73 10.81
C PHE A 123 30.89 10.16 11.05
N SER A 124 29.98 11.07 10.72
CA SER A 124 30.24 12.50 10.60
C SER A 124 29.11 13.24 11.32
N TYR A 125 29.44 14.22 12.17
CA TYR A 125 28.39 15.02 12.83
C TYR A 125 28.76 16.50 12.79
N THR A 126 27.79 17.36 13.14
CA THR A 126 27.98 18.80 13.14
C THR A 126 27.97 19.36 14.55
N ASP A 127 28.99 20.16 14.87
CA ASP A 127 29.13 20.77 16.18
C ASP A 127 28.04 21.81 16.43
N GLU A 128 28.10 22.39 17.63
CA GLU A 128 27.33 23.59 17.92
C GLU A 128 27.96 24.81 17.27
N SER A 129 29.30 24.86 17.19
CA SER A 129 30.01 25.87 16.41
C SER A 129 29.94 25.62 14.91
N ASN A 130 29.04 24.74 14.48
CA ASN A 130 28.78 24.48 13.06
C ASN A 130 30.03 24.01 12.34
N GLU A 131 30.82 23.16 12.99
CA GLU A 131 31.94 22.48 12.34
C GLU A 131 31.59 21.01 12.13
N LYS A 132 32.03 20.45 11.00
CA LYS A 132 31.88 19.01 10.78
C LYS A 132 32.97 18.27 11.54
N LYS A 133 32.56 17.16 12.16
CA LYS A 133 33.43 16.36 13.00
C LYS A 133 33.34 14.89 12.59
N TYR A 134 34.42 14.15 12.87
CA TYR A 134 34.55 12.75 12.45
C TYR A 134 34.69 11.85 13.68
N PHE A 135 34.04 10.70 13.63
CA PHE A 135 33.97 9.79 14.75
C PHE A 135 34.02 8.36 14.23
N ALA A 136 34.80 7.51 14.89
CA ALA A 136 34.88 6.08 14.58
C ALA A 136 34.73 5.25 15.84
N ALA A 137 33.99 4.14 15.72
CA ALA A 137 33.63 3.28 16.85
C ALA A 137 33.43 1.85 16.36
N THR A 138 33.46 0.90 17.30
CA THR A 138 33.25 -0.51 17.00
C THR A 138 31.93 -1.03 17.56
N GLN A 139 31.34 -1.97 16.83
CA GLN A 139 30.21 -2.75 17.31
C GLN A 139 30.41 -4.14 16.71
N PHE A 140 30.95 -5.07 17.50
CA PHE A 140 31.33 -6.39 17.02
C PHE A 140 30.29 -7.46 17.32
N GLU A 141 29.62 -7.38 18.45
CA GLU A 141 28.66 -8.42 18.83
C GLU A 141 27.47 -8.42 17.89
N PRO A 142 27.08 -9.57 17.35
CA PRO A 142 27.72 -10.88 17.50
C PRO A 142 28.96 -11.17 16.59
N LEU A 143 29.02 -10.73 15.33
CA LEU A 143 29.91 -11.38 14.39
C LEU A 143 30.71 -10.43 13.51
N ALA A 144 31.00 -9.20 13.96
CA ALA A 144 31.64 -8.26 13.06
C ALA A 144 33.13 -8.09 13.31
N ALA A 145 33.66 -8.60 14.44
CA ALA A 145 35.10 -8.49 14.69
C ALA A 145 35.91 -8.90 13.47
N ARG A 146 35.48 -9.96 12.78
CA ARG A 146 36.19 -10.45 11.60
C ARG A 146 36.26 -9.43 10.49
N SER A 147 35.32 -8.47 10.43
CA SER A 147 35.38 -7.42 9.43
C SER A 147 36.41 -6.35 9.78
N ALA A 148 36.83 -6.31 11.04
CA ALA A 148 37.81 -5.35 11.48
C ALA A 148 39.22 -5.92 11.40
N PHE A 149 39.40 -7.16 11.85
CA PHE A 149 40.69 -7.83 11.77
C PHE A 149 40.48 -9.33 11.62
N PRO A 150 41.41 -10.05 10.97
CA PRO A 150 41.31 -11.51 10.92
C PRO A 150 41.47 -12.11 12.32
N CYS A 151 40.58 -13.06 12.65
CA CYS A 151 40.59 -13.66 13.99
C CYS A 151 39.70 -14.94 13.98
N PHE A 152 39.77 -15.67 15.07
CA PHE A 152 38.91 -16.83 15.25
C PHE A 152 37.61 -16.31 15.87
N ASP A 153 36.65 -15.96 15.03
CA ASP A 153 35.58 -15.08 15.49
C ASP A 153 34.42 -15.86 16.10
N GLU A 154 34.74 -16.74 17.04
CA GLU A 154 33.74 -17.46 17.82
C GLU A 154 34.02 -17.26 19.30
N PRO A 155 32.98 -17.09 20.12
CA PRO A 155 33.21 -16.58 21.49
C PRO A 155 34.04 -17.51 22.35
N ALA A 156 34.01 -18.81 22.08
CA ALA A 156 34.77 -19.76 22.90
C ALA A 156 36.28 -19.60 22.71
N PHE A 157 36.72 -18.96 21.63
CA PHE A 157 38.13 -18.75 21.38
C PHE A 157 38.57 -17.49 22.13
N LYS A 158 38.76 -17.65 23.42
CA LYS A 158 39.18 -16.51 24.24
C LYS A 158 40.70 -16.33 24.16
N ALA A 159 41.13 -15.07 24.07
CA ALA A 159 42.53 -14.74 23.96
C ALA A 159 42.80 -13.40 24.63
N THR A 160 44.05 -12.96 24.61
CA THR A 160 44.41 -11.64 25.10
C THR A 160 44.79 -10.72 23.95
N PHE A 161 44.50 -9.43 24.10
CA PHE A 161 44.68 -8.48 23.01
C PHE A 161 45.51 -7.30 23.45
N ILE A 162 46.58 -7.02 22.69
CA ILE A 162 47.26 -5.73 22.70
C ILE A 162 46.77 -4.94 21.50
N ILE A 163 46.36 -3.70 21.75
CA ILE A 163 45.77 -2.86 20.70
C ILE A 163 46.58 -1.58 20.54
N LYS A 164 46.79 -1.19 19.29
CA LYS A 164 47.56 -0.04 18.89
C LYS A 164 46.75 0.76 17.89
N ILE A 165 46.68 2.09 18.09
CA ILE A 165 45.96 2.99 17.19
C ILE A 165 46.86 4.18 16.84
N ILE A 166 46.95 4.48 15.55
CA ILE A 166 47.52 5.74 15.07
C ILE A 166 46.36 6.69 14.79
N ARG A 167 46.29 7.77 15.55
CA ARG A 167 45.25 8.77 15.43
C ARG A 167 45.84 10.12 15.06
N ASP A 168 44.96 11.04 14.65
CA ASP A 168 45.33 12.44 14.59
C ASP A 168 45.24 13.03 16.00
N GLU A 169 46.14 13.98 16.29
CA GLU A 169 46.34 14.44 17.67
C GLU A 169 45.07 15.06 18.26
N GLN A 170 44.19 15.62 17.43
CA GLN A 170 42.98 16.21 17.99
C GLN A 170 42.02 15.16 18.54
N TYR A 171 42.14 13.91 18.11
CA TYR A 171 41.22 12.85 18.49
C TYR A 171 41.77 12.03 19.66
N THR A 172 40.85 11.59 20.52
CA THR A 172 41.11 10.66 21.62
C THR A 172 40.87 9.22 21.15
N ALA A 173 41.75 8.32 21.56
CA ALA A 173 41.53 6.90 21.28
C ALA A 173 41.35 6.17 22.58
N LEU A 174 40.21 5.52 22.72
CA LEU A 174 39.95 4.63 23.83
C LEU A 174 39.93 3.21 23.33
N SER A 175 40.18 2.27 24.25
CA SER A 175 40.00 0.84 24.02
C SER A 175 39.65 0.19 25.36
N ASN A 176 39.59 -1.15 25.37
CA ASN A 176 39.14 -1.90 26.54
C ASN A 176 40.03 -1.64 27.75
N MET A 177 41.31 -1.77 27.55
CA MET A 177 42.34 -1.66 28.57
C MET A 177 42.85 -0.23 28.68
N PRO A 178 43.47 0.13 29.81
CA PRO A 178 44.08 1.45 29.93
C PRO A 178 45.14 1.65 28.85
N LYS A 179 45.56 2.89 28.69
CA LYS A 179 46.61 3.23 27.75
C LYS A 179 47.97 3.11 28.43
N LYS A 180 48.94 2.57 27.68
CA LYS A 180 50.30 2.43 28.17
C LYS A 180 51.23 3.49 27.60
N SER A 181 51.23 3.71 26.29
CA SER A 181 52.21 4.60 25.69
C SER A 181 51.57 5.42 24.60
N SER A 182 52.17 6.58 24.35
CA SER A 182 51.74 7.49 23.30
C SER A 182 53.00 8.10 22.71
N VAL A 183 53.31 7.80 21.44
CA VAL A 183 54.50 8.32 20.78
C VAL A 183 54.05 9.23 19.65
N VAL A 184 54.61 10.44 19.59
CA VAL A 184 54.23 11.38 18.55
C VAL A 184 55.06 11.14 17.31
N LEU A 185 54.38 11.01 16.19
CA LEU A 185 54.96 10.67 14.91
C LEU A 185 54.90 11.88 14.01
N ASP A 186 55.39 11.68 12.81
CA ASP A 186 55.40 12.72 11.81
C ASP A 186 53.99 12.93 11.23
N ASP A 187 53.74 14.17 10.81
CA ASP A 187 52.52 14.56 10.10
C ASP A 187 51.31 14.59 11.02
N GLY A 188 51.50 15.10 12.23
CA GLY A 188 50.38 15.32 13.14
C GLY A 188 49.72 14.04 13.61
N LEU A 189 50.49 12.98 13.80
CA LEU A 189 49.98 11.68 14.16
C LEU A 189 50.62 11.22 15.46
N VAL A 190 49.80 10.61 16.31
CA VAL A 190 50.25 9.91 17.52
C VAL A 190 49.92 8.43 17.35
N GLN A 191 50.74 7.58 17.96
CA GLN A 191 50.39 6.16 18.06
C GLN A 191 50.15 5.82 19.52
N ASP A 192 48.89 5.52 19.84
CA ASP A 192 48.49 5.07 21.17
C ASP A 192 48.63 3.56 21.28
N GLU A 193 49.26 3.11 22.35
CA GLU A 193 49.31 1.69 22.66
C GLU A 193 48.54 1.44 23.94
N PHE A 194 47.80 0.35 23.97
CA PHE A 194 47.00 0.00 25.12
C PHE A 194 47.58 -1.26 25.78
N SER A 195 47.38 -1.39 27.08
CA SER A 195 47.90 -2.56 27.78
C SER A 195 47.20 -3.83 27.30
N GLU A 196 47.89 -4.96 27.43
CA GLU A 196 47.30 -6.22 27.05
C GLU A 196 46.11 -6.53 27.95
N SER A 197 45.09 -7.15 27.36
CA SER A 197 43.80 -7.33 28.01
C SER A 197 43.78 -8.61 28.85
N VAL A 198 42.64 -8.84 29.50
CA VAL A 198 42.39 -10.12 30.15
C VAL A 198 41.91 -11.08 29.07
N LYS A 199 41.76 -12.35 29.43
CA LYS A 199 41.23 -13.36 28.53
C LYS A 199 39.76 -13.03 28.19
N MET A 200 39.49 -12.78 26.91
CA MET A 200 38.18 -12.32 26.49
C MET A 200 37.89 -12.84 25.09
N SER A 201 36.62 -12.82 24.72
CA SER A 201 36.18 -13.19 23.40
C SER A 201 36.40 -12.05 22.41
N THR A 202 36.49 -12.41 21.13
CA THR A 202 36.82 -11.37 20.17
C THR A 202 35.66 -10.38 19.97
N TYR A 203 34.42 -10.73 20.34
CA TYR A 203 33.30 -9.80 20.14
C TYR A 203 33.28 -8.66 21.15
N LEU A 204 34.09 -8.72 22.19
CA LEU A 204 34.14 -7.68 23.20
C LEU A 204 35.21 -6.63 22.93
N VAL A 205 36.20 -6.96 22.10
CA VAL A 205 37.22 -5.98 21.76
C VAL A 205 36.58 -4.72 21.23
N ALA A 206 37.09 -3.58 21.66
CA ALA A 206 36.49 -2.32 21.27
C ALA A 206 37.58 -1.26 21.18
N PHE A 207 37.39 -0.33 20.26
CA PHE A 207 38.19 0.89 20.20
C PHE A 207 37.37 2.04 19.60
N ILE A 208 37.62 3.24 20.09
CA ILE A 208 36.90 4.44 19.69
C ILE A 208 37.91 5.50 19.29
N VAL A 209 37.55 6.30 18.29
CA VAL A 209 38.34 7.45 17.90
C VAL A 209 37.38 8.60 17.66
N GLY A 210 37.54 9.68 18.41
CA GLY A 210 36.74 10.88 18.24
C GLY A 210 37.19 11.92 19.24
N GLU A 211 36.79 13.17 18.98
CA GLU A 211 37.00 14.24 19.96
C GLU A 211 35.96 14.11 21.07
N MET A 212 36.43 13.87 22.30
CA MET A 212 35.56 13.64 23.45
C MET A 212 36.20 14.17 24.72
N LYS A 213 35.37 14.74 25.59
CA LYS A 213 35.78 15.11 26.94
C LYS A 213 35.30 14.02 27.92
N ASN A 214 35.65 14.21 29.19
CA ASN A 214 35.41 13.15 30.17
C ASN A 214 35.20 13.72 31.56
N LEU A 215 34.47 12.96 32.35
CA LEU A 215 34.26 13.23 33.77
C LEU A 215 34.53 11.95 34.52
N SER A 216 35.49 11.99 35.41
CA SER A 216 36.03 10.77 36.00
C SER A 216 35.99 10.82 37.53
N GLN A 217 35.97 9.65 38.13
CA GLN A 217 35.99 9.50 39.57
C GLN A 217 36.71 8.21 39.91
N ASP A 218 37.69 8.29 40.82
CA ASP A 218 38.29 7.06 41.33
C ASP A 218 37.30 6.36 42.26
N VAL A 219 37.10 5.07 42.01
CA VAL A 219 36.26 4.21 42.84
C VAL A 219 37.16 3.06 43.28
N ASN A 220 37.76 3.18 44.47
CA ASN A 220 38.54 2.12 45.11
C ASN A 220 39.63 1.56 44.18
N GLY A 221 40.29 2.46 43.46
CA GLY A 221 41.43 2.10 42.63
C GLY A 221 41.11 1.88 41.17
N THR A 222 39.82 1.88 40.81
CA THR A 222 39.37 1.78 39.43
C THR A 222 38.83 3.15 39.00
N LEU A 223 39.43 3.72 37.96
CA LEU A 223 39.00 5.00 37.43
C LEU A 223 37.73 4.79 36.59
N VAL A 224 36.64 5.40 37.02
CA VAL A 224 35.35 5.34 36.34
C VAL A 224 35.16 6.66 35.60
N SER A 225 34.99 6.61 34.30
CA SER A 225 34.90 7.81 33.49
C SER A 225 33.66 7.76 32.60
N ILE A 226 33.09 8.93 32.35
CA ILE A 226 32.04 9.11 31.37
C ILE A 226 32.59 10.00 30.27
N TYR A 227 32.56 9.52 29.03
CA TYR A 227 33.00 10.28 27.87
C TYR A 227 31.81 10.73 27.05
N ALA A 228 31.95 11.89 26.43
CA ALA A 228 30.93 12.40 25.52
C ALA A 228 31.58 13.46 24.66
N VAL A 229 30.89 13.84 23.58
CA VAL A 229 31.47 14.91 22.77
C VAL A 229 31.53 16.16 23.62
N PRO A 230 32.46 17.07 23.34
CA PRO A 230 32.60 18.25 24.21
C PRO A 230 31.30 19.00 24.47
N GLU A 231 30.43 19.14 23.47
CA GLU A 231 29.24 19.96 23.65
C GLU A 231 28.23 19.35 24.63
N LYS A 232 28.29 18.04 24.89
CA LYS A 232 27.29 17.41 25.75
C LYS A 232 27.84 17.04 27.12
N ILE A 233 29.07 17.44 27.45
CA ILE A 233 29.73 16.93 28.64
C ILE A 233 29.01 17.35 29.91
N GLY A 234 28.24 18.44 29.87
CA GLY A 234 27.51 18.83 31.06
C GLY A 234 26.41 17.91 31.45
N GLN A 235 26.17 16.83 30.70
CA GLN A 235 25.02 15.97 30.94
C GLN A 235 25.42 14.58 31.44
N VAL A 236 26.65 14.41 31.94
CA VAL A 236 27.11 13.08 32.33
C VAL A 236 27.10 12.87 33.84
N HIS A 237 26.63 13.84 34.63
CA HIS A 237 26.74 13.70 36.08
C HIS A 237 25.91 12.54 36.60
N TYR A 238 24.64 12.45 36.17
CA TYR A 238 23.76 11.40 36.67
C TYR A 238 24.34 10.03 36.36
N ALA A 239 24.79 9.85 35.12
CA ALA A 239 25.44 8.61 34.71
C ALA A 239 26.60 8.26 35.63
N LEU A 240 27.42 9.25 35.96
CA LEU A 240 28.57 8.95 36.81
C LEU A 240 28.11 8.50 38.18
N GLU A 241 27.15 9.22 38.77
CA GLU A 241 26.62 8.85 40.08
C GLU A 241 26.02 7.45 40.05
N THR A 242 25.27 7.14 39.00
CA THR A 242 24.56 5.87 38.97
C THR A 242 25.54 4.72 38.79
N THR A 243 26.54 4.89 37.91
CA THR A 243 27.54 3.85 37.70
C THR A 243 28.32 3.54 38.97
N VAL A 244 28.67 4.56 39.75
CA VAL A 244 29.31 4.29 41.04
C VAL A 244 28.41 3.44 41.94
N LYS A 245 27.14 3.83 42.08
CA LYS A 245 26.25 3.08 42.96
C LYS A 245 26.11 1.62 42.53
N LEU A 246 25.85 1.40 41.23
CA LEU A 246 25.63 0.03 40.78
C LEU A 246 26.90 -0.80 40.84
N LEU A 247 28.07 -0.16 40.62
CA LEU A 247 29.32 -0.90 40.60
C LEU A 247 29.66 -1.43 41.99
N GLU A 248 29.45 -0.61 43.01
CA GLU A 248 29.72 -1.11 44.33
C GLU A 248 28.64 -2.08 44.80
N PHE A 249 27.42 -1.98 44.26
CA PHE A 249 26.41 -2.98 44.59
C PHE A 249 26.72 -4.33 43.94
N PHE A 250 27.17 -4.30 42.69
CA PHE A 250 27.47 -5.55 41.98
C PHE A 250 28.72 -6.24 42.56
N GLN A 251 29.79 -5.48 42.85
CA GLN A 251 30.98 -6.10 43.43
C GLN A 251 30.69 -6.71 44.79
N ASN A 252 29.70 -6.19 45.49
CA ASN A 252 29.33 -6.75 46.78
C ASN A 252 28.47 -8.01 46.61
N TYR A 253 27.43 -7.95 45.77
CA TYR A 253 26.55 -9.10 45.59
C TYR A 253 27.25 -10.27 44.89
N PHE A 254 28.14 -9.97 43.93
CA PHE A 254 28.83 -11.04 43.21
C PHE A 254 30.08 -11.51 43.93
N GLU A 255 30.64 -10.69 44.81
CA GLU A 255 31.82 -11.08 45.58
C GLU A 255 33.01 -11.34 44.67
N ILE A 256 33.05 -10.66 43.52
CA ILE A 256 34.17 -10.67 42.61
C ILE A 256 34.40 -9.23 42.17
N GLN A 257 35.58 -8.71 42.43
CA GLN A 257 35.88 -7.33 42.05
C GLN A 257 35.95 -7.17 40.53
N TYR A 258 35.52 -6.02 40.05
CA TYR A 258 35.73 -5.66 38.66
C TYR A 258 37.23 -5.55 38.41
N PRO A 259 37.79 -6.26 37.43
CA PRO A 259 39.23 -6.51 37.44
C PRO A 259 40.10 -5.53 36.68
N LEU A 260 39.54 -4.59 35.92
CA LEU A 260 40.37 -3.70 35.12
C LEU A 260 40.58 -2.38 35.83
N LYS A 261 41.71 -1.72 35.53
CA LYS A 261 42.08 -0.53 36.28
C LYS A 261 41.18 0.67 35.97
N LYS A 262 40.40 0.62 34.90
CA LYS A 262 39.47 1.68 34.56
C LYS A 262 38.21 1.06 33.98
N LEU A 263 37.18 1.88 33.91
CA LEU A 263 35.91 1.51 33.32
C LEU A 263 35.38 2.77 32.65
N ASP A 264 35.25 2.73 31.34
CA ASP A 264 34.78 3.88 30.58
C ASP A 264 33.38 3.63 30.06
N LEU A 265 32.57 4.68 30.08
CA LEU A 265 31.25 4.70 29.46
C LEU A 265 31.22 5.86 28.49
N VAL A 266 30.83 5.60 27.23
CA VAL A 266 30.98 6.55 26.13
C VAL A 266 29.63 6.79 25.47
N ALA A 267 29.20 8.05 25.42
CA ALA A 267 28.00 8.44 24.70
C ALA A 267 28.37 8.71 23.25
N ILE A 268 28.02 7.77 22.38
CA ILE A 268 28.35 7.85 20.96
C ILE A 268 27.24 8.59 20.22
N PRO A 269 27.59 9.60 19.43
CA PRO A 269 26.58 10.36 18.69
C PRO A 269 25.77 9.56 17.67
N ASP A 270 26.22 8.37 17.28
CA ASP A 270 25.50 7.59 16.25
C ASP A 270 25.72 6.11 16.51
N PHE A 271 24.75 5.48 17.15
CA PHE A 271 24.91 4.12 17.65
C PHE A 271 23.56 3.42 17.54
N GLU A 272 23.53 2.20 16.98
CA GLU A 272 22.24 1.56 16.74
C GLU A 272 21.66 0.91 17.99
N ALA A 273 22.45 0.08 18.67
CA ALA A 273 21.98 -0.52 19.91
C ALA A 273 21.82 0.54 20.99
N GLY A 274 21.16 0.16 22.08
CA GLY A 274 21.04 1.09 23.18
C GLY A 274 22.35 1.22 23.90
N ALA A 275 23.13 0.14 23.90
CA ALA A 275 24.44 0.11 24.53
C ALA A 275 25.10 -1.22 24.20
N MET A 276 26.40 -1.28 24.41
CA MET A 276 27.15 -2.51 24.21
C MET A 276 28.11 -2.71 25.37
N GLU A 277 28.35 -3.98 25.74
CA GLU A 277 28.98 -4.32 27.01
C GLU A 277 30.49 -4.57 26.91
N ASN A 278 31.15 -3.96 25.94
CA ASN A 278 32.58 -4.21 25.76
C ASN A 278 33.35 -3.98 27.06
N TRP A 279 34.08 -5.01 27.49
CA TRP A 279 34.82 -5.00 28.74
C TRP A 279 35.72 -3.76 28.90
N GLY A 280 35.37 -2.86 29.82
CA GLY A 280 36.14 -1.65 30.07
C GLY A 280 35.79 -0.47 29.20
N LEU A 281 35.00 -0.66 28.15
CA LEU A 281 34.70 0.38 27.23
C LEU A 281 33.22 0.24 26.88
N LEU A 282 32.38 0.61 27.82
CA LEU A 282 30.94 0.50 27.62
C LEU A 282 30.50 1.64 26.73
N THR A 283 29.60 1.36 25.82
CA THR A 283 29.29 2.28 24.76
C THR A 283 27.76 2.39 24.61
N PHE A 284 27.27 3.61 24.46
CA PHE A 284 25.85 3.93 24.60
C PHE A 284 25.42 4.92 23.53
N ARG A 285 24.14 4.85 23.17
CA ARG A 285 23.46 5.98 22.57
C ARG A 285 23.51 7.19 23.50
N GLU A 286 23.54 8.39 22.92
CA GLU A 286 23.48 9.61 23.74
C GLU A 286 22.18 9.64 24.55
N GLU A 287 21.06 9.29 23.91
CA GLU A 287 19.76 9.27 24.58
C GLU A 287 19.66 8.24 25.69
N THR A 288 20.57 7.27 25.76
CA THR A 288 20.51 6.27 26.84
C THR A 288 21.58 6.48 27.91
N LEU A 289 22.45 7.48 27.79
CA LEU A 289 23.43 7.76 28.84
C LEU A 289 23.35 9.18 29.39
N LEU A 290 23.11 10.17 28.54
CA LEU A 290 23.08 11.54 28.99
C LEU A 290 21.71 11.86 29.59
N TYR A 291 21.70 12.81 30.53
CA TYR A 291 20.50 13.10 31.31
C TYR A 291 20.53 14.52 31.86
N ASP A 292 19.36 15.15 31.86
CA ASP A 292 19.17 16.48 32.43
C ASP A 292 17.77 16.53 33.02
N SER A 293 17.68 16.81 34.34
CA SER A 293 16.38 16.86 35.00
C SER A 293 15.47 17.94 34.42
N ASN A 294 16.03 18.93 33.73
CA ASN A 294 15.21 20.01 33.19
C ASN A 294 14.50 19.59 31.91
N THR A 295 15.12 18.72 31.13
CA THR A 295 14.59 18.37 29.81
C THR A 295 14.28 16.89 29.64
N SER A 296 14.49 16.06 30.65
CA SER A 296 14.30 14.63 30.51
C SER A 296 13.22 14.17 31.48
N SER A 297 12.29 13.35 30.96
CA SER A 297 11.17 12.80 31.70
C SER A 297 11.65 11.74 32.69
N MET A 298 10.74 11.24 33.53
CA MET A 298 11.11 10.14 34.42
C MET A 298 11.18 8.82 33.67
N ALA A 299 10.53 8.72 32.50
CA ALA A 299 10.84 7.60 31.64
C ALA A 299 12.29 7.64 31.18
N ASP A 300 12.83 8.83 30.98
CA ASP A 300 14.21 8.99 30.51
C ASP A 300 15.19 8.62 31.61
N ARG A 301 15.00 9.18 32.80
CA ARG A 301 15.75 8.77 33.97
C ARG A 301 15.81 7.25 34.08
N LYS A 302 14.65 6.61 34.18
CA LYS A 302 14.63 5.16 34.35
C LYS A 302 15.35 4.47 33.20
N LEU A 303 15.31 5.03 31.99
CA LEU A 303 15.96 4.35 30.87
C LEU A 303 17.48 4.39 31.02
N VAL A 304 18.03 5.56 31.36
CA VAL A 304 19.46 5.68 31.59
C VAL A 304 19.94 4.73 32.70
N THR A 305 19.13 4.57 33.76
CA THR A 305 19.60 3.77 34.89
C THR A 305 19.47 2.28 34.59
N LYS A 306 18.38 1.87 33.94
CA LYS A 306 18.25 0.48 33.46
C LYS A 306 19.43 0.04 32.61
N ILE A 307 19.72 0.79 31.53
CA ILE A 307 20.78 0.43 30.60
C ILE A 307 22.13 0.31 31.32
N ILE A 308 22.44 1.27 32.18
CA ILE A 308 23.67 1.17 32.95
C ILE A 308 23.68 -0.11 33.75
N ALA A 309 22.61 -0.37 34.51
CA ALA A 309 22.53 -1.61 35.27
C ALA A 309 22.76 -2.82 34.37
N HIS A 310 22.11 -2.83 33.21
CA HIS A 310 22.27 -3.97 32.31
C HIS A 310 23.71 -4.11 31.84
N GLU A 311 24.29 -3.00 31.36
CA GLU A 311 25.65 -3.08 30.82
C GLU A 311 26.69 -3.41 31.90
N LEU A 312 26.56 -2.86 33.12
CA LEU A 312 27.51 -3.23 34.15
C LEU A 312 27.41 -4.71 34.51
N ALA A 313 26.19 -5.26 34.55
CA ALA A 313 26.04 -6.66 34.92
C ALA A 313 26.72 -7.57 33.90
N HIS A 314 26.71 -7.16 32.62
CA HIS A 314 27.42 -7.91 31.58
C HIS A 314 28.92 -8.00 31.84
N GLN A 315 29.50 -7.14 32.70
CA GLN A 315 30.93 -7.29 32.95
C GLN A 315 31.22 -8.59 33.67
N TRP A 316 30.25 -9.09 34.43
CA TRP A 316 30.37 -10.44 34.99
C TRP A 316 29.68 -11.47 34.10
N PHE A 317 28.42 -11.24 33.73
CA PHE A 317 27.64 -12.21 32.95
C PHE A 317 27.79 -11.91 31.46
N GLY A 318 28.85 -12.48 30.85
CA GLY A 318 29.11 -12.19 29.46
C GLY A 318 30.58 -11.95 29.19
N ASN A 319 31.22 -11.18 30.04
CA ASN A 319 32.63 -10.87 29.85
C ASN A 319 33.52 -11.78 30.69
N LEU A 320 33.32 -11.77 32.01
CA LEU A 320 34.07 -12.69 32.85
C LEU A 320 33.70 -14.14 32.56
N VAL A 321 32.43 -14.37 32.24
CA VAL A 321 31.87 -15.70 32.02
C VAL A 321 31.01 -15.63 30.76
N THR A 322 31.35 -16.42 29.75
CA THR A 322 30.78 -16.30 28.42
C THR A 322 30.19 -17.64 28.01
N MET A 323 29.11 -17.61 27.24
CA MET A 323 28.54 -18.87 26.75
C MET A 323 29.48 -19.45 25.70
N LYS A 324 29.48 -20.79 25.56
CA LYS A 324 30.38 -21.43 24.60
C LYS A 324 29.98 -21.12 23.17
N TRP A 325 28.70 -20.95 22.92
CA TRP A 325 28.21 -20.74 21.57
C TRP A 325 26.85 -20.07 21.64
N TRP A 326 26.46 -19.46 20.53
CA TRP A 326 25.33 -18.53 20.62
C TRP A 326 24.01 -19.22 20.91
N ASN A 327 23.95 -20.55 20.85
CA ASN A 327 22.70 -21.22 21.23
C ASN A 327 22.31 -20.89 22.68
N ASP A 328 23.30 -20.62 23.55
CA ASP A 328 23.06 -20.26 24.95
C ASP A 328 23.27 -18.77 25.22
N LEU A 329 22.94 -17.92 24.25
CA LEU A 329 23.04 -16.49 24.47
C LEU A 329 22.26 -16.05 25.72
N TRP A 330 21.14 -16.70 26.01
CA TRP A 330 20.32 -16.33 27.17
C TRP A 330 21.08 -16.39 28.49
N LEU A 331 22.18 -17.15 28.57
CA LEU A 331 22.96 -17.15 29.82
C LEU A 331 23.68 -15.83 30.01
N ASN A 332 23.97 -15.11 28.93
CA ASN A 332 24.46 -13.74 29.09
C ASN A 332 23.28 -12.79 29.28
N GLU A 333 22.38 -12.73 28.30
CA GLU A 333 21.35 -11.70 28.29
C GLU A 333 20.27 -11.91 29.34
N GLY A 334 19.90 -13.15 29.63
CA GLY A 334 18.94 -13.37 30.68
C GLY A 334 19.47 -12.98 32.05
N PHE A 335 20.75 -13.29 32.33
CA PHE A 335 21.32 -12.91 33.62
C PHE A 335 21.47 -11.41 33.75
N ALA A 336 21.94 -10.76 32.69
CA ALA A 336 22.11 -9.31 32.71
C ALA A 336 20.78 -8.59 32.91
N THR A 337 19.71 -9.09 32.29
CA THR A 337 18.40 -8.45 32.45
C THR A 337 17.82 -8.71 33.84
N PHE A 338 18.06 -9.89 34.42
CA PHE A 338 17.67 -10.12 35.80
C PHE A 338 18.44 -9.18 36.73
N MET A 339 19.76 -9.10 36.55
CA MET A 339 20.56 -8.27 37.45
C MET A 339 20.22 -6.82 37.28
N GLU A 340 19.83 -6.43 36.08
CA GLU A 340 19.44 -5.04 35.87
C GLU A 340 18.24 -4.68 36.72
N TYR A 341 17.20 -5.53 36.70
CA TYR A 341 15.95 -5.25 37.41
C TYR A 341 16.04 -5.58 38.89
N PHE A 342 16.91 -6.52 39.25
CA PHE A 342 17.16 -6.84 40.65
C PHE A 342 17.90 -5.69 41.34
N SER A 343 19.02 -5.24 40.77
CA SER A 343 19.72 -4.09 41.32
C SER A 343 18.81 -2.87 41.43
N LEU A 344 17.97 -2.65 40.42
CA LEU A 344 17.05 -1.53 40.52
C LEU A 344 16.08 -1.69 41.69
N GLU A 345 15.64 -2.91 42.02
CA GLU A 345 14.71 -2.97 43.14
C GLU A 345 15.40 -2.87 44.49
N LYS A 346 16.71 -3.12 44.55
CA LYS A 346 17.39 -3.00 45.82
C LYS A 346 17.90 -1.61 46.09
N ILE A 347 18.42 -0.91 45.08
CA ILE A 347 19.03 0.40 45.33
C ILE A 347 18.33 1.54 44.60
N PHE A 348 17.25 1.30 43.87
CA PHE A 348 16.46 2.36 43.20
C PHE A 348 14.97 2.00 43.22
N LYS A 349 14.52 1.47 44.36
CA LYS A 349 13.11 1.14 44.57
C LYS A 349 12.18 2.24 44.07
N GLU A 350 12.50 3.50 44.38
CA GLU A 350 11.65 4.64 44.06
C GLU A 350 11.22 4.66 42.61
N LEU A 351 12.06 4.19 41.68
CA LEU A 351 11.76 4.25 40.26
C LEU A 351 10.65 3.30 39.84
N SER A 352 10.26 2.36 40.70
CA SER A 352 9.29 1.35 40.33
C SER A 352 9.61 0.76 38.95
N SER A 353 10.83 0.25 38.81
CA SER A 353 11.18 -0.41 37.57
C SER A 353 10.42 -1.72 37.38
N TYR A 354 9.84 -2.30 38.44
CA TYR A 354 9.08 -3.55 38.25
C TYR A 354 7.94 -3.39 37.25
N GLU A 355 7.39 -2.18 37.10
CA GLU A 355 6.40 -1.94 36.07
C GLU A 355 6.97 -2.19 34.68
N ASP A 356 8.23 -1.83 34.44
CA ASP A 356 8.83 -2.04 33.12
C ASP A 356 9.08 -3.52 32.85
N PHE A 357 9.57 -4.23 33.87
CA PHE A 357 9.89 -5.64 33.73
C PHE A 357 8.63 -6.45 33.53
N LEU A 358 7.55 -6.04 34.18
CA LEU A 358 6.28 -6.76 34.07
C LEU A 358 5.68 -6.58 32.69
N ASP A 359 5.71 -5.35 32.16
CA ASP A 359 5.21 -5.13 30.81
C ASP A 359 6.01 -5.93 29.80
N ALA A 360 7.34 -5.96 29.97
CA ALA A 360 8.17 -6.68 29.00
C ALA A 360 7.89 -8.16 29.03
N ARG A 361 7.64 -8.73 30.21
CA ARG A 361 7.31 -10.14 30.26
C ARG A 361 5.98 -10.44 29.58
N PHE A 362 5.00 -9.52 29.70
CA PHE A 362 3.69 -9.69 29.07
C PHE A 362 3.81 -9.75 27.55
N LYS A 363 4.73 -8.95 27.00
CA LYS A 363 4.91 -8.92 25.55
C LYS A 363 5.74 -10.10 25.07
N THR A 364 6.79 -10.47 25.81
CA THR A 364 7.54 -11.67 25.48
C THR A 364 6.64 -12.90 25.48
N MET A 365 5.69 -12.97 26.41
CA MET A 365 4.81 -14.12 26.48
C MET A 365 3.88 -14.23 25.28
N LYS A 366 3.37 -13.10 24.78
CA LYS A 366 2.54 -13.17 23.57
C LYS A 366 3.32 -13.79 22.42
N LYS A 367 4.55 -13.32 22.18
CA LYS A 367 5.42 -13.93 21.17
C LYS A 367 5.70 -15.39 21.48
N ASP A 368 6.11 -15.70 22.73
CA ASP A 368 6.47 -17.07 23.07
C ASP A 368 5.32 -18.04 22.88
N SER A 369 4.09 -17.54 22.81
CA SER A 369 2.89 -18.33 22.62
C SER A 369 2.65 -18.75 21.18
N LEU A 370 3.45 -18.28 20.24
CA LEU A 370 3.25 -18.57 18.83
C LEU A 370 4.04 -19.79 18.42
N ASN A 371 3.53 -20.50 17.42
CA ASN A 371 4.24 -21.68 16.94
C ASN A 371 5.57 -21.32 16.30
N SER A 372 5.75 -20.09 15.87
CA SER A 372 7.03 -19.61 15.36
C SER A 372 8.05 -19.33 16.46
N SER A 373 7.66 -19.46 17.73
CA SER A 373 8.61 -19.40 18.84
C SER A 373 9.58 -20.58 18.82
N HIS A 374 10.66 -20.42 19.57
CA HIS A 374 11.70 -21.42 19.68
C HIS A 374 12.09 -21.61 21.13
N PRO A 375 12.64 -22.77 21.48
CA PRO A 375 13.24 -22.92 22.81
C PRO A 375 14.27 -21.85 23.04
N ILE A 376 14.34 -21.39 24.28
CA ILE A 376 15.29 -20.33 24.59
C ILE A 376 16.72 -20.78 24.30
N SER A 377 16.99 -22.08 24.38
CA SER A 377 18.24 -22.71 23.97
C SER A 377 18.03 -23.44 22.64
N SER A 378 18.39 -22.82 21.51
CA SER A 378 18.16 -23.39 20.19
C SER A 378 19.46 -23.42 19.39
N SER A 379 19.70 -24.52 18.68
CA SER A 379 20.83 -24.57 17.77
C SER A 379 20.74 -23.46 16.74
N VAL A 380 21.88 -22.85 16.46
CA VAL A 380 22.01 -21.81 15.46
C VAL A 380 23.33 -22.02 14.74
N GLN A 381 23.32 -21.89 13.42
CA GLN A 381 24.60 -21.95 12.71
C GLN A 381 24.77 -20.81 11.71
N SER A 382 23.69 -20.40 11.05
CA SER A 382 23.78 -19.35 10.04
C SER A 382 23.85 -17.97 10.68
N SER A 383 24.52 -17.04 9.99
CA SER A 383 24.69 -15.69 10.52
C SER A 383 23.36 -15.08 10.95
N GLU A 384 22.30 -15.27 10.17
CA GLU A 384 21.04 -14.61 10.50
C GLU A 384 20.39 -15.28 11.71
N GLN A 385 20.55 -16.59 11.82
CA GLN A 385 20.09 -17.32 12.99
C GLN A 385 20.77 -16.84 14.27
N ILE A 386 22.04 -16.45 14.15
CA ILE A 386 22.75 -15.95 15.32
C ILE A 386 22.25 -14.57 15.71
N GLU A 387 22.16 -13.65 14.74
CA GLU A 387 21.62 -12.32 15.02
C GLU A 387 20.21 -12.39 15.61
N GLU A 388 19.39 -13.35 15.12
CA GLU A 388 18.02 -13.46 15.60
C GLU A 388 17.94 -13.98 17.04
N MET A 389 19.03 -14.56 17.55
CA MET A 389 19.09 -14.96 18.95
C MET A 389 18.94 -13.78 19.89
N PHE A 390 19.20 -12.56 19.39
CA PHE A 390 19.01 -11.33 20.15
C PHE A 390 17.56 -10.88 19.95
N ASP A 391 16.69 -11.43 20.80
CA ASP A 391 15.25 -11.25 20.74
C ASP A 391 14.73 -11.17 22.16
N SER A 392 13.41 -11.06 22.29
CA SER A 392 12.89 -10.85 23.63
C SER A 392 12.98 -12.11 24.47
N LEU A 393 13.02 -13.30 23.85
CA LEU A 393 13.07 -14.54 24.63
C LEU A 393 14.40 -14.67 25.39
N SER A 394 15.51 -14.47 24.69
CA SER A 394 16.81 -14.45 25.34
C SER A 394 16.86 -13.51 26.53
N TYR A 395 16.24 -12.33 26.42
CA TYR A 395 16.36 -11.32 27.47
C TYR A 395 15.38 -11.54 28.61
N PHE A 396 14.09 -11.73 28.29
CA PHE A 396 13.02 -11.68 29.27
C PHE A 396 12.39 -13.04 29.57
N LYS A 397 12.53 -14.03 28.70
CA LYS A 397 12.21 -15.36 29.20
C LYS A 397 13.36 -15.91 30.01
N GLY A 398 14.59 -15.46 29.72
CA GLY A 398 15.74 -15.90 30.49
C GLY A 398 15.76 -15.33 31.89
N SER A 399 15.37 -14.07 32.03
CA SER A 399 15.28 -13.48 33.36
C SER A 399 14.06 -13.99 34.10
N SER A 400 13.02 -14.39 33.38
CA SER A 400 11.85 -14.95 34.03
C SER A 400 12.17 -16.33 34.60
N LEU A 401 13.00 -17.08 33.90
CA LEU A 401 13.50 -18.37 34.42
C LEU A 401 14.27 -18.16 35.70
N LEU A 402 15.17 -17.18 35.71
CA LEU A 402 15.90 -16.86 36.92
C LEU A 402 14.96 -16.37 38.01
N LEU A 403 14.00 -15.52 37.66
CA LEU A 403 13.08 -15.03 38.68
C LEU A 403 12.21 -16.15 39.23
N MET A 404 11.88 -17.14 38.42
CA MET A 404 11.11 -18.26 38.96
C MET A 404 11.95 -19.06 39.95
N LEU A 405 13.24 -19.18 39.71
CA LEU A 405 14.13 -19.90 40.60
C LEU A 405 14.41 -19.11 41.87
N LYS A 406 14.58 -17.80 41.75
CA LYS A 406 14.88 -16.96 42.90
C LYS A 406 13.70 -16.85 43.85
N THR A 407 12.47 -16.85 43.34
CA THR A 407 11.34 -16.86 44.27
C THR A 407 11.12 -18.26 44.83
N TYR A 408 11.50 -19.30 44.10
CA TYR A 408 11.33 -20.66 44.57
C TYR A 408 12.34 -20.99 45.66
N LEU A 409 13.64 -21.05 45.29
CA LEU A 409 14.72 -21.11 46.26
C LEU A 409 14.80 -19.81 47.03
N SER A 410 15.67 -19.78 48.03
CA SER A 410 15.86 -18.53 48.74
C SER A 410 16.57 -17.49 47.86
N GLU A 411 16.40 -16.21 48.22
CA GLU A 411 17.34 -15.22 47.72
C GLU A 411 18.77 -15.56 48.16
N ASP A 412 18.91 -16.19 49.34
CA ASP A 412 20.25 -16.53 49.81
C ASP A 412 20.81 -17.73 49.06
N VAL A 413 19.98 -18.73 48.78
CA VAL A 413 20.40 -19.84 47.92
C VAL A 413 20.80 -19.34 46.54
N PHE A 414 20.03 -18.40 45.99
CA PHE A 414 20.29 -17.92 44.64
C PHE A 414 21.65 -17.24 44.57
N GLN A 415 21.96 -16.39 45.56
CA GLN A 415 23.24 -15.69 45.54
C GLN A 415 24.40 -16.67 45.66
N HIS A 416 24.30 -17.58 46.64
CA HIS A 416 25.29 -18.63 46.78
C HIS A 416 25.59 -19.29 45.45
N ALA A 417 24.55 -19.65 44.70
CA ALA A 417 24.76 -20.28 43.40
C ALA A 417 25.41 -19.33 42.40
N VAL A 418 24.96 -18.08 42.38
CA VAL A 418 25.56 -17.07 41.48
C VAL A 418 27.05 -16.91 41.78
N VAL A 419 27.40 -16.73 43.05
CA VAL A 419 28.79 -16.51 43.43
C VAL A 419 29.64 -17.74 43.10
N LEU A 420 29.09 -18.94 43.32
CA LEU A 420 29.83 -20.15 43.02
C LEU A 420 30.03 -20.32 41.53
N TYR A 421 28.94 -20.13 40.78
CA TYR A 421 29.01 -20.17 39.33
C TYR A 421 30.10 -19.24 38.79
N LEU A 422 30.06 -17.95 39.16
CA LEU A 422 31.00 -16.97 38.61
C LEU A 422 32.45 -17.28 38.97
N HIS A 423 32.69 -17.75 40.21
CA HIS A 423 34.06 -18.10 40.62
C HIS A 423 34.60 -19.25 39.78
N ASN A 424 33.84 -20.34 39.70
CA ASN A 424 34.29 -21.53 38.98
C ASN A 424 34.62 -21.23 37.53
N HIS A 425 33.90 -20.34 36.88
CA HIS A 425 33.99 -20.26 35.44
C HIS A 425 34.60 -18.96 34.96
N SER A 426 35.18 -18.16 35.85
CA SER A 426 35.83 -16.91 35.48
C SER A 426 36.81 -17.13 34.33
N TYR A 427 36.73 -16.24 33.34
CA TYR A 427 37.66 -16.23 32.22
C TYR A 427 37.58 -17.51 31.41
N ALA A 428 36.39 -18.10 31.39
CA ALA A 428 36.16 -19.29 30.60
C ALA A 428 34.73 -19.25 30.07
N SER A 429 34.26 -20.40 29.62
CA SER A 429 33.04 -20.52 28.85
C SER A 429 32.11 -21.50 29.52
N ILE A 430 30.82 -21.32 29.29
CA ILE A 430 29.79 -22.07 29.99
C ILE A 430 28.69 -22.45 29.01
N GLN A 431 27.96 -23.50 29.36
CA GLN A 431 26.72 -23.84 28.67
C GLN A 431 25.61 -24.02 29.71
N SER A 432 24.42 -24.38 29.25
CA SER A 432 23.23 -24.37 30.10
C SER A 432 23.43 -25.24 31.34
N ASP A 433 23.84 -26.49 31.14
CA ASP A 433 24.03 -27.41 32.27
C ASP A 433 25.03 -26.91 33.31
N ASP A 434 26.00 -26.06 32.94
CA ASP A 434 26.93 -25.56 33.95
C ASP A 434 26.19 -24.74 35.00
N LEU A 435 25.20 -23.95 34.57
CA LEU A 435 24.42 -23.18 35.52
C LEU A 435 23.52 -24.09 36.38
N TRP A 436 22.88 -25.09 35.76
CA TRP A 436 22.04 -25.99 36.54
C TRP A 436 22.87 -26.81 37.51
N ASP A 437 24.13 -27.05 37.19
CA ASP A 437 25.02 -27.71 38.14
C ASP A 437 25.24 -26.84 39.37
N SER A 438 25.65 -25.59 39.16
CA SER A 438 25.94 -24.70 40.30
C SER A 438 24.76 -24.59 41.27
N PHE A 439 23.53 -24.59 40.76
CA PHE A 439 22.38 -24.66 41.67
C PHE A 439 22.31 -26.01 42.38
N ASN A 440 22.58 -27.12 41.68
CA ASN A 440 22.58 -28.43 42.33
C ASN A 440 23.58 -28.50 43.47
N GLU A 441 24.73 -27.86 43.32
CA GLU A 441 25.74 -27.90 44.37
C GLU A 441 25.30 -27.10 45.59
N VAL A 442 24.52 -26.04 45.38
CA VAL A 442 24.12 -25.16 46.48
C VAL A 442 22.95 -25.71 47.26
N THR A 443 22.18 -26.61 46.66
CA THR A 443 21.10 -27.28 47.34
C THR A 443 21.55 -28.64 47.88
N ASN A 444 22.86 -28.86 47.94
CA ASN A 444 23.51 -30.13 48.25
C ASN A 444 22.80 -31.32 47.64
N GLN A 445 22.35 -31.16 46.39
CA GLN A 445 21.85 -32.21 45.50
C GLN A 445 20.51 -32.80 45.95
N THR A 446 19.75 -32.07 46.78
CA THR A 446 18.38 -32.43 47.10
C THR A 446 17.47 -32.24 45.91
N LEU A 447 17.41 -31.01 45.39
CA LEU A 447 16.65 -30.74 44.18
C LEU A 447 17.50 -31.10 42.98
N ASP A 448 16.86 -31.66 41.95
CA ASP A 448 17.55 -31.84 40.68
C ASP A 448 17.16 -30.71 39.76
N VAL A 449 17.87 -29.59 39.92
CA VAL A 449 17.59 -28.39 39.15
C VAL A 449 17.71 -28.66 37.67
N LYS A 450 18.68 -29.48 37.27
CA LYS A 450 18.85 -29.77 35.86
C LYS A 450 17.59 -30.40 35.27
N ARG A 451 16.91 -31.26 36.06
CA ARG A 451 15.70 -31.91 35.61
C ARG A 451 14.52 -30.92 35.57
N MET A 452 14.37 -30.12 36.63
CA MET A 452 13.30 -29.14 36.70
C MET A 452 13.41 -28.07 35.59
N MET A 453 14.64 -27.66 35.23
CA MET A 453 14.83 -26.60 34.24
C MET A 453 14.84 -27.11 32.80
N LYS A 454 14.47 -28.38 32.57
CA LYS A 454 14.66 -28.98 31.26
C LYS A 454 13.65 -28.45 30.25
N THR A 455 12.36 -28.51 30.60
CA THR A 455 11.34 -28.06 29.67
C THR A 455 11.39 -26.56 29.46
N TRP A 456 11.73 -25.79 30.49
CA TRP A 456 11.91 -24.34 30.34
C TRP A 456 13.03 -24.00 29.36
N THR A 457 14.07 -24.82 29.29
CA THR A 457 15.23 -24.54 28.44
C THR A 457 15.08 -25.13 27.04
N LEU A 458 14.50 -26.33 26.92
CA LEU A 458 14.52 -27.06 25.65
C LEU A 458 13.21 -27.00 24.88
N GLN A 459 12.14 -26.52 25.47
CA GLN A 459 10.84 -26.55 24.82
C GLN A 459 10.29 -25.13 24.70
N LYS A 460 9.72 -24.82 23.54
CA LYS A 460 9.19 -23.50 23.35
C LYS A 460 7.86 -23.33 24.11
N GLY A 461 7.54 -22.07 24.37
CA GLY A 461 6.28 -21.75 25.00
C GLY A 461 6.31 -21.83 26.52
N PHE A 462 5.11 -21.90 27.08
CA PHE A 462 4.94 -21.90 28.52
C PHE A 462 3.67 -22.66 28.84
N PRO A 463 3.49 -23.07 30.10
CA PRO A 463 2.29 -23.84 30.45
C PRO A 463 1.09 -22.95 30.73
N LEU A 464 -0.08 -23.46 30.35
CA LEU A 464 -1.36 -22.93 30.80
C LEU A 464 -1.81 -23.73 32.04
N VAL A 465 -1.78 -23.11 33.20
CA VAL A 465 -2.31 -23.72 34.42
C VAL A 465 -3.80 -23.38 34.49
N THR A 466 -4.64 -24.40 34.59
CA THR A 466 -6.09 -24.26 34.69
C THR A 466 -6.49 -24.65 36.12
N VAL A 467 -7.35 -23.84 36.73
CA VAL A 467 -7.60 -23.86 38.16
C VAL A 467 -9.09 -23.88 38.41
N GLN A 468 -9.55 -24.77 39.27
CA GLN A 468 -10.94 -24.86 39.62
C GLN A 468 -11.04 -25.17 41.11
N LYS A 469 -11.96 -24.53 41.79
CA LYS A 469 -12.15 -24.78 43.21
C LYS A 469 -13.25 -25.80 43.41
N LYS A 470 -13.02 -26.75 44.31
CA LYS A 470 -13.98 -27.78 44.69
C LYS A 470 -14.00 -27.81 46.23
N GLY A 471 -14.93 -27.07 46.83
CA GLY A 471 -15.03 -27.03 48.27
C GLY A 471 -13.82 -26.38 48.93
N LYS A 472 -12.97 -27.22 49.53
CA LYS A 472 -11.79 -26.80 50.25
C LYS A 472 -10.50 -27.19 49.55
N GLU A 473 -10.60 -27.59 48.28
CA GLU A 473 -9.43 -27.98 47.50
C GLU A 473 -9.44 -27.27 46.14
N LEU A 474 -8.25 -27.13 45.58
CA LEU A 474 -8.05 -26.64 44.24
C LEU A 474 -7.63 -27.79 43.36
N PHE A 475 -8.36 -28.01 42.26
CA PHE A 475 -7.89 -28.86 41.18
C PHE A 475 -7.08 -28.03 40.19
N ILE A 476 -5.85 -28.46 39.96
CA ILE A 476 -4.88 -27.81 39.09
C ILE A 476 -4.51 -28.77 37.97
N GLN A 477 -4.43 -28.25 36.75
CA GLN A 477 -3.90 -28.98 35.60
C GLN A 477 -2.97 -28.05 34.82
N GLN A 478 -2.16 -28.63 33.94
CA GLN A 478 -1.32 -27.84 33.05
C GLN A 478 -1.43 -28.40 31.65
N GLU A 479 -1.30 -27.53 30.66
CA GLU A 479 -1.20 -27.92 29.27
C GLU A 479 -0.43 -26.84 28.52
N ARG A 480 -0.02 -27.14 27.30
CA ARG A 480 0.64 -26.14 26.48
C ARG A 480 -0.35 -25.02 26.10
N PHE A 481 0.12 -23.78 26.14
CA PHE A 481 -0.67 -22.63 25.69
C PHE A 481 -0.44 -22.41 24.20
N PHE A 482 -1.45 -22.72 23.38
CA PHE A 482 -1.33 -22.52 21.94
C PHE A 482 -2.72 -22.53 21.33
N LEU A 483 -2.80 -21.98 20.12
CA LEU A 483 -3.96 -22.18 19.25
C LEU A 483 -3.46 -22.76 17.94
N ASN A 484 -4.15 -23.78 17.43
CA ASN A 484 -3.72 -24.47 16.20
C ASN A 484 -4.17 -23.70 14.95
N SER A 495 4.59 -32.32 23.15
CA SER A 495 4.75 -31.32 24.21
C SER A 495 4.88 -32.01 25.56
N TYR A 496 5.93 -31.67 26.29
CA TYR A 496 6.20 -32.30 27.58
C TYR A 496 5.53 -31.52 28.70
N LEU A 497 5.61 -32.09 29.91
CA LEU A 497 5.17 -31.39 31.10
C LEU A 497 6.27 -30.46 31.58
N TRP A 498 5.86 -29.38 32.23
CA TRP A 498 6.76 -28.46 32.90
C TRP A 498 6.78 -28.76 34.39
N HIS A 499 7.91 -28.48 35.03
CA HIS A 499 7.96 -28.45 36.49
C HIS A 499 7.65 -27.03 36.93
N ILE A 500 6.44 -26.82 37.45
CA ILE A 500 5.91 -25.48 37.64
C ILE A 500 5.89 -25.17 39.13
N PRO A 501 6.68 -24.24 39.62
CA PRO A 501 6.52 -23.76 40.99
C PRO A 501 5.35 -22.80 41.09
N LEU A 502 4.22 -23.30 41.61
CA LEU A 502 2.97 -22.57 41.79
C LEU A 502 2.96 -21.79 43.09
N SER A 503 2.33 -20.62 43.05
CA SER A 503 2.07 -19.81 44.23
C SER A 503 0.59 -19.41 44.18
N TYR A 504 -0.03 -19.31 45.33
CA TYR A 504 -1.41 -18.89 45.39
C TYR A 504 -1.54 -17.99 46.61
N VAL A 505 -2.44 -17.05 46.49
CA VAL A 505 -2.92 -16.26 47.61
C VAL A 505 -4.42 -16.49 47.65
N THR A 506 -4.98 -16.47 48.85
CA THR A 506 -6.41 -16.70 48.97
C THR A 506 -6.93 -15.94 50.19
N GLU A 507 -8.18 -15.46 50.11
CA GLU A 507 -8.84 -14.76 51.21
C GLU A 507 -9.94 -15.63 51.80
N GLY A 508 -9.90 -15.82 53.11
CA GLY A 508 -10.87 -16.67 53.76
C GLY A 508 -12.15 -15.94 54.12
N ARG A 509 -13.08 -16.69 54.72
CA ARG A 509 -14.37 -16.11 55.08
C ARG A 509 -14.24 -15.09 56.21
N ASN A 510 -13.26 -15.24 57.09
CA ASN A 510 -12.97 -14.17 58.05
C ASN A 510 -12.12 -13.05 57.47
N TYR A 511 -12.01 -12.98 56.14
CA TYR A 511 -11.35 -11.85 55.47
C TYR A 511 -9.85 -11.84 55.74
N SER A 512 -9.30 -12.99 56.07
CA SER A 512 -7.88 -13.19 56.29
C SER A 512 -7.22 -13.74 55.03
N LYS A 513 -6.04 -13.27 54.73
CA LYS A 513 -5.32 -13.72 53.54
C LYS A 513 -4.17 -14.63 53.93
N TYR A 514 -3.96 -15.66 53.10
CA TYR A 514 -2.79 -16.51 53.25
C TYR A 514 -2.25 -16.86 51.87
N GLN A 515 -0.93 -17.01 51.80
CA GLN A 515 -0.28 -17.42 50.56
C GLN A 515 0.62 -18.62 50.84
N SER A 516 0.73 -19.49 49.85
CA SER A 516 1.66 -20.61 49.95
C SER A 516 2.18 -20.97 48.57
N VAL A 517 3.02 -21.99 48.56
CA VAL A 517 3.75 -22.41 47.37
C VAL A 517 3.50 -23.88 47.19
N SER A 518 3.55 -24.35 45.95
CA SER A 518 3.54 -25.78 45.67
C SER A 518 4.15 -25.98 44.29
N LEU A 519 4.79 -27.15 44.11
CA LEU A 519 5.46 -27.52 42.86
C LEU A 519 4.65 -28.60 42.15
N LEU A 520 4.10 -28.25 40.98
CA LEU A 520 3.36 -29.16 40.11
C LEU A 520 4.29 -29.67 39.01
N ASP A 521 4.79 -30.90 39.16
CA ASP A 521 5.64 -31.53 38.16
C ASP A 521 4.93 -32.63 37.38
N LYS A 522 3.62 -32.78 37.57
CA LYS A 522 2.84 -33.78 36.85
C LYS A 522 1.67 -33.07 36.16
N LYS A 523 0.82 -33.82 35.49
CA LYS A 523 -0.22 -33.16 34.70
C LYS A 523 -1.26 -32.51 35.60
N SER A 524 -1.59 -33.12 36.72
CA SER A 524 -2.70 -32.66 37.54
C SER A 524 -2.33 -32.80 38.99
N GLY A 525 -3.05 -32.07 39.83
CA GLY A 525 -2.85 -32.19 41.28
C GLY A 525 -3.92 -31.43 42.01
N VAL A 526 -3.91 -31.57 43.33
CA VAL A 526 -4.92 -30.96 44.16
C VAL A 526 -4.23 -30.22 45.28
N ILE A 527 -4.53 -28.94 45.40
CA ILE A 527 -4.02 -28.16 46.51
C ILE A 527 -5.04 -28.18 47.62
N ASN A 528 -4.61 -28.57 48.81
CA ASN A 528 -5.49 -28.56 49.97
C ASN A 528 -5.58 -27.16 50.55
N LEU A 529 -6.75 -26.52 50.44
CA LEU A 529 -6.98 -25.28 51.15
C LEU A 529 -7.44 -25.61 52.56
N THR A 530 -6.77 -25.01 53.56
CA THR A 530 -7.07 -25.33 54.96
C THR A 530 -8.42 -24.79 55.42
N GLU A 531 -8.97 -23.79 54.73
CA GLU A 531 -10.28 -23.21 55.08
C GLU A 531 -11.17 -23.21 53.85
N GLU A 532 -12.36 -22.63 53.96
CA GLU A 532 -13.17 -22.28 52.81
C GLU A 532 -12.93 -20.82 52.50
N VAL A 533 -12.85 -20.50 51.20
CA VAL A 533 -12.25 -19.24 50.78
C VAL A 533 -13.17 -18.51 49.82
N LEU A 534 -13.14 -17.17 49.90
CA LEU A 534 -13.93 -16.32 49.00
C LEU A 534 -13.40 -16.36 47.56
N TRP A 535 -12.11 -16.14 47.38
CA TRP A 535 -11.49 -16.18 46.06
C TRP A 535 -10.08 -16.71 46.18
N VAL A 536 -9.47 -17.04 45.05
CA VAL A 536 -8.09 -17.51 44.99
C VAL A 536 -7.43 -16.94 43.75
N LYS A 537 -6.14 -16.64 43.86
CA LYS A 537 -5.35 -16.09 42.76
C LYS A 537 -4.05 -16.87 42.73
N VAL A 538 -3.76 -17.49 41.59
CA VAL A 538 -2.52 -18.25 41.39
C VAL A 538 -1.51 -17.41 40.62
N ASN A 539 -0.23 -17.71 40.86
CA ASN A 539 0.93 -17.00 40.31
C ASN A 539 1.07 -15.59 40.85
N ILE A 540 1.44 -15.49 42.13
CA ILE A 540 1.56 -14.19 42.80
C ILE A 540 2.54 -13.32 42.05
N ASN A 541 2.09 -12.11 41.68
CA ASN A 541 2.94 -11.09 41.08
C ASN A 541 3.54 -11.54 39.76
N MET A 542 2.89 -12.51 39.14
CA MET A 542 3.39 -13.20 37.97
C MET A 542 4.89 -13.45 38.11
N ASN A 543 5.28 -14.02 39.25
CA ASN A 543 6.67 -14.45 39.43
C ASN A 543 6.95 -15.77 38.71
N GLY A 544 5.95 -16.36 38.06
CA GLY A 544 6.15 -17.58 37.30
C GLY A 544 5.80 -17.29 35.85
N TYR A 545 6.47 -18.02 34.96
CA TYR A 545 6.30 -17.80 33.52
C TYR A 545 5.18 -18.72 33.01
N TYR A 546 3.94 -18.40 33.43
CA TYR A 546 2.77 -19.14 32.97
C TYR A 546 1.52 -18.30 33.12
N ILE A 547 0.50 -18.68 32.34
CA ILE A 547 -0.81 -18.03 32.35
C ILE A 547 -1.77 -18.92 33.12
N VAL A 548 -2.69 -18.31 33.87
CA VAL A 548 -3.60 -19.06 34.71
C VAL A 548 -5.00 -18.80 34.22
N HIS A 549 -5.76 -19.87 34.04
CA HIS A 549 -7.13 -19.80 33.57
C HIS A 549 -8.04 -20.42 34.62
N TYR A 550 -9.01 -19.67 35.09
CA TYR A 550 -9.87 -20.16 36.16
C TYR A 550 -11.20 -20.68 35.60
N ALA A 551 -11.78 -21.63 36.33
CA ALA A 551 -13.16 -21.99 36.09
C ALA A 551 -14.05 -20.75 36.20
N ASP A 552 -15.29 -20.91 35.71
CA ASP A 552 -16.18 -19.76 35.57
C ASP A 552 -16.54 -19.14 36.91
N ASP A 553 -16.88 -19.97 37.91
CA ASP A 553 -17.18 -19.46 39.24
C ASP A 553 -15.97 -18.78 39.87
N ASP A 554 -14.77 -19.23 39.50
CA ASP A 554 -13.55 -18.72 40.08
C ASP A 554 -13.05 -17.48 39.38
N TRP A 555 -13.40 -17.27 38.11
CA TRP A 555 -13.19 -15.94 37.52
C TRP A 555 -14.15 -14.97 38.15
N GLU A 556 -15.40 -15.38 38.30
CA GLU A 556 -16.42 -14.48 38.79
C GLU A 556 -16.08 -14.03 40.21
N ALA A 557 -15.57 -14.95 41.03
CA ALA A 557 -15.13 -14.57 42.38
C ALA A 557 -14.13 -13.43 42.31
N LEU A 558 -13.06 -13.61 41.53
CA LEU A 558 -12.05 -12.58 41.43
C LEU A 558 -12.62 -11.31 40.82
N ILE A 559 -13.56 -11.44 39.88
CA ILE A 559 -14.11 -10.24 39.28
C ILE A 559 -14.99 -9.50 40.28
N HIS A 560 -15.83 -10.24 41.02
CA HIS A 560 -16.68 -9.62 42.03
C HIS A 560 -15.84 -8.89 43.08
N GLN A 561 -14.67 -9.44 43.41
CA GLN A 561 -13.82 -8.80 44.41
C GLN A 561 -13.25 -7.50 43.89
N LEU A 562 -12.80 -7.50 42.64
CA LEU A 562 -12.15 -6.32 42.08
C LEU A 562 -13.11 -5.12 42.06
N LYS A 563 -14.41 -5.37 41.87
CA LYS A 563 -15.44 -4.31 41.93
C LYS A 563 -15.73 -3.87 43.37
N ILE A 564 -15.74 -4.81 44.31
CA ILE A 564 -16.00 -4.46 45.72
C ILE A 564 -14.81 -3.75 46.33
N ASN A 565 -13.60 -4.29 46.13
CA ASN A 565 -12.38 -3.70 46.62
C ASN A 565 -11.18 -4.33 45.95
N PRO A 566 -10.62 -3.69 44.94
CA PRO A 566 -9.51 -4.30 44.20
C PRO A 566 -8.23 -4.34 45.00
N TYR A 567 -8.17 -3.71 46.18
CA TYR A 567 -6.88 -3.52 46.84
C TYR A 567 -6.52 -4.65 47.80
N VAL A 568 -7.27 -5.76 47.79
CA VAL A 568 -6.79 -6.96 48.46
C VAL A 568 -5.77 -7.72 47.60
N LEU A 569 -5.63 -7.34 46.34
CA LEU A 569 -4.58 -7.85 45.47
C LEU A 569 -3.56 -6.76 45.23
N SER A 570 -2.32 -7.16 44.96
CA SER A 570 -1.30 -6.19 44.63
C SER A 570 -1.52 -5.64 43.21
N ASP A 571 -0.82 -4.55 42.90
CA ASP A 571 -0.98 -3.96 41.56
C ASP A 571 -0.30 -4.80 40.48
N LYS A 572 0.69 -5.62 40.81
CA LYS A 572 1.18 -6.57 39.84
C LYS A 572 0.15 -7.67 39.58
N ASP A 573 -0.49 -8.18 40.64
CA ASP A 573 -1.52 -9.20 40.49
C ASP A 573 -2.68 -8.70 39.63
N ARG A 574 -3.04 -7.42 39.77
CA ARG A 574 -4.16 -6.88 39.00
C ARG A 574 -3.78 -6.69 37.53
N ALA A 575 -2.54 -6.25 37.27
CA ALA A 575 -2.06 -6.20 35.89
C ALA A 575 -2.04 -7.58 35.27
N ASN A 576 -1.65 -8.58 36.05
CA ASN A 576 -1.59 -9.96 35.58
C ASN A 576 -2.97 -10.47 35.17
N LEU A 577 -4.01 -10.16 35.96
CA LEU A 577 -5.36 -10.60 35.63
C LEU A 577 -5.89 -9.93 34.36
N ILE A 578 -5.54 -8.66 34.13
CA ILE A 578 -5.99 -8.02 32.91
C ILE A 578 -5.28 -8.62 31.70
N ASN A 579 -3.98 -8.85 31.81
CA ASN A 579 -3.25 -9.44 30.70
C ASN A 579 -3.73 -10.85 30.39
N ASN A 580 -3.89 -11.66 31.43
CA ASN A 580 -4.27 -13.05 31.23
C ASN A 580 -5.69 -13.16 30.66
N ILE A 581 -6.64 -12.35 31.14
CA ILE A 581 -8.01 -12.46 30.65
C ILE A 581 -8.07 -12.15 29.15
N PHE A 582 -7.37 -11.10 28.71
CA PHE A 582 -7.39 -10.71 27.30
C PHE A 582 -6.66 -11.73 26.44
N GLU A 583 -5.53 -12.23 26.95
CA GLU A 583 -4.80 -13.25 26.23
C GLU A 583 -5.57 -14.57 26.18
N LEU A 584 -6.42 -14.84 27.16
CA LEU A 584 -7.26 -16.02 27.13
C LEU A 584 -8.47 -15.80 26.23
N ALA A 585 -8.89 -14.55 26.02
CA ALA A 585 -9.90 -14.27 25.02
C ALA A 585 -9.38 -14.57 23.61
N GLY A 586 -8.15 -14.14 23.30
CA GLY A 586 -7.55 -14.49 22.03
C GLY A 586 -7.46 -15.98 21.79
N LEU A 587 -7.01 -16.73 22.80
CA LEU A 587 -6.98 -18.19 22.69
C LEU A 587 -8.38 -18.76 22.47
N GLY A 588 -9.39 -18.11 23.03
CA GLY A 588 -10.73 -18.63 22.98
C GLY A 588 -11.17 -19.36 24.24
N LYS A 589 -10.38 -19.33 25.31
CA LYS A 589 -10.82 -19.99 26.52
C LYS A 589 -11.95 -19.23 27.23
N VAL A 590 -12.07 -17.93 27.00
CA VAL A 590 -13.18 -17.15 27.56
C VAL A 590 -13.66 -16.17 26.51
N PRO A 591 -14.97 -15.89 26.48
CA PRO A 591 -15.48 -14.89 25.56
C PRO A 591 -14.93 -13.51 25.87
N LEU A 592 -14.83 -12.69 24.82
CA LEU A 592 -14.28 -11.35 24.98
C LEU A 592 -15.06 -10.55 26.01
N LYS A 593 -16.35 -10.83 26.17
CA LYS A 593 -17.16 -10.04 27.10
C LYS A 593 -16.68 -10.22 28.53
N ARG A 594 -16.05 -11.36 28.86
CA ARG A 594 -15.56 -11.54 30.22
C ARG A 594 -14.34 -10.67 30.48
N ALA A 595 -13.50 -10.47 29.45
CA ALA A 595 -12.42 -9.50 29.57
C ALA A 595 -12.97 -8.11 29.87
N PHE A 596 -13.96 -7.67 29.08
CA PHE A 596 -14.52 -6.37 29.35
C PHE A 596 -15.23 -6.34 30.70
N ASP A 597 -15.92 -7.44 31.09
CA ASP A 597 -16.50 -7.55 32.43
C ASP A 597 -15.45 -7.24 33.51
N LEU A 598 -14.23 -7.76 33.34
CA LEU A 598 -13.20 -7.59 34.37
C LEU A 598 -12.73 -6.13 34.46
N ILE A 599 -12.33 -5.51 33.34
CA ILE A 599 -11.84 -4.13 33.42
C ILE A 599 -12.93 -3.12 33.73
N ASN A 600 -14.20 -3.54 33.90
CA ASN A 600 -15.22 -2.65 34.45
C ASN A 600 -14.90 -2.24 35.89
N TYR A 601 -13.99 -2.94 36.55
CA TYR A 601 -13.58 -2.54 37.88
C TYR A 601 -12.73 -1.27 37.88
N LEU A 602 -12.26 -0.82 36.72
CA LEU A 602 -11.19 0.17 36.64
C LEU A 602 -11.56 1.51 37.26
N GLY A 603 -12.86 1.77 37.49
CA GLY A 603 -13.26 3.01 38.12
C GLY A 603 -12.62 3.24 39.48
N ASN A 604 -12.18 2.17 40.15
CA ASN A 604 -11.57 2.22 41.47
C ASN A 604 -10.07 1.98 41.46
N GLU A 605 -9.46 1.88 40.28
CA GLU A 605 -8.03 1.67 40.13
C GLU A 605 -7.31 3.01 39.94
N ASN A 606 -6.20 3.20 40.63
CA ASN A 606 -5.37 4.35 40.30
C ASN A 606 -3.90 3.99 40.41
N HIS A 607 -3.54 2.77 40.02
CA HIS A 607 -2.15 2.39 39.93
C HIS A 607 -1.73 2.26 38.49
N THR A 608 -0.46 2.59 38.24
CA THR A 608 0.05 2.62 36.88
C THR A 608 -0.02 1.26 36.22
N ALA A 609 0.63 0.25 36.80
CA ALA A 609 0.74 -1.06 36.18
C ALA A 609 -0.58 -1.60 35.62
N PRO A 610 -1.70 -1.64 36.36
CA PRO A 610 -2.94 -2.14 35.77
C PRO A 610 -3.51 -1.23 34.69
N ILE A 611 -3.48 0.08 34.91
CA ILE A 611 -4.01 1.03 33.93
C ILE A 611 -3.21 0.95 32.63
N THR A 612 -1.89 0.87 32.76
CA THR A 612 -1.05 0.66 31.59
C THR A 612 -1.44 -0.59 30.81
N GLU A 613 -1.71 -1.69 31.49
CA GLU A 613 -2.02 -2.89 30.73
C GLU A 613 -3.41 -2.82 30.11
N ALA A 614 -4.37 -2.21 30.81
CA ALA A 614 -5.70 -2.07 30.24
C ALA A 614 -5.67 -1.18 29.00
N LEU A 615 -4.98 -0.03 29.11
CA LEU A 615 -4.83 0.86 27.97
C LEU A 615 -4.17 0.19 26.78
N PHE A 616 -3.26 -0.75 27.03
CA PHE A 616 -2.59 -1.42 25.92
C PHE A 616 -3.54 -2.38 25.22
N GLN A 617 -4.28 -3.19 26.00
CA GLN A 617 -5.29 -4.03 25.37
C GLN A 617 -6.33 -3.18 24.66
N THR A 618 -6.76 -2.10 25.30
CA THR A 618 -7.69 -1.17 24.66
C THR A 618 -7.10 -0.62 23.38
N ASP A 619 -5.88 -0.07 23.46
CA ASP A 619 -5.32 0.59 22.27
C ASP A 619 -5.03 -0.41 21.16
N LEU A 620 -4.66 -1.65 21.51
CA LEU A 620 -4.39 -2.64 20.48
C LEU A 620 -5.66 -2.97 19.69
N ILE A 621 -6.80 -3.04 20.38
CA ILE A 621 -8.04 -3.32 19.67
C ILE A 621 -8.45 -2.13 18.82
N TYR A 622 -8.24 -0.91 19.33
CA TYR A 622 -8.52 0.29 18.57
C TYR A 622 -7.72 0.32 17.28
N ASN A 623 -6.41 0.12 17.38
CA ASN A 623 -5.56 0.25 16.21
C ASN A 623 -5.87 -0.82 15.18
N LEU A 624 -6.37 -1.97 15.63
CA LEU A 624 -6.76 -3.01 14.69
C LEU A 624 -8.02 -2.61 13.94
N LEU A 625 -9.07 -2.22 14.68
CA LEU A 625 -10.33 -1.80 14.07
C LEU A 625 -10.13 -0.63 13.11
N GLU A 626 -9.30 0.34 13.49
CA GLU A 626 -9.18 1.54 12.68
C GLU A 626 -8.69 1.18 11.28
N LYS A 627 -7.75 0.24 11.18
CA LYS A 627 -7.21 -0.10 9.88
C LYS A 627 -8.21 -0.84 9.01
N LEU A 628 -9.21 -1.46 9.62
CA LEU A 628 -10.18 -2.23 8.86
C LEU A 628 -11.37 -1.38 8.41
N GLY A 629 -11.40 -0.13 8.82
CA GLY A 629 -12.45 0.77 8.40
C GLY A 629 -13.59 0.89 9.38
N TYR A 630 -13.45 0.33 10.58
CA TYR A 630 -14.46 0.40 11.64
C TYR A 630 -14.18 1.59 12.55
N MET A 631 -14.12 2.78 11.94
CA MET A 631 -13.78 3.98 12.70
C MET A 631 -14.84 4.27 13.76
N ASP A 632 -16.09 3.89 13.50
CA ASP A 632 -17.11 4.11 14.51
C ASP A 632 -16.87 3.20 15.71
N LEU A 633 -16.69 1.90 15.45
CA LEU A 633 -16.56 0.93 16.53
C LEU A 633 -15.36 1.25 17.42
N ALA A 634 -14.20 1.49 16.80
CA ALA A 634 -13.00 1.94 17.53
C ALA A 634 -13.31 3.06 18.51
N SER A 635 -14.00 4.09 18.04
CA SER A 635 -14.20 5.28 18.86
C SER A 635 -15.18 5.01 19.99
N ARG A 636 -16.23 4.20 19.74
CA ARG A 636 -17.10 3.73 20.83
C ARG A 636 -16.27 3.05 21.91
N LEU A 637 -15.34 2.20 21.50
CA LEU A 637 -14.53 1.48 22.46
C LEU A 637 -13.67 2.41 23.30
N VAL A 638 -13.05 3.43 22.69
CA VAL A 638 -12.26 4.35 23.52
C VAL A 638 -13.17 5.19 24.41
N THR A 639 -14.36 5.56 23.94
CA THR A 639 -15.22 6.36 24.83
C THR A 639 -15.71 5.55 26.03
N ARG A 640 -15.88 4.23 25.88
CA ARG A 640 -16.28 3.41 27.02
CA ARG A 640 -16.28 3.41 27.02
C ARG A 640 -15.14 3.28 28.03
N VAL A 641 -13.92 3.09 27.55
CA VAL A 641 -12.75 3.06 28.41
C VAL A 641 -12.49 4.43 29.03
N PHE A 642 -12.77 5.53 28.31
CA PHE A 642 -12.60 6.86 28.89
C PHE A 642 -13.56 7.08 30.05
N LYS A 643 -14.81 6.66 29.89
CA LYS A 643 -15.75 6.78 31.00
C LYS A 643 -15.27 6.00 32.23
N LEU A 644 -14.79 4.76 32.05
CA LEU A 644 -14.24 4.01 33.19
C LEU A 644 -13.13 4.77 33.90
N LEU A 645 -12.23 5.44 33.16
CA LEU A 645 -11.09 6.16 33.75
C LEU A 645 -11.33 7.67 33.86
N GLN A 646 -12.58 8.11 33.74
CA GLN A 646 -12.83 9.54 33.62
C GLN A 646 -12.36 10.31 34.84
N ASN A 647 -12.74 9.84 36.03
CA ASN A 647 -12.33 10.52 37.25
C ASN A 647 -10.81 10.59 37.34
N GLN A 648 -10.13 9.48 37.05
CA GLN A 648 -8.67 9.50 37.10
C GLN A 648 -8.08 10.47 36.08
N ILE A 649 -8.62 10.51 34.86
CA ILE A 649 -8.05 11.41 33.85
C ILE A 649 -8.26 12.86 34.23
N GLN A 650 -9.41 13.18 34.82
CA GLN A 650 -9.70 14.56 35.16
C GLN A 650 -8.95 15.03 36.40
N GLN A 651 -8.53 14.13 37.28
CA GLN A 651 -7.70 14.59 38.39
C GLN A 651 -6.32 15.03 37.93
N GLN A 652 -5.89 14.62 36.74
CA GLN A 652 -4.49 14.79 36.37
C GLN A 652 -4.12 16.26 36.30
N THR A 653 -2.95 16.58 36.82
CA THR A 653 -2.39 17.92 36.75
C THR A 653 -1.36 17.96 35.64
N TRP A 654 -1.14 19.14 35.06
CA TRP A 654 -0.14 19.31 34.01
C TRP A 654 1.19 19.75 34.61
N THR A 655 1.75 18.90 35.47
CA THR A 655 3.01 19.23 36.10
C THR A 655 3.85 17.99 36.20
N ASP A 656 5.00 18.11 36.87
CA ASP A 656 5.87 16.99 37.19
C ASP A 656 5.77 16.58 38.67
N GLU A 657 4.66 16.91 39.33
CA GLU A 657 4.50 16.56 40.73
C GLU A 657 4.35 15.05 40.89
N GLY A 658 4.95 14.52 41.94
CA GLY A 658 4.65 13.20 42.44
C GLY A 658 5.80 12.22 42.27
N THR A 659 5.54 11.00 42.74
CA THR A 659 6.50 9.93 42.62
C THR A 659 6.69 9.56 41.16
N PRO A 660 7.73 8.80 40.86
CA PRO A 660 7.92 8.36 39.47
C PRO A 660 6.71 7.65 38.90
N SER A 661 6.09 6.74 39.67
CA SER A 661 4.95 6.00 39.11
C SER A 661 3.73 6.91 38.91
N MET A 662 3.54 7.94 39.75
CA MET A 662 2.47 8.88 39.47
C MET A 662 2.76 9.75 38.27
N ARG A 663 4.03 10.08 38.01
CA ARG A 663 4.32 10.88 36.82
C ARG A 663 4.10 10.06 35.56
N GLU A 664 4.39 8.76 35.63
CA GLU A 664 4.16 7.87 34.51
C GLU A 664 2.66 7.64 34.30
N LEU A 665 1.88 7.61 35.38
CA LEU A 665 0.43 7.47 35.22
C LEU A 665 -0.16 8.71 34.58
N ARG A 666 0.39 9.88 34.92
CA ARG A 666 -0.09 11.12 34.35
C ARG A 666 0.10 11.14 32.84
N SER A 667 1.30 10.75 32.37
CA SER A 667 1.57 10.77 30.94
C SER A 667 0.67 9.80 30.19
N ALA A 668 0.42 8.62 30.77
CA ALA A 668 -0.41 7.63 30.11
C ALA A 668 -1.85 8.13 29.96
N LEU A 669 -2.40 8.70 31.02
CA LEU A 669 -3.79 9.16 30.91
C LEU A 669 -3.92 10.38 30.00
N LEU A 670 -2.98 11.33 30.07
CA LEU A 670 -3.09 12.46 29.17
C LEU A 670 -2.74 12.08 27.73
N GLU A 671 -1.84 11.10 27.53
CA GLU A 671 -1.61 10.67 26.15
C GLU A 671 -2.84 9.96 25.61
N PHE A 672 -3.54 9.21 26.45
CA PHE A 672 -4.70 8.46 25.96
C PHE A 672 -5.85 9.41 25.68
N ALA A 673 -6.03 10.43 26.51
CA ALA A 673 -7.12 11.37 26.26
C ALA A 673 -6.83 12.25 25.03
N CYS A 674 -5.61 12.75 24.87
CA CYS A 674 -5.30 13.63 23.76
C CYS A 674 -5.33 12.90 22.42
N THR A 675 -4.78 11.67 22.38
CA THR A 675 -4.63 10.92 21.14
C THR A 675 -5.97 10.59 20.52
N HIS A 676 -6.99 10.36 21.35
CA HIS A 676 -8.34 10.03 20.88
C HIS A 676 -9.30 11.19 21.06
N ASN A 677 -8.78 12.40 21.23
CA ASN A 677 -9.53 13.64 21.43
C ASN A 677 -10.77 13.40 22.29
N LEU A 678 -10.51 13.09 23.55
CA LEU A 678 -11.54 12.87 24.56
C LEU A 678 -11.35 13.90 25.67
N GLY A 679 -12.43 14.56 26.06
CA GLY A 679 -12.32 15.63 27.02
C GLY A 679 -11.82 16.91 26.38
N ASN A 680 -11.36 17.84 27.21
CA ASN A 680 -10.80 19.08 26.73
C ASN A 680 -9.27 19.07 26.75
N CYS A 681 -8.68 17.90 26.97
CA CYS A 681 -7.22 17.80 27.05
CA CYS A 681 -7.22 17.75 27.04
C CYS A 681 -6.55 18.40 25.83
N SER A 682 -7.09 18.13 24.64
CA SER A 682 -6.73 18.70 23.35
C SER A 682 -6.48 20.20 23.48
N THR A 683 -7.45 20.88 24.11
CA THR A 683 -7.46 22.33 24.23
C THR A 683 -6.38 22.84 25.18
N THR A 684 -6.31 22.27 26.39
CA THR A 684 -5.20 22.54 27.29
C THR A 684 -3.87 22.35 26.59
N ALA A 685 -3.73 21.26 25.86
CA ALA A 685 -2.45 20.96 25.25
C ALA A 685 -2.10 21.98 24.18
N MET A 686 -3.09 22.37 23.35
CA MET A 686 -2.84 23.36 22.30
C MET A 686 -2.46 24.70 22.89
N LYS A 687 -3.10 25.08 24.00
CA LYS A 687 -2.81 26.36 24.63
C LYS A 687 -1.40 26.38 25.19
N LEU A 688 -1.00 25.30 25.87
CA LEU A 688 0.36 25.16 26.39
C LEU A 688 1.40 25.17 25.28
N PHE A 689 1.10 24.49 24.15
CA PHE A 689 2.01 24.46 23.00
C PHE A 689 2.12 25.83 22.36
N ASP A 690 0.99 26.52 22.21
CA ASP A 690 1.02 27.82 21.55
C ASP A 690 1.75 28.85 22.41
N ASP A 691 1.62 28.77 23.74
CA ASP A 691 2.42 29.64 24.59
C ASP A 691 3.89 29.24 24.59
N TRP A 692 4.19 27.96 24.44
CA TRP A 692 5.57 27.52 24.26
C TRP A 692 6.18 28.14 22.99
N MET A 693 5.45 28.06 21.88
CA MET A 693 5.90 28.61 20.60
C MET A 693 6.10 30.12 20.66
N ALA A 694 5.16 30.85 21.29
CA ALA A 694 5.37 32.28 21.48
C ALA A 694 6.67 32.57 22.21
N SER A 695 6.87 31.94 23.39
CA SER A 695 8.18 32.02 24.05
C SER A 695 9.35 31.64 23.16
N ASN A 696 9.11 31.11 21.96
CA ASN A 696 10.17 30.65 21.07
C ASN A 696 10.92 29.46 21.67
N GLY A 697 10.19 28.61 22.37
CA GLY A 697 10.75 27.40 22.93
C GLY A 697 11.53 27.59 24.20
N THR A 698 11.41 28.75 24.85
CA THR A 698 12.20 29.07 26.03
C THR A 698 11.42 28.97 27.34
N GLN A 699 10.09 28.94 27.28
CA GLN A 699 9.28 28.75 28.48
C GLN A 699 9.38 27.32 28.99
N SER A 700 9.33 27.17 30.32
CA SER A 700 9.32 25.86 30.95
C SER A 700 8.10 25.05 30.49
N LEU A 701 8.35 23.88 29.93
CA LEU A 701 7.31 22.90 29.70
C LEU A 701 7.53 21.75 30.66
N PRO A 702 6.58 21.35 31.49
CA PRO A 702 6.78 20.18 32.36
C PRO A 702 7.17 18.95 31.56
N THR A 703 8.21 18.24 32.04
CA THR A 703 8.71 17.08 31.29
C THR A 703 7.64 16.02 31.06
N ASP A 704 6.72 15.86 32.00
CA ASP A 704 5.76 14.77 31.94
C ASP A 704 4.76 14.94 30.80
N VAL A 705 4.49 16.18 30.39
CA VAL A 705 3.45 16.47 29.42
C VAL A 705 4.04 17.01 28.11
N MET A 706 5.35 16.84 27.91
CA MET A 706 5.92 17.45 26.73
C MET A 706 5.65 16.63 25.45
N THR A 707 5.67 15.31 25.53
CA THR A 707 5.22 14.52 24.40
C THR A 707 3.84 14.97 23.95
N THR A 708 2.90 15.01 24.89
CA THR A 708 1.50 15.27 24.61
C THR A 708 1.29 16.69 24.06
N VAL A 709 1.95 17.67 24.65
CA VAL A 709 1.83 19.03 24.15
C VAL A 709 2.35 19.13 22.72
N PHE A 710 3.56 18.60 22.47
CA PHE A 710 4.16 18.60 21.12
C PHE A 710 3.25 17.94 20.09
N LYS A 711 2.71 16.76 20.44
CA LYS A 711 1.92 15.99 19.47
C LYS A 711 0.76 16.82 18.94
N VAL A 712 0.03 17.44 19.85
CA VAL A 712 -1.04 18.34 19.47
C VAL A 712 -0.51 19.48 18.59
N GLY A 713 0.66 20.02 18.93
CA GLY A 713 1.20 21.12 18.16
C GLY A 713 1.57 20.71 16.75
N ALA A 714 2.07 19.49 16.59
CA ALA A 714 2.54 19.02 15.31
C ALA A 714 1.41 18.72 14.34
N LYS A 715 0.15 18.90 14.76
CA LYS A 715 -1.02 18.65 13.92
C LYS A 715 -1.33 19.81 12.98
N THR A 716 -0.74 20.98 13.21
CA THR A 716 -0.84 22.12 12.31
C THR A 716 0.49 22.31 11.58
N ASP A 717 0.41 22.95 10.41
CA ASP A 717 1.63 23.09 9.61
C ASP A 717 2.58 24.11 10.21
N LYS A 718 2.04 25.12 10.91
CA LYS A 718 2.88 26.06 11.62
C LYS A 718 3.65 25.38 12.74
N GLY A 719 2.93 24.63 13.59
CA GLY A 719 3.59 23.99 14.72
C GLY A 719 4.51 22.86 14.30
N TRP A 720 4.15 22.16 13.23
CA TRP A 720 5.03 21.11 12.73
C TRP A 720 6.37 21.69 12.31
N SER A 721 6.33 22.73 11.47
CA SER A 721 7.56 23.35 11.02
C SER A 721 8.36 23.91 12.20
N PHE A 722 7.67 24.43 13.21
CA PHE A 722 8.38 25.02 14.34
C PHE A 722 9.13 23.95 15.13
N LEU A 723 8.45 22.85 15.45
CA LEU A 723 9.09 21.72 16.12
C LEU A 723 10.32 21.23 15.36
N LEU A 724 10.19 21.09 14.03
CA LEU A 724 11.32 20.62 13.25
C LEU A 724 12.52 21.54 13.40
N GLY A 725 12.27 22.86 13.46
CA GLY A 725 13.36 23.80 13.58
C GLY A 725 14.12 23.64 14.89
N LYS A 726 13.42 23.31 15.97
CA LYS A 726 14.12 23.09 17.21
C LYS A 726 14.72 21.70 17.30
N TYR A 727 14.19 20.71 16.58
CA TYR A 727 14.83 19.40 16.55
C TYR A 727 16.26 19.53 16.09
N ILE A 728 16.48 20.33 15.06
CA ILE A 728 17.79 20.49 14.46
C ILE A 728 18.58 21.58 15.19
N SER A 729 18.12 21.96 16.38
CA SER A 729 18.62 23.15 17.07
C SER A 729 18.99 22.91 18.53
N ILE A 730 18.28 22.02 19.21
CA ILE A 730 18.38 21.95 20.66
C ILE A 730 19.43 20.93 21.08
N GLY A 731 19.75 20.92 22.36
CA GLY A 731 20.85 20.13 22.88
C GLY A 731 20.40 18.91 23.64
N SER A 732 19.15 18.86 24.10
CA SER A 732 18.63 17.71 24.83
C SER A 732 18.12 16.65 23.84
N GLU A 733 18.80 15.51 23.81
CA GLU A 733 18.38 14.46 22.89
C GLU A 733 17.05 13.86 23.34
N ALA A 734 16.83 13.77 24.65
CA ALA A 734 15.55 13.25 25.13
C ALA A 734 14.39 14.13 24.70
N GLU A 735 14.56 15.46 24.81
CA GLU A 735 13.59 16.38 24.23
C GLU A 735 13.45 16.17 22.72
N LYS A 736 14.57 15.93 22.03
CA LYS A 736 14.49 15.71 20.59
C LYS A 736 13.67 14.48 20.25
N ASN A 737 13.67 13.47 21.13
CA ASN A 737 12.93 12.28 20.79
C ASN A 737 11.44 12.52 20.96
N LYS A 738 11.06 13.34 21.94
CA LYS A 738 9.66 13.71 22.07
C LYS A 738 9.21 14.55 20.87
N ILE A 739 10.08 15.44 20.39
CA ILE A 739 9.77 16.16 19.17
C ILE A 739 9.61 15.20 18.00
N LEU A 740 10.48 14.20 17.90
CA LEU A 740 10.42 13.29 16.76
C LEU A 740 9.17 12.42 16.82
N GLU A 741 8.75 12.00 18.01
CA GLU A 741 7.49 11.27 18.15
C GLU A 741 6.29 12.15 17.77
N ALA A 742 6.36 13.45 18.08
CA ALA A 742 5.28 14.34 17.68
C ALA A 742 5.31 14.61 16.19
N LEU A 743 6.50 14.83 15.64
CA LEU A 743 6.64 15.02 14.20
C LEU A 743 6.10 13.81 13.44
N ALA A 744 6.46 12.60 13.88
CA ALA A 744 6.05 11.38 13.20
C ALA A 744 4.59 11.00 13.42
N SER A 745 3.85 11.76 14.23
CA SER A 745 2.43 11.52 14.43
C SER A 745 1.56 12.54 13.69
N SER A 746 2.12 13.23 12.71
CA SER A 746 1.34 14.06 11.82
C SER A 746 0.47 13.18 10.93
N GLU A 747 -0.67 13.74 10.48
CA GLU A 747 -1.55 13.03 9.56
C GLU A 747 -1.28 13.40 8.09
N ASP A 748 -0.21 14.15 7.84
CA ASP A 748 0.17 14.64 6.51
C ASP A 748 1.15 13.64 5.90
N VAL A 749 0.66 12.85 4.94
CA VAL A 749 1.44 11.71 4.46
C VAL A 749 2.72 12.14 3.79
N ARG A 750 2.71 13.35 3.21
CA ARG A 750 3.94 13.82 2.57
C ARG A 750 5.04 13.99 3.61
N LYS A 751 4.70 14.55 4.77
CA LYS A 751 5.69 14.78 5.83
C LYS A 751 6.22 13.46 6.39
N LEU A 752 5.32 12.51 6.68
CA LEU A 752 5.73 11.21 7.19
C LEU A 752 6.72 10.53 6.25
N TYR A 753 6.40 10.49 4.95
CA TYR A 753 7.33 9.91 3.99
C TYR A 753 8.66 10.64 4.07
N TRP A 754 8.61 11.97 4.07
CA TRP A 754 9.83 12.75 4.12
C TRP A 754 10.66 12.46 5.38
N LEU A 755 10.00 12.12 6.49
CA LEU A 755 10.74 11.77 7.71
C LEU A 755 11.48 10.45 7.57
N MET A 756 10.86 9.44 6.94
CA MET A 756 11.51 8.16 6.79
C MET A 756 12.64 8.24 5.79
N LYS A 757 12.39 8.84 4.63
CA LYS A 757 13.45 8.98 3.64
C LYS A 757 14.66 9.68 4.25
N SER A 758 14.41 10.65 5.13
CA SER A 758 15.50 11.47 5.63
C SER A 758 16.34 10.69 6.64
N SER A 759 15.70 9.98 7.55
CA SER A 759 16.45 9.16 8.50
C SER A 759 17.22 8.06 7.77
N LEU A 760 16.65 7.51 6.69
CA LEU A 760 17.29 6.41 5.97
C LEU A 760 18.58 6.86 5.29
N ASN A 761 18.67 8.13 4.91
CA ASN A 761 19.85 8.66 4.22
C ASN A 761 20.83 9.34 5.17
N GLY A 762 20.44 9.56 6.43
CA GLY A 762 21.30 10.20 7.40
C GLY A 762 21.24 11.72 7.44
N ASP A 763 20.35 12.34 6.66
CA ASP A 763 20.23 13.79 6.58
C ASP A 763 19.20 14.28 7.60
N ASN A 764 19.59 15.18 8.49
CA ASN A 764 18.68 15.78 9.47
C ASN A 764 18.27 14.81 10.59
N PHE A 765 17.76 13.63 10.24
CA PHE A 765 17.53 12.57 11.20
C PHE A 765 18.55 11.48 10.95
N ARG A 766 19.04 10.86 12.01
CA ARG A 766 20.07 9.86 11.86
C ARG A 766 19.41 8.49 11.67
N THR A 767 20.08 7.61 10.93
CA THR A 767 19.51 6.30 10.68
C THR A 767 19.20 5.52 11.96
N GLN A 768 19.79 5.90 13.11
CA GLN A 768 19.46 5.22 14.35
C GLN A 768 18.01 5.43 14.78
N LYS A 769 17.32 6.42 14.23
CA LYS A 769 15.97 6.71 14.66
C LYS A 769 14.94 6.19 13.69
N LEU A 770 15.39 5.44 12.69
CA LEU A 770 14.49 4.99 11.62
C LEU A 770 13.44 4.02 12.17
N SER A 771 13.89 2.94 12.82
CA SER A 771 12.96 1.98 13.42
C SER A 771 11.90 2.68 14.26
N PHE A 772 12.33 3.64 15.08
CA PHE A 772 11.38 4.45 15.84
C PHE A 772 10.41 5.17 14.90
N ILE A 773 10.92 5.84 13.87
CA ILE A 773 10.06 6.59 12.96
C ILE A 773 9.11 5.64 12.23
N ILE A 774 9.67 4.60 11.62
CA ILE A 774 8.84 3.68 10.85
C ILE A 774 7.70 3.15 11.68
N ARG A 775 7.97 2.82 12.95
CA ARG A 775 6.94 2.22 13.76
C ARG A 775 5.89 3.24 14.16
N THR A 776 6.33 4.46 14.43
CA THR A 776 5.36 5.48 14.79
C THR A 776 4.43 5.79 13.61
N VAL A 777 5.02 5.97 12.43
CA VAL A 777 4.24 6.20 11.21
C VAL A 777 3.23 5.08 11.00
N GLY A 778 3.68 3.82 11.10
CA GLY A 778 2.84 2.67 10.80
C GLY A 778 1.77 2.33 11.82
N ARG A 779 1.77 2.98 12.99
CA ARG A 779 0.80 2.69 14.04
C ARG A 779 -0.55 3.34 13.75
N HIS A 780 -0.57 4.48 13.06
CA HIS A 780 -1.80 5.21 12.88
C HIS A 780 -2.28 5.11 11.44
N PHE A 781 -3.51 5.57 11.22
CA PHE A 781 -4.14 5.34 9.93
C PHE A 781 -3.41 6.02 8.77
N PRO A 782 -3.00 7.30 8.85
CA PRO A 782 -2.38 7.94 7.67
C PRO A 782 -1.14 7.22 7.19
N GLY A 783 -0.26 6.82 8.10
CA GLY A 783 0.94 6.18 7.65
C GLY A 783 0.94 4.66 7.57
N HIS A 784 -0.16 4.01 7.93
CA HIS A 784 -0.17 2.55 8.05
C HIS A 784 0.43 1.87 6.83
N LEU A 785 -0.21 2.04 5.66
CA LEU A 785 0.31 1.46 4.42
C LEU A 785 1.66 2.08 4.04
N LEU A 786 1.80 3.38 4.20
CA LEU A 786 3.06 4.05 3.86
C LEU A 786 4.27 3.39 4.51
N ALA A 787 4.16 3.02 5.78
CA ALA A 787 5.32 2.46 6.48
C ALA A 787 5.71 1.10 5.91
N TRP A 788 4.73 0.23 5.67
CA TRP A 788 5.02 -1.07 5.10
C TRP A 788 5.59 -0.95 3.69
N ASP A 789 5.13 0.03 2.91
CA ASP A 789 5.69 0.21 1.57
C ASP A 789 7.14 0.69 1.65
N PHE A 790 7.42 1.62 2.57
CA PHE A 790 8.80 2.07 2.76
C PHE A 790 9.71 0.89 3.10
N VAL A 791 9.22 -0.01 3.95
CA VAL A 791 10.01 -1.18 4.30
C VAL A 791 10.25 -2.05 3.09
N LYS A 792 9.19 -2.42 2.36
CA LYS A 792 9.34 -3.27 1.18
C LYS A 792 10.26 -2.62 0.13
N GLU A 793 9.98 -1.36 -0.24
CA GLU A 793 10.74 -0.73 -1.31
C GLU A 793 12.18 -0.42 -0.92
N ASN A 794 12.48 -0.32 0.37
CA ASN A 794 13.84 -0.04 0.81
C ASN A 794 14.47 -1.21 1.54
N TRP A 795 14.01 -2.43 1.29
CA TRP A 795 14.49 -3.57 2.05
C TRP A 795 15.99 -3.72 1.91
N ASN A 796 16.49 -3.66 0.66
CA ASN A 796 17.90 -3.93 0.45
C ASN A 796 18.79 -2.89 1.12
N LYS A 797 18.37 -1.61 1.12
CA LYS A 797 19.14 -0.59 1.83
C LYS A 797 19.05 -0.76 3.34
N LEU A 798 17.87 -1.10 3.86
CA LEU A 798 17.72 -1.45 5.27
C LEU A 798 18.72 -2.51 5.72
N VAL A 799 18.91 -3.57 4.92
CA VAL A 799 19.82 -4.65 5.28
C VAL A 799 21.27 -4.32 4.99
N GLN A 800 21.55 -3.23 4.28
CA GLN A 800 22.91 -2.70 4.28
C GLN A 800 23.23 -2.02 5.59
N LYS A 801 22.25 -1.33 6.20
CA LYS A 801 22.53 -0.57 7.40
C LYS A 801 22.41 -1.41 8.67
N PHE A 802 21.51 -2.39 8.68
CA PHE A 802 21.24 -3.22 9.85
C PHE A 802 21.33 -4.69 9.42
N PRO A 803 22.07 -5.52 10.14
CA PRO A 803 22.28 -6.88 9.66
C PRO A 803 20.96 -7.64 9.61
N LEU A 804 20.88 -8.52 8.62
CA LEU A 804 19.73 -9.40 8.53
C LEU A 804 19.64 -10.24 9.78
N GLY A 805 18.47 -10.19 10.43
CA GLY A 805 18.17 -10.94 11.62
C GLY A 805 18.27 -10.14 12.90
N SER A 806 18.93 -8.99 12.89
CA SER A 806 19.20 -8.25 14.11
C SER A 806 17.91 -7.64 14.65
N TYR A 807 18.00 -7.04 15.84
CA TYR A 807 16.79 -6.61 16.51
C TYR A 807 16.13 -5.46 15.77
N THR A 808 16.94 -4.55 15.21
CA THR A 808 16.40 -3.47 14.42
C THR A 808 15.48 -3.96 13.30
N ILE A 809 15.89 -5.05 12.63
CA ILE A 809 15.08 -5.61 11.56
C ILE A 809 13.84 -6.28 12.12
N GLN A 810 14.02 -7.18 13.10
CA GLN A 810 12.88 -7.78 13.78
C GLN A 810 11.87 -6.72 14.20
N ASN A 811 12.35 -5.63 14.77
CA ASN A 811 11.49 -4.56 15.23
C ASN A 811 10.75 -3.87 14.08
N ILE A 812 11.41 -3.72 12.93
CA ILE A 812 10.78 -3.13 11.75
C ILE A 812 9.73 -4.06 11.12
N VAL A 813 10.05 -5.36 11.02
CA VAL A 813 9.09 -6.31 10.43
C VAL A 813 7.84 -6.38 11.28
N ALA A 814 8.02 -6.49 12.59
CA ALA A 814 6.89 -6.57 13.51
C ALA A 814 6.07 -5.29 13.51
N GLY A 815 6.73 -4.13 13.55
CA GLY A 815 6.01 -2.89 13.75
C GLY A 815 5.26 -2.40 12.53
N SER A 816 5.62 -2.88 11.33
CA SER A 816 4.96 -2.49 10.10
C SER A 816 3.90 -3.46 9.64
N THR A 817 3.83 -4.66 10.27
CA THR A 817 2.96 -5.75 9.83
C THR A 817 1.85 -6.10 10.81
N TYR A 818 1.99 -5.78 12.11
CA TYR A 818 1.18 -6.48 13.12
C TYR A 818 -0.25 -5.94 13.24
N LEU A 819 -0.60 -4.88 12.54
CA LEU A 819 -1.97 -4.37 12.56
C LEU A 819 -2.74 -4.76 11.29
N PHE A 820 -2.14 -5.54 10.41
CA PHE A 820 -2.85 -6.15 9.29
C PHE A 820 -3.79 -7.25 9.80
N SER A 821 -5.01 -7.29 9.22
CA SER A 821 -6.03 -8.21 9.70
C SER A 821 -6.89 -8.78 8.58
N THR A 822 -6.34 -8.92 7.39
CA THR A 822 -7.08 -9.48 6.27
C THR A 822 -6.24 -10.52 5.56
N LYS A 823 -6.92 -11.55 5.09
CA LYS A 823 -6.40 -12.57 4.18
C LYS A 823 -5.56 -11.98 3.04
N THR A 824 -6.04 -10.88 2.45
CA THR A 824 -5.30 -10.26 1.36
C THR A 824 -3.94 -9.80 1.82
N HIS A 825 -3.92 -9.06 2.94
CA HIS A 825 -2.64 -8.60 3.49
C HIS A 825 -1.74 -9.76 3.91
N LEU A 826 -2.31 -10.82 4.49
CA LEU A 826 -1.49 -11.99 4.81
C LEU A 826 -0.75 -12.46 3.58
N SER A 827 -1.47 -12.67 2.49
CA SER A 827 -0.81 -13.17 1.27
C SER A 827 0.18 -12.14 0.73
N GLU A 828 -0.13 -10.85 0.85
CA GLU A 828 0.85 -9.86 0.41
C GLU A 828 2.14 -10.00 1.19
N VAL A 829 2.07 -10.01 2.53
CA VAL A 829 3.29 -10.04 3.31
C VAL A 829 4.06 -11.32 3.05
N GLN A 830 3.34 -12.44 2.99
CA GLN A 830 4.01 -13.71 2.74
C GLN A 830 4.73 -13.71 1.39
N ALA A 831 4.03 -13.26 0.33
CA ALA A 831 4.60 -13.29 -1.02
C ALA A 831 5.77 -12.33 -1.16
N PHE A 832 5.75 -11.20 -0.46
CA PHE A 832 6.91 -10.33 -0.55
C PHE A 832 8.12 -11.03 0.04
N PHE A 833 7.96 -11.72 1.17
CA PHE A 833 9.10 -12.33 1.82
C PHE A 833 9.58 -13.57 1.08
N GLU A 834 8.70 -14.25 0.34
CA GLU A 834 9.10 -15.37 -0.50
C GLU A 834 9.92 -14.94 -1.69
N ASN A 835 9.78 -13.70 -2.14
CA ASN A 835 10.61 -13.17 -3.22
C ASN A 835 12.04 -12.86 -2.78
N GLN A 836 12.32 -12.92 -1.48
CA GLN A 836 13.65 -12.73 -0.94
C GLN A 836 14.33 -14.09 -0.77
N SER A 837 15.57 -14.08 -0.30
CA SER A 837 16.34 -15.31 -0.11
C SER A 837 15.66 -16.19 0.95
N GLU A 838 15.93 -17.50 0.86
CA GLU A 838 15.28 -18.38 1.84
C GLU A 838 15.71 -17.99 3.25
N ALA A 839 16.99 -17.60 3.40
CA ALA A 839 17.48 -17.07 4.65
C ALA A 839 16.57 -15.98 5.18
N THR A 840 16.09 -15.10 4.30
CA THR A 840 15.14 -14.08 4.71
C THR A 840 13.75 -14.65 4.98
N PHE A 841 13.24 -15.52 4.09
CA PHE A 841 11.90 -16.06 4.30
C PHE A 841 11.81 -16.87 5.57
N ARG A 842 12.88 -17.59 5.92
CA ARG A 842 12.80 -18.45 7.10
C ARG A 842 13.30 -17.74 8.36
N LEU A 843 13.50 -16.42 8.31
CA LEU A 843 13.74 -15.65 9.54
C LEU A 843 12.55 -15.79 10.48
N ARG A 844 12.84 -15.99 11.77
CA ARG A 844 11.78 -16.23 12.73
CA ARG A 844 11.79 -16.22 12.76
C ARG A 844 10.85 -15.03 12.86
N CYS A 845 11.38 -13.80 12.73
CA CYS A 845 10.49 -12.64 12.87
C CYS A 845 9.51 -12.61 11.72
N VAL A 846 9.96 -13.02 10.54
CA VAL A 846 9.06 -13.05 9.39
C VAL A 846 7.95 -14.06 9.62
N GLN A 847 8.30 -15.25 10.13
CA GLN A 847 7.27 -16.26 10.40
C GLN A 847 6.35 -15.84 11.52
N GLU A 848 6.89 -15.19 12.57
CA GLU A 848 6.05 -14.70 13.66
C GLU A 848 5.11 -13.64 13.14
N ALA A 849 5.59 -12.81 12.21
CA ALA A 849 4.74 -11.78 11.62
C ALA A 849 3.55 -12.40 10.90
N LEU A 850 3.78 -13.47 10.12
CA LEU A 850 2.67 -14.11 9.42
C LEU A 850 1.66 -14.75 10.39
N GLU A 851 2.12 -15.31 11.51
CA GLU A 851 1.17 -15.90 12.46
C GLU A 851 0.34 -14.82 13.15
N VAL A 852 0.96 -13.69 13.50
CA VAL A 852 0.22 -12.59 14.13
C VAL A 852 -0.87 -12.07 13.22
N ILE A 853 -0.58 -11.91 11.92
CA ILE A 853 -1.67 -11.53 11.01
C ILE A 853 -2.77 -12.58 11.04
N GLN A 854 -2.39 -13.85 10.93
CA GLN A 854 -3.39 -14.92 10.95
CA GLN A 854 -3.37 -14.95 10.98
C GLN A 854 -4.24 -14.87 12.22
N LEU A 855 -3.65 -14.52 13.36
CA LEU A 855 -4.46 -14.43 14.58
C LEU A 855 -5.41 -13.24 14.53
N ASN A 856 -4.95 -12.11 13.95
CA ASN A 856 -5.82 -10.96 13.74
C ASN A 856 -7.04 -11.34 12.90
N ILE A 857 -6.80 -12.05 11.80
CA ILE A 857 -7.90 -12.51 10.96
C ILE A 857 -8.92 -13.29 11.78
N GLN A 858 -8.45 -14.20 12.63
CA GLN A 858 -9.37 -15.06 13.38
C GLN A 858 -10.03 -14.30 14.53
N TRP A 859 -9.26 -13.45 15.22
CA TRP A 859 -9.83 -12.63 16.29
C TRP A 859 -10.98 -11.78 15.75
N MET A 860 -10.81 -11.22 14.56
CA MET A 860 -11.90 -10.45 13.95
C MET A 860 -13.07 -11.36 13.57
N GLU A 861 -12.78 -12.56 13.07
CA GLU A 861 -13.85 -13.50 12.75
C GLU A 861 -14.68 -13.80 13.98
N LYS A 862 -14.03 -14.08 15.10
CA LYS A 862 -14.77 -14.48 16.29
C LYS A 862 -15.49 -13.31 16.96
N ASN A 863 -14.82 -12.16 17.11
CA ASN A 863 -15.29 -11.15 18.07
C ASN A 863 -15.93 -9.90 17.47
N LEU A 864 -15.93 -9.73 16.14
CA LEU A 864 -16.41 -8.46 15.56
C LEU A 864 -17.90 -8.24 15.81
N LYS A 865 -18.75 -9.20 15.44
CA LYS A 865 -20.18 -8.94 15.55
C LYS A 865 -20.61 -8.77 16.99
N SER A 866 -19.96 -9.46 17.93
CA SER A 866 -20.35 -9.26 19.31
C SER A 866 -19.77 -7.98 19.89
N LEU A 867 -18.60 -7.55 19.43
CA LEU A 867 -18.05 -6.26 19.82
C LEU A 867 -18.96 -5.11 19.37
N THR A 868 -19.52 -5.22 18.17
CA THR A 868 -20.51 -4.26 17.71
C THR A 868 -21.75 -4.22 18.61
N TRP A 869 -22.04 -5.32 19.31
CA TRP A 869 -23.21 -5.41 20.16
C TRP A 869 -23.00 -4.77 21.53
N TRP A 870 -21.93 -5.13 22.27
CA TRP A 870 -21.68 -4.53 23.58
C TRP A 870 -21.36 -3.04 23.50
N LEU A 871 -21.11 -2.52 22.30
CA LEU A 871 -20.91 -1.11 22.09
C LEU A 871 -22.10 -0.46 21.40
N ARG A 872 -23.13 -1.24 21.07
CA ARG A 872 -24.34 -0.75 20.42
C ARG A 872 -24.85 0.58 20.99
N THR A 873 -25.01 0.62 22.32
CA THR A 873 -25.47 1.80 23.06
C THR A 873 -25.70 1.36 24.51
N LYS B 5 -32.58 -35.01 -14.40
CA LYS B 5 -32.21 -35.20 -15.81
C LYS B 5 -30.87 -34.53 -16.10
N LEU B 6 -30.48 -34.49 -17.37
CA LEU B 6 -29.24 -33.86 -17.80
C LEU B 6 -29.60 -32.65 -18.65
N PHE B 7 -28.87 -31.54 -18.50
CA PHE B 7 -29.13 -30.42 -19.38
C PHE B 7 -28.75 -30.81 -20.81
N PRO B 8 -29.66 -30.66 -21.79
CA PRO B 8 -29.43 -31.21 -23.12
C PRO B 8 -28.47 -30.44 -24.03
N TRP B 9 -27.76 -29.45 -23.47
CA TRP B 9 -26.87 -28.57 -24.21
C TRP B 9 -25.65 -28.33 -23.34
N ALA B 10 -24.47 -28.28 -23.94
CA ALA B 10 -23.27 -28.06 -23.15
C ALA B 10 -22.46 -26.85 -23.63
N GLN B 11 -22.88 -26.20 -24.71
CA GLN B 11 -22.13 -25.12 -25.33
C GLN B 11 -22.67 -23.77 -24.88
N ILE B 12 -21.78 -22.77 -24.84
CA ILE B 12 -22.17 -21.43 -24.40
C ILE B 12 -23.06 -20.76 -25.43
N ARG B 13 -22.80 -20.99 -26.72
CA ARG B 13 -23.64 -20.45 -27.79
C ARG B 13 -24.91 -21.29 -27.93
N LEU B 14 -26.02 -20.61 -28.10
CA LEU B 14 -27.26 -21.33 -28.24
C LEU B 14 -27.29 -22.08 -29.56
N PRO B 15 -28.14 -23.08 -29.69
CA PRO B 15 -28.33 -23.70 -31.00
C PRO B 15 -28.91 -22.68 -31.97
N THR B 16 -28.83 -23.03 -33.25
CA THR B 16 -29.41 -22.26 -34.33
C THR B 16 -30.64 -22.90 -34.89
N ALA B 17 -31.08 -24.02 -34.31
CA ALA B 17 -32.21 -24.77 -34.85
C ALA B 17 -33.53 -24.01 -34.74
N VAL B 18 -33.65 -23.09 -33.77
CA VAL B 18 -34.90 -22.43 -33.45
C VAL B 18 -34.63 -20.94 -33.36
N VAL B 19 -35.32 -20.15 -34.18
CA VAL B 19 -35.17 -18.69 -34.15
C VAL B 19 -36.48 -18.02 -33.74
N PRO B 20 -36.42 -16.93 -32.98
CA PRO B 20 -37.66 -16.22 -32.63
C PRO B 20 -38.11 -15.37 -33.79
N LEU B 21 -39.43 -15.24 -33.89
CA LEU B 21 -40.08 -14.37 -34.86
C LEU B 21 -40.67 -13.14 -34.21
N ARG B 22 -41.38 -13.31 -33.10
CA ARG B 22 -41.98 -12.20 -32.36
C ARG B 22 -42.03 -12.54 -30.88
N TYR B 23 -41.76 -11.55 -30.04
CA TYR B 23 -41.91 -11.66 -28.61
C TYR B 23 -43.09 -10.82 -28.15
N GLU B 24 -43.67 -11.19 -27.02
CA GLU B 24 -44.76 -10.43 -26.40
C GLU B 24 -44.55 -10.54 -24.89
N LEU B 25 -43.95 -9.50 -24.32
CA LEU B 25 -43.59 -9.49 -22.92
C LEU B 25 -44.57 -8.58 -22.19
N SER B 26 -45.20 -9.13 -21.15
CA SER B 26 -46.14 -8.40 -20.30
C SER B 26 -45.54 -8.38 -18.92
N LEU B 27 -45.14 -7.19 -18.47
CA LEU B 27 -44.52 -7.03 -17.17
C LEU B 27 -45.45 -6.28 -16.24
N HIS B 28 -45.44 -6.72 -14.97
CA HIS B 28 -46.07 -5.98 -13.88
C HIS B 28 -45.02 -5.93 -12.78
N PRO B 29 -44.28 -4.82 -12.67
CA PRO B 29 -43.32 -4.66 -11.58
C PRO B 29 -43.86 -3.86 -10.41
N ASN B 30 -43.34 -4.13 -9.21
CA ASN B 30 -43.65 -3.35 -8.04
C ASN B 30 -42.38 -2.70 -7.52
N LEU B 31 -42.31 -1.37 -7.65
CA LEU B 31 -41.11 -0.63 -7.22
C LEU B 31 -41.04 -0.50 -5.71
N THR B 32 -42.19 -0.45 -5.04
CA THR B 32 -42.23 -0.68 -3.59
C THR B 32 -41.61 -2.04 -3.24
N SER B 33 -42.03 -3.10 -3.94
CA SER B 33 -41.63 -4.45 -3.58
C SER B 33 -40.26 -4.85 -4.10
N MET B 34 -39.76 -4.16 -5.14
CA MET B 34 -38.48 -4.52 -5.78
C MET B 34 -38.55 -5.92 -6.39
N THR B 35 -39.74 -6.29 -6.87
CA THR B 35 -39.99 -7.54 -7.54
C THR B 35 -40.93 -7.28 -8.70
N PHE B 36 -41.05 -8.26 -9.61
CA PHE B 36 -41.92 -8.09 -10.75
C PHE B 36 -42.40 -9.43 -11.28
N ARG B 37 -43.31 -9.37 -12.25
CA ARG B 37 -43.91 -10.54 -12.84
C ARG B 37 -44.02 -10.37 -14.35
N GLY B 38 -43.66 -11.43 -15.08
CA GLY B 38 -43.70 -11.37 -16.52
C GLY B 38 -44.43 -12.56 -17.11
N SER B 39 -44.73 -12.42 -18.39
CA SER B 39 -45.29 -13.48 -19.21
C SER B 39 -44.70 -13.21 -20.59
N VAL B 40 -43.70 -13.97 -20.95
CA VAL B 40 -43.10 -13.85 -22.25
C VAL B 40 -43.74 -14.88 -23.17
N THR B 41 -44.01 -14.48 -24.40
CA THR B 41 -44.70 -15.34 -25.36
C THR B 41 -43.96 -15.20 -26.68
N ILE B 42 -43.16 -16.20 -26.99
CA ILE B 42 -42.28 -16.17 -28.13
C ILE B 42 -42.89 -17.01 -29.24
N SER B 43 -43.08 -16.38 -30.39
CA SER B 43 -43.33 -17.08 -31.64
C SER B 43 -42.00 -17.60 -32.18
N VAL B 44 -41.85 -18.94 -32.27
CA VAL B 44 -40.59 -19.55 -32.65
C VAL B 44 -40.82 -20.48 -33.85
N GLN B 45 -39.92 -20.41 -34.81
CA GLN B 45 -39.95 -21.29 -35.98
C GLN B 45 -38.75 -22.22 -35.93
N ALA B 46 -39.02 -23.53 -35.96
CA ALA B 46 -37.96 -24.53 -36.02
C ALA B 46 -37.38 -24.61 -37.43
N LEU B 47 -36.05 -24.66 -37.49
CA LEU B 47 -35.34 -24.76 -38.76
C LEU B 47 -34.92 -26.19 -39.07
N GLN B 48 -34.90 -27.04 -38.05
CA GLN B 48 -34.62 -28.46 -38.20
C GLN B 48 -35.35 -29.18 -37.08
N VAL B 49 -35.32 -30.52 -37.15
CA VAL B 49 -36.03 -31.38 -36.19
C VAL B 49 -35.48 -31.22 -34.78
N THR B 50 -36.07 -30.36 -33.98
CA THR B 50 -35.53 -30.09 -32.67
C THR B 50 -36.33 -30.87 -31.61
N TRP B 51 -35.64 -31.32 -30.55
CA TRP B 51 -36.24 -32.00 -29.42
C TRP B 51 -36.35 -31.12 -28.18
N ASN B 52 -35.44 -30.14 -28.03
CA ASN B 52 -35.49 -29.18 -26.95
C ASN B 52 -35.20 -27.79 -27.49
N ILE B 53 -35.82 -26.78 -26.87
CA ILE B 53 -35.50 -25.38 -27.15
C ILE B 53 -34.54 -24.87 -26.07
N ILE B 54 -33.39 -24.37 -26.49
CA ILE B 54 -32.43 -23.81 -25.54
C ILE B 54 -32.56 -22.30 -25.59
N LEU B 55 -32.74 -21.73 -24.42
CA LEU B 55 -33.05 -20.33 -24.21
C LEU B 55 -32.09 -19.81 -23.14
N HIS B 56 -32.04 -18.48 -23.02
CA HIS B 56 -31.35 -17.83 -21.92
C HIS B 56 -32.34 -17.36 -20.88
N SER B 57 -32.05 -17.65 -19.62
CA SER B 57 -32.78 -17.02 -18.53
C SER B 57 -31.91 -17.12 -17.29
N THR B 58 -32.02 -16.10 -16.44
CA THR B 58 -31.25 -16.03 -15.20
C THR B 58 -32.14 -15.44 -14.13
N GLY B 59 -31.89 -15.88 -12.89
CA GLY B 59 -32.64 -15.42 -11.72
C GLY B 59 -34.15 -15.33 -11.86
N HIS B 60 -34.76 -16.31 -12.52
CA HIS B 60 -36.21 -16.31 -12.69
C HIS B 60 -36.84 -17.41 -11.86
N ASN B 61 -38.12 -17.20 -11.54
CA ASN B 61 -38.94 -18.16 -10.82
C ASN B 61 -40.02 -18.58 -11.82
N ILE B 62 -39.85 -19.74 -12.41
CA ILE B 62 -40.72 -20.24 -13.46
C ILE B 62 -41.91 -20.95 -12.82
N SER B 63 -43.11 -20.65 -13.30
CA SER B 63 -44.31 -21.31 -12.86
C SER B 63 -45.14 -21.93 -13.97
N ARG B 64 -44.96 -21.53 -15.23
CA ARG B 64 -45.76 -22.13 -16.30
C ARG B 64 -45.07 -21.91 -17.64
N VAL B 65 -44.72 -23.01 -18.31
CA VAL B 65 -44.25 -22.98 -19.68
C VAL B 65 -45.23 -23.79 -20.51
N THR B 66 -45.50 -23.34 -21.74
CA THR B 66 -46.58 -23.92 -22.52
C THR B 66 -46.30 -23.82 -24.03
N PHE B 67 -46.91 -24.72 -24.79
CA PHE B 67 -47.06 -24.58 -26.24
C PHE B 67 -48.54 -24.37 -26.57
N MET B 68 -48.83 -23.52 -27.54
CA MET B 68 -50.22 -23.09 -27.75
C MET B 68 -50.58 -23.01 -29.23
N SER B 69 -51.89 -22.74 -29.45
CA SER B 69 -52.58 -22.78 -30.76
C SER B 69 -51.81 -22.24 -31.97
N SER B 72 -57.17 -22.90 -32.75
CA SER B 72 -56.77 -24.26 -32.38
C SER B 72 -57.07 -24.49 -30.89
N SER B 73 -56.61 -23.55 -30.06
CA SER B 73 -56.90 -23.50 -28.62
C SER B 73 -56.65 -24.84 -27.93
N GLN B 74 -55.34 -25.21 -27.85
CA GLN B 74 -54.90 -26.43 -27.13
C GLN B 74 -53.55 -26.18 -26.45
N GLU B 75 -53.58 -25.32 -25.44
CA GLU B 75 -52.38 -25.06 -24.64
C GLU B 75 -51.89 -26.34 -23.98
N LYS B 76 -50.59 -26.63 -24.13
CA LYS B 76 -49.99 -27.84 -23.57
C LYS B 76 -48.77 -27.51 -22.73
N GLN B 77 -48.70 -28.11 -21.54
CA GLN B 77 -47.61 -27.88 -20.60
C GLN B 77 -46.30 -28.49 -21.10
N ALA B 78 -45.17 -28.00 -20.58
CA ALA B 78 -43.85 -28.48 -20.95
C ALA B 78 -42.93 -28.51 -19.72
N GLU B 79 -41.97 -29.43 -19.78
CA GLU B 79 -40.98 -29.58 -18.73
C GLU B 79 -39.83 -28.61 -18.96
N ILE B 80 -39.35 -28.00 -17.89
CA ILE B 80 -38.27 -27.03 -17.96
C ILE B 80 -37.08 -27.57 -17.19
N LEU B 81 -35.91 -27.47 -17.81
CA LEU B 81 -34.62 -27.81 -17.24
C LEU B 81 -33.76 -26.56 -17.15
N GLU B 82 -32.80 -26.55 -16.23
CA GLU B 82 -32.02 -25.35 -15.96
C GLU B 82 -30.54 -25.64 -15.85
N TYR B 83 -29.73 -24.80 -16.49
CA TYR B 83 -28.27 -24.88 -16.35
C TYR B 83 -27.81 -23.47 -15.96
N ALA B 84 -27.53 -23.29 -14.67
CA ALA B 84 -27.23 -21.96 -14.15
C ALA B 84 -25.89 -21.45 -14.66
N TYR B 85 -24.88 -22.34 -14.75
CA TYR B 85 -23.53 -21.92 -15.11
C TYR B 85 -23.53 -21.12 -16.42
N HIS B 86 -24.25 -21.61 -17.42
CA HIS B 86 -24.35 -20.94 -18.71
C HIS B 86 -25.55 -20.01 -18.79
N GLY B 87 -26.24 -19.75 -17.69
CA GLY B 87 -27.43 -18.93 -17.75
C GLY B 87 -28.47 -19.39 -18.76
N GLN B 88 -28.58 -20.70 -18.97
CA GLN B 88 -29.49 -21.26 -19.96
C GLN B 88 -30.68 -21.99 -19.33
N ILE B 89 -31.78 -22.00 -20.04
CA ILE B 89 -32.90 -22.87 -19.71
C ILE B 89 -33.16 -23.71 -20.95
N ALA B 90 -33.80 -24.85 -20.74
CA ALA B 90 -34.14 -25.76 -21.82
C ALA B 90 -35.61 -26.12 -21.68
N ILE B 91 -36.37 -25.93 -22.74
CA ILE B 91 -37.75 -26.37 -22.78
C ILE B 91 -37.78 -27.67 -23.56
N VAL B 92 -38.24 -28.74 -22.92
CA VAL B 92 -38.32 -30.08 -23.50
C VAL B 92 -39.67 -30.18 -24.21
N ALA B 93 -39.64 -30.13 -25.53
CA ALA B 93 -40.89 -30.27 -26.29
C ALA B 93 -41.50 -31.65 -26.02
N PRO B 94 -42.82 -31.73 -25.87
CA PRO B 94 -43.45 -33.06 -25.71
C PRO B 94 -43.31 -33.92 -26.97
N GLU B 95 -43.53 -33.32 -28.14
CA GLU B 95 -43.23 -33.96 -29.41
C GLU B 95 -42.39 -33.01 -30.25
N ALA B 96 -41.48 -33.57 -31.04
CA ALA B 96 -40.43 -32.81 -31.70
C ALA B 96 -40.98 -31.69 -32.57
N LEU B 97 -40.21 -30.60 -32.65
CA LEU B 97 -40.53 -29.52 -33.57
C LEU B 97 -40.10 -29.92 -34.98
N LEU B 98 -40.92 -29.57 -35.96
CA LEU B 98 -40.72 -29.99 -37.36
C LEU B 98 -40.15 -28.86 -38.19
N ALA B 99 -39.16 -29.18 -39.02
CA ALA B 99 -38.50 -28.17 -39.85
C ALA B 99 -39.51 -27.28 -40.57
N GLY B 100 -39.26 -25.98 -40.53
CA GLY B 100 -40.09 -25.03 -41.24
C GLY B 100 -41.43 -24.73 -40.60
N HIS B 101 -41.75 -25.37 -39.47
CA HIS B 101 -43.01 -25.19 -38.78
C HIS B 101 -42.91 -24.06 -37.74
N ASN B 102 -44.06 -23.49 -37.42
CA ASN B 102 -44.17 -22.47 -36.40
C ASN B 102 -44.72 -23.04 -35.11
N TYR B 103 -44.14 -22.62 -34.00
CA TYR B 103 -44.62 -22.99 -32.67
C TYR B 103 -44.73 -21.70 -31.85
N THR B 104 -45.42 -21.81 -30.72
CA THR B 104 -45.65 -20.65 -29.87
C THR B 104 -45.49 -21.08 -28.43
N LEU B 105 -44.49 -20.51 -27.74
CA LEU B 105 -44.11 -20.92 -26.40
C LEU B 105 -44.30 -19.75 -25.45
N LYS B 106 -44.92 -20.02 -24.30
CA LYS B 106 -45.28 -19.01 -23.31
C LYS B 106 -44.68 -19.39 -21.97
N ILE B 107 -43.81 -18.51 -21.43
CA ILE B 107 -43.19 -18.72 -20.12
C ILE B 107 -43.74 -17.68 -19.17
N GLU B 108 -44.08 -18.12 -17.96
CA GLU B 108 -44.65 -17.26 -16.94
C GLU B 108 -43.80 -17.38 -15.70
N TYR B 109 -43.39 -16.22 -15.17
CA TYR B 109 -42.33 -16.20 -14.19
C TYR B 109 -42.46 -14.99 -13.28
N SER B 110 -41.68 -15.05 -12.21
CA SER B 110 -41.51 -14.02 -11.21
C SER B 110 -40.01 -13.82 -11.03
N ALA B 111 -39.61 -12.61 -10.60
CA ALA B 111 -38.19 -12.34 -10.40
C ALA B 111 -38.03 -11.10 -9.52
N ASN B 112 -36.79 -10.82 -9.16
CA ASN B 112 -36.41 -9.61 -8.44
C ASN B 112 -36.02 -8.53 -9.42
N ILE B 113 -36.37 -7.29 -9.10
CA ILE B 113 -35.79 -6.14 -9.78
C ILE B 113 -34.41 -5.93 -9.21
N SER B 114 -33.47 -5.53 -10.05
CA SER B 114 -32.08 -5.65 -9.68
C SER B 114 -31.66 -4.50 -8.78
N SER B 115 -30.73 -4.79 -7.88
CA SER B 115 -30.04 -3.84 -7.02
C SER B 115 -28.79 -3.29 -7.67
N SER B 116 -28.33 -3.92 -8.75
CA SER B 116 -27.16 -3.46 -9.51
C SER B 116 -27.58 -2.42 -10.54
N TYR B 117 -26.64 -2.03 -11.42
CA TYR B 117 -26.90 -1.11 -12.51
C TYR B 117 -27.29 -1.84 -13.80
N TYR B 118 -27.47 -3.15 -13.72
CA TYR B 118 -27.50 -4.03 -14.87
CA TYR B 118 -27.55 -3.99 -14.90
C TYR B 118 -28.83 -4.79 -14.87
N GLY B 119 -29.51 -4.82 -16.01
CA GLY B 119 -30.76 -5.55 -16.11
C GLY B 119 -31.96 -4.65 -15.94
N PHE B 120 -33.06 -5.25 -15.47
CA PHE B 120 -34.20 -4.45 -15.04
C PHE B 120 -33.92 -4.07 -13.60
N TYR B 121 -33.53 -2.82 -13.38
CA TYR B 121 -33.04 -2.39 -12.08
C TYR B 121 -33.86 -1.20 -11.58
N GLY B 122 -33.77 -0.99 -10.28
CA GLY B 122 -34.57 0.02 -9.63
C GLY B 122 -33.84 0.63 -8.45
N PHE B 123 -34.15 1.89 -8.18
CA PHE B 123 -33.48 2.66 -7.14
C PHE B 123 -34.45 3.74 -6.69
N SER B 124 -34.08 4.45 -5.62
CA SER B 124 -34.84 5.62 -5.21
C SER B 124 -33.94 6.79 -4.88
N TYR B 125 -34.44 7.98 -5.22
CA TYR B 125 -33.80 9.24 -4.94
C TYR B 125 -34.74 10.11 -4.11
N THR B 126 -34.17 10.87 -3.19
CA THR B 126 -34.92 11.90 -2.49
C THR B 126 -34.91 13.19 -3.31
N ASP B 127 -36.07 13.82 -3.43
CA ASP B 127 -36.22 14.94 -4.37
C ASP B 127 -36.17 16.31 -3.66
N GLU B 128 -36.73 17.33 -4.34
CA GLU B 128 -36.86 18.69 -3.80
C GLU B 128 -37.35 18.72 -2.36
N SER B 129 -38.47 18.04 -2.10
CA SER B 129 -39.24 18.21 -0.89
C SER B 129 -39.05 17.07 0.10
N ASN B 130 -37.90 16.42 0.03
CA ASN B 130 -37.62 15.22 0.81
C ASN B 130 -38.71 14.18 0.65
N GLU B 131 -39.24 14.08 -0.58
CA GLU B 131 -40.16 13.01 -0.97
C GLU B 131 -39.36 11.91 -1.64
N LYS B 132 -39.48 10.69 -1.13
CA LYS B 132 -38.85 9.56 -1.80
C LYS B 132 -39.60 9.24 -3.08
N LYS B 133 -38.86 9.20 -4.19
CA LYS B 133 -39.41 8.85 -5.48
C LYS B 133 -38.74 7.57 -5.96
N TYR B 134 -39.47 6.76 -6.72
CA TYR B 134 -38.95 5.49 -7.19
C TYR B 134 -38.86 5.46 -8.71
N PHE B 135 -37.82 4.78 -9.19
CA PHE B 135 -37.47 4.74 -10.59
C PHE B 135 -36.99 3.34 -10.93
N ALA B 136 -37.33 2.88 -12.11
CA ALA B 136 -36.90 1.57 -12.58
C ALA B 136 -36.59 1.70 -14.07
N ALA B 137 -35.48 1.10 -14.48
CA ALA B 137 -34.98 1.25 -15.83
C ALA B 137 -34.33 -0.05 -16.29
N THR B 138 -34.08 -0.16 -17.60
CA THR B 138 -33.36 -1.29 -18.16
C THR B 138 -31.95 -0.89 -18.57
N GLN B 139 -31.03 -1.84 -18.44
CA GLN B 139 -29.68 -1.75 -18.99
C GLN B 139 -29.35 -3.18 -19.41
N PHE B 140 -29.45 -3.47 -20.69
CA PHE B 140 -29.39 -4.85 -21.15
C PHE B 140 -28.08 -5.18 -21.83
N GLU B 141 -27.53 -4.26 -22.60
CA GLU B 141 -26.27 -4.49 -23.29
C GLU B 141 -25.12 -4.64 -22.30
N PRO B 142 -24.28 -5.68 -22.42
CA PRO B 142 -24.32 -6.73 -23.45
C PRO B 142 -25.24 -7.92 -23.20
N LEU B 143 -25.31 -8.46 -21.96
CA LEU B 143 -25.87 -9.79 -21.76
C LEU B 143 -26.82 -9.85 -20.58
N ALA B 144 -27.65 -8.82 -20.37
CA ALA B 144 -28.50 -8.80 -19.19
C ALA B 144 -29.99 -8.99 -19.47
N ALA B 145 -30.42 -8.95 -20.74
CA ALA B 145 -31.84 -9.17 -21.05
C ALA B 145 -32.32 -10.49 -20.46
N ARG B 146 -31.47 -11.51 -20.50
CA ARG B 146 -31.82 -12.82 -19.97
C ARG B 146 -32.21 -12.78 -18.50
N SER B 147 -31.91 -11.69 -17.79
CA SER B 147 -32.32 -11.55 -16.42
C SER B 147 -33.74 -11.00 -16.29
N ALA B 148 -34.20 -10.27 -17.31
CA ALA B 148 -35.54 -9.71 -17.29
C ALA B 148 -36.58 -10.68 -17.85
N PHE B 149 -36.33 -11.21 -19.02
CA PHE B 149 -37.25 -12.15 -19.67
C PHE B 149 -36.46 -13.27 -20.32
N PRO B 150 -37.01 -14.48 -20.34
CA PRO B 150 -36.33 -15.57 -21.06
C PRO B 150 -36.37 -15.28 -22.55
N CYS B 151 -35.19 -15.25 -23.17
CA CYS B 151 -35.08 -14.94 -24.59
C CYS B 151 -33.90 -15.66 -25.18
N PHE B 152 -33.75 -15.48 -26.50
CA PHE B 152 -32.54 -15.83 -27.26
C PHE B 152 -31.59 -14.65 -27.15
N ASP B 153 -30.77 -14.63 -26.11
CA ASP B 153 -30.05 -13.40 -25.76
C ASP B 153 -28.71 -13.29 -26.50
N GLU B 154 -28.79 -13.42 -27.81
CA GLU B 154 -27.64 -13.30 -28.69
C GLU B 154 -28.06 -12.33 -29.79
N PRO B 155 -27.22 -11.34 -30.11
CA PRO B 155 -27.70 -10.23 -30.95
C PRO B 155 -28.05 -10.62 -32.38
N ALA B 156 -27.75 -11.84 -32.83
CA ALA B 156 -28.13 -12.23 -34.20
C ALA B 156 -29.56 -12.75 -34.31
N PHE B 157 -30.19 -13.11 -33.19
CA PHE B 157 -31.60 -13.48 -33.14
C PHE B 157 -32.47 -12.23 -33.06
N LYS B 158 -32.58 -11.54 -34.20
CA LYS B 158 -33.46 -10.39 -34.26
C LYS B 158 -34.92 -10.84 -34.32
N ALA B 159 -35.76 -10.15 -33.55
CA ALA B 159 -37.18 -10.42 -33.48
C ALA B 159 -37.93 -9.08 -33.48
N THR B 160 -39.26 -9.14 -33.38
CA THR B 160 -40.08 -7.96 -33.10
C THR B 160 -40.76 -8.14 -31.75
N PHE B 161 -40.84 -7.07 -30.98
CA PHE B 161 -41.27 -7.14 -29.60
C PHE B 161 -42.50 -6.30 -29.39
N ILE B 162 -43.42 -6.83 -28.59
CA ILE B 162 -44.58 -6.10 -28.12
C ILE B 162 -44.48 -6.04 -26.61
N ILE B 163 -44.21 -4.83 -26.06
CA ILE B 163 -44.10 -4.63 -24.62
C ILE B 163 -45.45 -4.21 -24.05
N LYS B 164 -45.80 -4.75 -22.88
CA LYS B 164 -46.97 -4.33 -22.12
C LYS B 164 -46.57 -4.22 -20.66
N ILE B 165 -46.57 -2.99 -20.14
CA ILE B 165 -46.25 -2.70 -18.75
C ILE B 165 -47.53 -2.30 -18.04
N ILE B 166 -47.68 -2.78 -16.83
CA ILE B 166 -48.77 -2.34 -15.98
C ILE B 166 -48.18 -1.47 -14.89
N ARG B 167 -48.70 -0.24 -14.78
CA ARG B 167 -48.13 0.81 -13.95
C ARG B 167 -49.25 1.51 -13.18
N ASP B 168 -48.83 2.29 -12.19
CA ASP B 168 -49.69 3.26 -11.53
C ASP B 168 -49.94 4.46 -12.43
N GLU B 169 -50.96 5.24 -12.06
CA GLU B 169 -51.32 6.39 -12.87
C GLU B 169 -50.28 7.50 -12.73
N GLN B 170 -49.69 7.64 -11.53
CA GLN B 170 -48.70 8.68 -11.31
C GLN B 170 -47.43 8.41 -12.10
N TYR B 171 -47.00 7.15 -12.16
CA TYR B 171 -45.79 6.79 -12.88
C TYR B 171 -45.98 6.92 -14.38
N THR B 172 -44.87 7.08 -15.09
CA THR B 172 -44.83 6.99 -16.53
C THR B 172 -44.08 5.73 -16.95
N ALA B 173 -44.53 5.11 -18.05
CA ALA B 173 -43.91 3.92 -18.61
C ALA B 173 -43.49 4.21 -20.04
N LEU B 174 -42.19 4.18 -20.29
CA LEU B 174 -41.64 4.39 -21.60
C LEU B 174 -41.08 3.07 -22.14
N SER B 175 -41.01 2.99 -23.46
CA SER B 175 -40.38 1.84 -24.10
C SER B 175 -40.00 2.23 -25.51
N ASN B 176 -39.39 1.28 -26.21
CA ASN B 176 -38.84 1.55 -27.52
C ASN B 176 -39.90 2.15 -28.44
N MET B 177 -40.99 1.49 -28.59
CA MET B 177 -41.95 1.93 -29.58
C MET B 177 -42.96 2.88 -28.94
N PRO B 178 -43.67 3.68 -29.74
CA PRO B 178 -44.62 4.62 -29.14
C PRO B 178 -45.80 3.87 -28.58
N LYS B 179 -46.41 4.43 -27.55
CA LYS B 179 -47.60 3.82 -26.97
C LYS B 179 -48.76 3.82 -27.97
N LYS B 180 -49.35 2.64 -28.18
CA LYS B 180 -50.55 2.50 -28.99
C LYS B 180 -51.83 2.46 -28.16
N SER B 181 -51.73 2.26 -26.86
CA SER B 181 -52.91 2.10 -26.04
C SER B 181 -52.53 2.18 -24.57
N SER B 182 -53.50 2.64 -23.78
CA SER B 182 -53.37 2.66 -22.33
C SER B 182 -54.78 2.50 -21.76
N VAL B 183 -54.94 1.59 -20.81
CA VAL B 183 -56.26 1.17 -20.37
C VAL B 183 -56.26 1.01 -18.85
N VAL B 184 -57.28 1.55 -18.19
CA VAL B 184 -57.53 1.26 -16.78
C VAL B 184 -58.15 -0.12 -16.70
N LEU B 185 -57.54 -0.99 -15.90
CA LEU B 185 -58.04 -2.35 -15.74
C LEU B 185 -58.92 -2.44 -14.48
N ASP B 186 -59.33 -3.68 -14.12
CA ASP B 186 -60.37 -3.89 -13.14
C ASP B 186 -60.00 -3.34 -11.77
N ASP B 187 -58.72 -3.47 -11.36
CA ASP B 187 -58.24 -2.58 -10.29
C ASP B 187 -57.44 -1.44 -10.90
N GLY B 188 -57.32 -0.36 -10.12
CA GLY B 188 -57.03 0.96 -10.66
C GLY B 188 -55.81 1.15 -11.54
N LEU B 189 -54.90 0.18 -11.57
CA LEU B 189 -53.67 0.34 -12.32
C LEU B 189 -53.94 0.35 -13.81
N VAL B 190 -52.91 0.76 -14.56
CA VAL B 190 -53.04 1.00 -15.98
C VAL B 190 -52.22 -0.02 -16.75
N GLN B 191 -52.74 -0.42 -17.91
CA GLN B 191 -52.06 -1.30 -18.85
C GLN B 191 -51.64 -0.45 -20.04
N ASP B 192 -50.34 -0.19 -20.12
CA ASP B 192 -49.77 0.40 -21.32
C ASP B 192 -49.40 -0.72 -22.28
N GLU B 193 -49.66 -0.49 -23.56
CA GLU B 193 -49.17 -1.35 -24.62
C GLU B 193 -48.54 -0.51 -25.71
N PHE B 194 -47.33 -0.87 -26.07
CA PHE B 194 -46.63 -0.13 -27.09
C PHE B 194 -46.70 -0.89 -28.40
N SER B 195 -46.67 -0.14 -29.51
CA SER B 195 -46.72 -0.71 -30.85
C SER B 195 -45.71 -1.85 -31.03
N GLU B 196 -45.99 -2.71 -32.00
CA GLU B 196 -45.04 -3.76 -32.29
C GLU B 196 -43.82 -3.16 -32.95
N SER B 197 -42.64 -3.57 -32.47
CA SER B 197 -41.36 -2.95 -32.84
C SER B 197 -40.93 -3.38 -34.24
N VAL B 198 -39.81 -2.81 -34.68
CA VAL B 198 -39.12 -3.29 -35.86
C VAL B 198 -38.25 -4.48 -35.45
N LYS B 199 -37.60 -5.12 -36.43
CA LYS B 199 -36.67 -6.22 -36.15
C LYS B 199 -35.42 -5.67 -35.44
N MET B 200 -35.19 -6.13 -34.21
CA MET B 200 -34.12 -5.60 -33.40
C MET B 200 -33.59 -6.68 -32.48
N SER B 201 -32.37 -6.48 -31.98
CA SER B 201 -31.81 -7.42 -31.02
C SER B 201 -32.44 -7.24 -29.64
N THR B 202 -32.35 -8.29 -28.84
CA THR B 202 -32.94 -8.28 -27.50
C THR B 202 -32.24 -7.28 -26.60
N TYR B 203 -30.91 -7.17 -26.72
CA TYR B 203 -30.15 -6.22 -25.89
C TYR B 203 -30.59 -4.77 -26.08
N LEU B 204 -31.39 -4.47 -27.11
CA LEU B 204 -31.87 -3.12 -27.36
C LEU B 204 -33.22 -2.85 -26.73
N VAL B 205 -33.90 -3.88 -26.25
CA VAL B 205 -35.19 -3.70 -25.62
C VAL B 205 -35.00 -2.78 -24.44
N ALA B 206 -35.91 -1.85 -24.25
CA ALA B 206 -35.80 -0.99 -23.08
C ALA B 206 -37.18 -0.69 -22.52
N PHE B 207 -37.27 -0.64 -21.20
CA PHE B 207 -38.48 -0.11 -20.61
C PHE B 207 -38.11 0.61 -19.31
N ILE B 208 -38.74 1.77 -19.12
CA ILE B 208 -38.50 2.68 -18.00
C ILE B 208 -39.81 2.94 -17.29
N VAL B 209 -39.77 2.98 -15.96
CA VAL B 209 -40.93 3.29 -15.13
C VAL B 209 -40.51 4.20 -13.99
N GLY B 210 -41.04 5.41 -13.98
CA GLY B 210 -40.68 6.41 -12.98
C GLY B 210 -41.48 7.69 -13.22
N GLU B 211 -41.30 8.65 -12.31
CA GLU B 211 -42.02 9.91 -12.50
C GLU B 211 -41.13 10.92 -13.21
N MET B 212 -41.67 11.48 -14.30
CA MET B 212 -40.93 12.33 -15.22
C MET B 212 -41.82 13.42 -15.79
N LYS B 213 -41.21 14.32 -16.57
CA LYS B 213 -41.88 15.33 -17.39
C LYS B 213 -41.25 15.26 -18.78
N ASN B 214 -41.65 16.15 -19.69
CA ASN B 214 -41.05 16.07 -21.03
C ASN B 214 -41.09 17.42 -21.75
N LEU B 215 -40.12 17.60 -22.65
CA LEU B 215 -40.00 18.74 -23.55
C LEU B 215 -39.88 18.19 -24.98
N SER B 216 -40.92 18.37 -25.79
CA SER B 216 -41.01 17.68 -27.07
C SER B 216 -41.16 18.64 -28.25
N GLN B 217 -40.88 18.10 -29.42
CA GLN B 217 -40.87 18.87 -30.67
C GLN B 217 -40.99 17.93 -31.85
N ASP B 218 -41.90 18.23 -32.76
CA ASP B 218 -42.12 17.39 -33.94
C ASP B 218 -41.09 17.74 -35.03
N VAL B 219 -40.42 16.72 -35.57
CA VAL B 219 -39.40 16.89 -36.61
C VAL B 219 -39.85 16.09 -37.83
N ASN B 220 -40.53 16.74 -38.78
CA ASN B 220 -41.16 16.05 -39.91
C ASN B 220 -42.10 15.01 -39.31
N GLY B 221 -41.92 13.74 -39.63
CA GLY B 221 -42.74 12.69 -39.04
C GLY B 221 -42.52 12.53 -37.55
N THR B 222 -41.25 12.47 -37.12
CA THR B 222 -40.85 12.02 -35.79
C THR B 222 -41.05 13.09 -34.72
N LEU B 223 -41.43 12.66 -33.50
CA LEU B 223 -41.61 13.56 -32.36
C LEU B 223 -40.53 13.30 -31.29
N VAL B 224 -39.48 14.10 -31.34
CA VAL B 224 -38.36 14.00 -30.40
C VAL B 224 -38.77 14.56 -29.05
N SER B 225 -38.38 13.88 -27.99
CA SER B 225 -38.68 14.35 -26.65
C SER B 225 -37.50 14.08 -25.72
N ILE B 226 -37.34 14.95 -24.73
CA ILE B 226 -36.36 14.77 -23.67
C ILE B 226 -37.10 14.66 -22.37
N TYR B 227 -36.85 13.60 -21.63
CA TYR B 227 -37.48 13.35 -20.35
C TYR B 227 -36.45 13.46 -19.25
N ALA B 228 -36.91 13.93 -18.10
CA ALA B 228 -36.08 14.05 -16.92
C ALA B 228 -37.02 14.02 -15.73
N VAL B 229 -36.46 13.80 -14.53
CA VAL B 229 -37.28 13.89 -13.32
C VAL B 229 -37.72 15.34 -13.16
N PRO B 230 -38.89 15.60 -12.57
CA PRO B 230 -39.48 16.95 -12.70
C PRO B 230 -38.58 18.05 -12.20
N GLU B 231 -37.83 17.84 -11.10
CA GLU B 231 -36.99 18.89 -10.56
C GLU B 231 -35.98 19.42 -11.60
N LYS B 232 -35.62 18.62 -12.60
CA LYS B 232 -34.54 18.96 -13.53
C LYS B 232 -35.03 19.24 -14.95
N ILE B 233 -36.34 19.32 -15.20
CA ILE B 233 -36.82 19.53 -16.56
C ILE B 233 -36.40 20.88 -17.15
N GLY B 234 -35.85 21.80 -16.35
CA GLY B 234 -35.40 23.08 -16.89
C GLY B 234 -34.12 22.99 -17.68
N GLN B 235 -33.36 21.91 -17.50
CA GLN B 235 -32.04 21.75 -18.09
C GLN B 235 -32.05 20.87 -19.35
N VAL B 236 -33.19 20.77 -20.05
CA VAL B 236 -33.30 19.88 -21.20
C VAL B 236 -33.28 20.62 -22.53
N HIS B 237 -33.26 21.95 -22.54
CA HIS B 237 -33.49 22.66 -23.79
C HIS B 237 -32.35 22.43 -24.76
N TYR B 238 -31.10 22.47 -24.27
CA TYR B 238 -29.94 22.23 -25.13
C TYR B 238 -30.00 20.84 -25.77
N ALA B 239 -30.28 19.80 -24.98
CA ALA B 239 -30.39 18.45 -25.55
C ALA B 239 -31.43 18.41 -26.65
N LEU B 240 -32.60 18.97 -26.41
CA LEU B 240 -33.65 18.93 -27.44
C LEU B 240 -33.16 19.52 -28.74
N GLU B 241 -32.51 20.70 -28.70
CA GLU B 241 -32.17 21.39 -29.94
C GLU B 241 -30.96 20.75 -30.62
N THR B 242 -30.02 20.24 -29.82
CA THR B 242 -28.94 19.44 -30.40
C THR B 242 -29.50 18.21 -31.11
N THR B 243 -30.36 17.45 -30.42
CA THR B 243 -30.92 16.23 -31.00
C THR B 243 -31.60 16.53 -32.33
N VAL B 244 -32.33 17.65 -32.41
CA VAL B 244 -33.05 17.96 -33.63
C VAL B 244 -32.08 18.29 -34.75
N LYS B 245 -31.01 19.03 -34.44
CA LYS B 245 -29.99 19.35 -35.45
C LYS B 245 -29.29 18.09 -35.95
N LEU B 246 -28.83 17.24 -35.03
CA LEU B 246 -28.07 16.07 -35.44
C LEU B 246 -28.95 15.09 -36.20
N LEU B 247 -30.13 14.79 -35.67
CA LEU B 247 -31.07 13.93 -36.37
C LEU B 247 -31.24 14.38 -37.83
N GLU B 248 -31.48 15.69 -38.04
CA GLU B 248 -31.57 16.19 -39.41
C GLU B 248 -30.28 15.99 -40.18
N PHE B 249 -29.13 16.05 -39.49
CA PHE B 249 -27.87 15.83 -40.18
C PHE B 249 -27.73 14.37 -40.61
N PHE B 250 -28.00 13.45 -39.68
CA PHE B 250 -27.84 12.02 -39.93
C PHE B 250 -28.80 11.53 -41.03
N GLN B 251 -30.05 12.00 -41.01
CA GLN B 251 -30.99 11.55 -42.03
C GLN B 251 -30.55 11.98 -43.43
N ASN B 252 -29.93 13.16 -43.56
CA ASN B 252 -29.47 13.61 -44.87
CA ASN B 252 -29.48 13.60 -44.87
C ASN B 252 -28.16 12.94 -45.29
N TYR B 253 -27.30 12.56 -44.34
CA TYR B 253 -26.04 11.93 -44.73
C TYR B 253 -26.26 10.47 -45.07
N PHE B 254 -26.98 9.73 -44.21
CA PHE B 254 -27.18 8.32 -44.42
C PHE B 254 -28.22 8.04 -45.50
N GLU B 255 -29.03 9.04 -45.85
CA GLU B 255 -30.08 8.88 -46.85
C GLU B 255 -31.04 7.75 -46.47
N ILE B 256 -31.36 7.67 -45.18
CA ILE B 256 -32.32 6.72 -44.63
C ILE B 256 -32.97 7.40 -43.44
N GLN B 257 -34.29 7.50 -43.45
CA GLN B 257 -35.00 8.18 -42.38
C GLN B 257 -34.97 7.36 -41.09
N TYR B 258 -35.05 8.06 -39.97
CA TYR B 258 -35.27 7.40 -38.69
C TYR B 258 -36.64 6.72 -38.75
N PRO B 259 -36.73 5.43 -38.48
CA PRO B 259 -37.96 4.70 -38.83
C PRO B 259 -39.10 4.90 -37.84
N LEU B 260 -38.79 5.07 -36.56
CA LEU B 260 -39.84 5.14 -35.56
C LEU B 260 -40.46 6.54 -35.55
N LYS B 261 -41.69 6.63 -35.05
CA LYS B 261 -42.38 7.91 -35.02
C LYS B 261 -42.07 8.68 -33.74
N LYS B 262 -41.48 8.02 -32.76
CA LYS B 262 -41.07 8.63 -31.51
C LYS B 262 -39.59 8.36 -31.29
N LEU B 263 -38.84 9.42 -30.98
CA LEU B 263 -37.47 9.33 -30.50
C LEU B 263 -37.43 9.94 -29.11
N ASP B 264 -37.00 9.14 -28.13
CA ASP B 264 -36.96 9.56 -26.73
C ASP B 264 -35.54 9.51 -26.17
N LEU B 265 -35.19 10.56 -25.41
CA LEU B 265 -33.94 10.65 -24.67
C LEU B 265 -34.32 10.88 -23.22
N VAL B 266 -33.76 10.09 -22.30
CA VAL B 266 -34.16 10.12 -20.89
C VAL B 266 -32.92 10.34 -20.00
N ALA B 267 -33.04 11.28 -19.06
CA ALA B 267 -32.02 11.49 -18.04
C ALA B 267 -32.39 10.70 -16.79
N ILE B 268 -31.60 9.67 -16.46
CA ILE B 268 -31.93 8.73 -15.40
C ILE B 268 -31.07 9.05 -14.19
N PRO B 269 -31.68 9.34 -13.02
CA PRO B 269 -30.89 9.75 -11.84
C PRO B 269 -29.76 8.81 -11.47
N ASP B 270 -29.86 7.53 -11.80
CA ASP B 270 -28.85 6.55 -11.40
C ASP B 270 -28.64 5.53 -12.52
N PHE B 271 -27.52 5.69 -13.24
CA PHE B 271 -27.24 4.96 -14.47
C PHE B 271 -25.74 4.78 -14.50
N GLU B 272 -25.27 3.58 -14.82
CA GLU B 272 -23.82 3.35 -14.79
C GLU B 272 -23.12 3.93 -16.02
N ALA B 273 -23.59 3.55 -17.21
CA ALA B 273 -22.96 4.01 -18.44
C ALA B 273 -23.24 5.49 -18.66
N GLY B 274 -22.64 6.04 -19.70
CA GLY B 274 -22.85 7.44 -19.97
C GLY B 274 -24.20 7.58 -20.62
N ALA B 275 -24.51 6.61 -21.47
CA ALA B 275 -25.73 6.60 -22.27
C ALA B 275 -25.86 5.24 -22.96
N MET B 276 -27.06 4.94 -23.43
CA MET B 276 -27.35 3.69 -24.10
C MET B 276 -28.20 3.97 -25.33
N GLU B 277 -28.04 3.14 -26.35
CA GLU B 277 -28.61 3.40 -27.66
C GLU B 277 -29.95 2.72 -27.88
N ASN B 278 -30.63 2.30 -26.82
CA ASN B 278 -31.91 1.62 -26.94
C ASN B 278 -32.78 2.27 -28.01
N TRP B 279 -33.13 1.50 -29.04
CA TRP B 279 -33.94 1.97 -30.16
C TRP B 279 -35.20 2.70 -29.69
N GLY B 280 -35.30 4.00 -29.99
CA GLY B 280 -36.43 4.82 -29.59
C GLY B 280 -36.39 5.34 -28.17
N LEU B 281 -35.61 4.71 -27.27
CA LEU B 281 -35.56 5.08 -25.85
C LEU B 281 -34.09 5.22 -25.44
N LEU B 282 -33.45 6.31 -25.87
CA LEU B 282 -32.07 6.57 -25.46
C LEU B 282 -32.05 6.93 -23.99
N THR B 283 -31.15 6.29 -23.24
CA THR B 283 -30.96 6.54 -21.81
C THR B 283 -29.61 7.20 -21.59
N PHE B 284 -29.51 8.02 -20.55
CA PHE B 284 -28.35 8.86 -20.30
C PHE B 284 -28.20 9.03 -18.80
N ARG B 285 -26.96 9.21 -18.33
CA ARG B 285 -26.84 9.77 -17.00
C ARG B 285 -27.10 11.26 -17.09
N GLU B 286 -27.55 11.83 -15.98
CA GLU B 286 -28.00 13.23 -16.00
C GLU B 286 -26.88 14.17 -16.39
N GLU B 287 -25.65 13.92 -15.89
CA GLU B 287 -24.50 14.76 -16.25
C GLU B 287 -24.18 14.69 -17.73
N THR B 288 -24.78 13.76 -18.45
CA THR B 288 -24.53 13.54 -19.85
C THR B 288 -25.58 14.16 -20.79
N LEU B 289 -26.76 14.48 -20.27
CA LEU B 289 -27.83 15.05 -21.09
C LEU B 289 -28.32 16.42 -20.62
N LEU B 290 -28.32 16.70 -19.32
CA LEU B 290 -28.80 17.97 -18.83
C LEU B 290 -27.69 19.02 -18.89
N TYR B 291 -28.08 20.26 -19.19
CA TYR B 291 -27.10 21.32 -19.42
C TYR B 291 -27.67 22.67 -19.01
N ASP B 292 -26.82 23.47 -18.39
CA ASP B 292 -27.20 24.83 -18.03
C ASP B 292 -25.91 25.64 -18.08
N SER B 293 -25.82 26.57 -19.02
CA SER B 293 -24.55 27.26 -19.26
C SER B 293 -24.08 28.06 -18.05
N ASN B 294 -24.97 28.40 -17.12
CA ASN B 294 -24.54 29.16 -15.98
C ASN B 294 -23.77 28.34 -14.96
N THR B 295 -23.91 27.01 -15.00
CA THR B 295 -23.17 26.14 -14.11
C THR B 295 -22.37 25.05 -14.81
N SER B 296 -22.55 24.86 -16.11
CA SER B 296 -21.86 23.84 -16.87
C SER B 296 -20.76 24.50 -17.70
N SER B 297 -19.62 23.84 -17.77
CA SER B 297 -18.48 24.40 -18.45
C SER B 297 -18.57 24.09 -19.95
N MET B 298 -17.60 24.59 -20.71
CA MET B 298 -17.47 24.16 -22.09
C MET B 298 -17.34 22.65 -22.20
N ALA B 299 -16.45 22.04 -21.40
CA ALA B 299 -16.29 20.58 -21.43
C ALA B 299 -17.62 19.87 -21.20
N ASP B 300 -18.41 20.33 -20.22
CA ASP B 300 -19.75 19.78 -20.04
C ASP B 300 -20.62 19.97 -21.28
N ARG B 301 -20.53 21.13 -21.93
CA ARG B 301 -21.28 21.34 -23.16
C ARG B 301 -20.83 20.36 -24.25
N LYS B 302 -19.51 20.26 -24.49
CA LYS B 302 -18.99 19.28 -25.44
C LYS B 302 -19.40 17.85 -25.07
N LEU B 303 -19.40 17.52 -23.78
CA LEU B 303 -19.78 16.16 -23.37
C LEU B 303 -21.18 15.80 -23.83
N VAL B 304 -22.16 16.64 -23.46
CA VAL B 304 -23.56 16.42 -23.86
C VAL B 304 -23.70 16.30 -25.38
N THR B 305 -22.99 17.14 -26.14
CA THR B 305 -23.14 17.09 -27.59
C THR B 305 -22.57 15.81 -28.15
N LYS B 306 -21.39 15.39 -27.68
CA LYS B 306 -20.78 14.14 -28.12
C LYS B 306 -21.70 12.95 -27.89
N ILE B 307 -22.17 12.79 -26.65
CA ILE B 307 -22.95 11.61 -26.30
C ILE B 307 -24.24 11.54 -27.11
N ILE B 308 -24.97 12.65 -27.23
CA ILE B 308 -26.18 12.63 -28.04
C ILE B 308 -25.85 12.18 -29.44
N ALA B 309 -24.78 12.73 -30.01
CA ALA B 309 -24.40 12.40 -31.39
C ALA B 309 -24.04 10.94 -31.51
N HIS B 310 -23.28 10.44 -30.54
CA HIS B 310 -22.92 9.02 -30.50
C HIS B 310 -24.16 8.13 -30.45
N GLU B 311 -25.10 8.46 -29.57
CA GLU B 311 -26.26 7.61 -29.37
C GLU B 311 -27.25 7.69 -30.54
N LEU B 312 -27.40 8.86 -31.16
CA LEU B 312 -28.21 8.93 -32.37
C LEU B 312 -27.55 8.20 -33.51
N ALA B 313 -26.22 8.20 -33.60
CA ALA B 313 -25.59 7.43 -34.67
C ALA B 313 -25.82 5.94 -34.47
N HIS B 314 -25.92 5.49 -33.21
CA HIS B 314 -26.21 4.08 -32.98
C HIS B 314 -27.56 3.67 -33.53
N GLN B 315 -28.47 4.62 -33.76
CA GLN B 315 -29.77 4.26 -34.33
C GLN B 315 -29.61 3.65 -35.72
N TRP B 316 -28.55 4.03 -36.44
CA TRP B 316 -28.18 3.34 -37.67
C TRP B 316 -27.10 2.28 -37.42
N PHE B 317 -25.98 2.66 -36.82
CA PHE B 317 -24.88 1.70 -36.63
C PHE B 317 -25.02 1.00 -35.28
N GLY B 318 -25.81 -0.06 -35.26
CA GLY B 318 -26.06 -0.80 -34.04
C GLY B 318 -27.47 -1.33 -33.98
N ASN B 319 -28.43 -0.47 -34.32
CA ASN B 319 -29.85 -0.82 -34.26
C ASN B 319 -30.37 -1.31 -35.61
N LEU B 320 -30.19 -0.51 -36.65
CA LEU B 320 -30.63 -0.91 -37.98
C LEU B 320 -29.80 -2.07 -38.49
N VAL B 321 -28.48 -1.90 -38.53
CA VAL B 321 -27.54 -2.99 -38.79
C VAL B 321 -26.82 -3.29 -37.47
N THR B 322 -26.67 -4.56 -37.16
CA THR B 322 -26.07 -4.99 -35.90
C THR B 322 -25.02 -6.06 -36.19
N MET B 323 -23.97 -6.10 -35.37
CA MET B 323 -22.99 -7.16 -35.58
C MET B 323 -23.60 -8.51 -35.24
N LYS B 324 -23.13 -9.54 -35.94
CA LYS B 324 -23.67 -10.89 -35.77
C LYS B 324 -23.25 -11.48 -34.43
N TRP B 325 -22.03 -11.18 -33.97
CA TRP B 325 -21.50 -11.64 -32.68
C TRP B 325 -20.54 -10.59 -32.14
N TRP B 326 -20.27 -10.65 -30.83
CA TRP B 326 -19.54 -9.59 -30.11
C TRP B 326 -18.08 -9.50 -30.52
N ASN B 327 -17.58 -10.44 -31.33
CA ASN B 327 -16.23 -10.31 -31.85
C ASN B 327 -16.11 -9.07 -32.72
N ASP B 328 -17.20 -8.70 -33.40
CA ASP B 328 -17.21 -7.59 -34.34
C ASP B 328 -18.01 -6.40 -33.80
N LEU B 329 -18.06 -6.30 -32.47
CA LEU B 329 -18.68 -5.15 -31.82
C LEU B 329 -18.09 -3.84 -32.31
N TRP B 330 -16.85 -3.85 -32.82
CA TRP B 330 -16.23 -2.62 -33.26
C TRP B 330 -16.94 -2.01 -34.45
N LEU B 331 -17.74 -2.82 -35.16
CA LEU B 331 -18.57 -2.31 -36.25
C LEU B 331 -19.69 -1.42 -35.72
N ASN B 332 -20.25 -1.77 -34.56
CA ASN B 332 -21.23 -0.89 -33.93
C ASN B 332 -20.53 0.34 -33.33
N GLU B 333 -19.57 0.09 -32.41
CA GLU B 333 -18.98 1.18 -31.62
C GLU B 333 -17.96 2.02 -32.40
N GLY B 334 -17.29 1.44 -33.40
CA GLY B 334 -16.35 2.23 -34.18
C GLY B 334 -17.04 3.25 -35.08
N PHE B 335 -18.12 2.82 -35.73
CA PHE B 335 -18.90 3.71 -36.56
C PHE B 335 -19.60 4.78 -35.73
N ALA B 336 -20.22 4.38 -34.63
CA ALA B 336 -20.90 5.37 -33.78
C ALA B 336 -19.91 6.44 -33.32
N THR B 337 -18.67 6.05 -33.01
CA THR B 337 -17.68 7.00 -32.56
C THR B 337 -17.17 7.89 -33.69
N PHE B 338 -16.98 7.32 -34.88
CA PHE B 338 -16.59 8.12 -36.03
C PHE B 338 -17.67 9.13 -36.38
N MET B 339 -18.93 8.68 -36.53
CA MET B 339 -20.03 9.58 -36.86
C MET B 339 -20.20 10.67 -35.83
N GLU B 340 -20.01 10.33 -34.56
CA GLU B 340 -20.09 11.34 -33.51
C GLU B 340 -19.10 12.47 -33.76
N TYR B 341 -17.84 12.13 -34.07
CA TYR B 341 -16.85 13.17 -34.29
C TYR B 341 -16.94 13.79 -35.67
N PHE B 342 -17.63 13.12 -36.60
CA PHE B 342 -17.81 13.63 -37.95
C PHE B 342 -18.95 14.65 -37.97
N SER B 343 -20.07 14.33 -37.33
CA SER B 343 -21.19 15.24 -37.25
C SER B 343 -20.85 16.47 -36.43
N LEU B 344 -20.05 16.30 -35.37
CA LEU B 344 -19.71 17.46 -34.53
C LEU B 344 -18.81 18.43 -35.26
N GLU B 345 -17.98 17.96 -36.17
CA GLU B 345 -17.10 18.89 -36.86
C GLU B 345 -17.79 19.59 -38.00
N LYS B 346 -18.96 19.08 -38.45
CA LYS B 346 -19.63 19.66 -39.62
C LYS B 346 -20.86 20.49 -39.28
N ILE B 347 -21.55 20.25 -38.17
CA ILE B 347 -22.63 21.14 -37.76
C ILE B 347 -22.40 21.76 -36.39
N PHE B 348 -21.28 21.45 -35.71
CA PHE B 348 -20.92 22.02 -34.41
C PHE B 348 -19.43 22.37 -34.35
N LYS B 349 -18.89 22.92 -35.44
CA LYS B 349 -17.44 23.11 -35.58
C LYS B 349 -16.85 23.97 -34.46
N GLU B 350 -17.58 24.99 -33.99
CA GLU B 350 -17.02 25.89 -32.99
C GLU B 350 -16.59 25.17 -31.71
N LEU B 351 -17.08 23.95 -31.46
CA LEU B 351 -16.72 23.24 -30.24
C LEU B 351 -15.28 22.70 -30.30
N SER B 352 -14.67 22.65 -31.48
CA SER B 352 -13.30 22.16 -31.63
C SER B 352 -13.15 20.75 -31.06
N SER B 353 -14.16 19.89 -31.28
CA SER B 353 -14.19 18.55 -30.67
C SER B 353 -13.19 17.60 -31.29
N TYR B 354 -12.53 17.99 -32.39
CA TYR B 354 -11.42 17.19 -32.88
C TYR B 354 -10.34 17.04 -31.82
N GLU B 355 -10.20 18.02 -30.94
CA GLU B 355 -9.19 17.94 -29.91
C GLU B 355 -9.38 16.70 -29.05
N ASP B 356 -10.62 16.44 -28.62
CA ASP B 356 -10.93 15.26 -27.81
C ASP B 356 -10.66 13.96 -28.57
N PHE B 357 -11.20 13.85 -29.79
CA PHE B 357 -10.94 12.69 -30.64
C PHE B 357 -9.43 12.45 -30.79
N LEU B 358 -8.65 13.51 -30.87
CA LEU B 358 -7.22 13.35 -31.06
C LEU B 358 -6.57 12.82 -29.80
N ASP B 359 -6.89 13.45 -28.67
CA ASP B 359 -6.42 12.96 -27.39
C ASP B 359 -6.81 11.51 -27.17
N ALA B 360 -8.04 11.14 -27.56
CA ALA B 360 -8.50 9.78 -27.31
C ALA B 360 -7.69 8.78 -28.11
N ARG B 361 -7.33 9.13 -29.34
CA ARG B 361 -6.54 8.21 -30.14
C ARG B 361 -5.14 8.08 -29.56
N PHE B 362 -4.56 9.18 -29.07
CA PHE B 362 -3.26 9.08 -28.41
C PHE B 362 -3.31 8.04 -27.30
N LYS B 363 -4.35 8.09 -26.49
CA LYS B 363 -4.45 7.17 -25.36
C LYS B 363 -4.77 5.75 -25.84
N THR B 364 -5.65 5.61 -26.83
CA THR B 364 -5.91 4.27 -27.33
C THR B 364 -4.65 3.64 -27.92
N MET B 365 -3.83 4.42 -28.65
CA MET B 365 -2.63 3.84 -29.25
C MET B 365 -1.64 3.37 -28.18
N LYS B 366 -1.54 4.11 -27.07
CA LYS B 366 -0.70 3.65 -25.98
C LYS B 366 -1.11 2.24 -25.53
N LYS B 367 -2.43 2.00 -25.39
CA LYS B 367 -2.88 0.67 -24.99
C LYS B 367 -2.63 -0.37 -26.08
N ASP B 368 -2.66 0.02 -27.36
CA ASP B 368 -2.53 -0.92 -28.47
C ASP B 368 -1.07 -1.28 -28.77
N SER B 369 -0.12 -0.54 -28.23
CA SER B 369 1.29 -0.86 -28.37
C SER B 369 1.74 -1.94 -27.40
N LEU B 370 0.83 -2.51 -26.61
CA LEU B 370 1.17 -3.55 -25.64
C LEU B 370 0.87 -4.94 -26.19
N ASN B 371 1.65 -5.93 -25.73
CA ASN B 371 1.39 -7.33 -26.07
C ASN B 371 0.02 -7.79 -25.57
N SER B 372 -0.45 -7.25 -24.45
CA SER B 372 -1.75 -7.61 -23.90
C SER B 372 -2.89 -7.18 -24.81
N SER B 373 -2.61 -6.35 -25.82
CA SER B 373 -3.65 -5.92 -26.74
C SER B 373 -4.13 -7.10 -27.60
N HIS B 374 -5.26 -6.89 -28.27
CA HIS B 374 -5.93 -7.89 -29.09
C HIS B 374 -6.33 -7.29 -30.43
N PRO B 375 -6.51 -8.13 -31.45
CA PRO B 375 -7.08 -7.61 -32.69
C PRO B 375 -8.44 -6.99 -32.43
N ILE B 376 -8.72 -5.92 -33.15
CA ILE B 376 -9.98 -5.23 -32.98
C ILE B 376 -11.13 -6.21 -33.19
N SER B 377 -10.99 -7.12 -34.14
CA SER B 377 -11.88 -8.26 -34.28
C SER B 377 -11.21 -9.49 -33.69
N SER B 378 -11.72 -9.95 -32.56
CA SER B 378 -11.07 -10.94 -31.71
C SER B 378 -12.12 -11.93 -31.26
N SER B 379 -11.76 -13.22 -31.21
CA SER B 379 -12.72 -14.22 -30.73
C SER B 379 -13.07 -13.99 -29.27
N VAL B 380 -14.36 -14.11 -28.96
CA VAL B 380 -14.84 -14.06 -27.57
C VAL B 380 -15.87 -15.17 -27.38
N GLN B 381 -15.86 -15.83 -26.23
CA GLN B 381 -16.88 -16.83 -25.94
C GLN B 381 -17.49 -16.56 -24.56
N SER B 382 -16.68 -16.38 -23.53
CA SER B 382 -17.17 -16.22 -22.16
C SER B 382 -17.70 -14.79 -21.94
N SER B 383 -18.39 -14.61 -20.82
CA SER B 383 -18.99 -13.30 -20.55
C SER B 383 -17.93 -12.24 -20.29
N GLU B 384 -16.89 -12.57 -19.51
CA GLU B 384 -15.78 -11.65 -19.26
C GLU B 384 -15.13 -11.23 -20.56
N GLN B 385 -15.00 -12.15 -21.52
CA GLN B 385 -14.44 -11.78 -22.81
C GLN B 385 -15.36 -10.85 -23.58
N ILE B 386 -16.68 -11.10 -23.52
CA ILE B 386 -17.64 -10.25 -24.23
C ILE B 386 -17.65 -8.85 -23.64
N GLU B 387 -17.70 -8.76 -22.30
CA GLU B 387 -17.66 -7.47 -21.63
C GLU B 387 -16.36 -6.72 -21.91
N GLU B 388 -15.23 -7.44 -21.97
CA GLU B 388 -13.95 -6.82 -22.36
C GLU B 388 -14.04 -6.06 -23.68
N MET B 389 -14.78 -6.57 -24.68
CA MET B 389 -14.83 -5.91 -25.99
C MET B 389 -15.22 -4.44 -25.90
N PHE B 390 -15.92 -4.03 -24.85
CA PHE B 390 -16.30 -2.64 -24.68
C PHE B 390 -15.11 -1.87 -24.07
N ASP B 391 -14.18 -1.49 -24.94
CA ASP B 391 -12.86 -0.98 -24.55
C ASP B 391 -12.46 0.12 -25.52
N SER B 392 -11.31 0.73 -25.25
CA SER B 392 -10.83 1.86 -26.05
C SER B 392 -10.62 1.51 -27.51
N LEU B 393 -10.28 0.25 -27.79
CA LEU B 393 -10.00 -0.20 -29.14
C LEU B 393 -11.27 -0.25 -29.99
N SER B 394 -12.35 -0.79 -29.44
CA SER B 394 -13.58 -0.93 -30.23
C SER B 394 -14.12 0.43 -30.63
N TYR B 395 -13.89 1.44 -29.80
CA TYR B 395 -14.37 2.79 -30.05
C TYR B 395 -13.40 3.58 -30.91
N PHE B 396 -12.14 3.64 -30.50
CA PHE B 396 -11.24 4.65 -31.02
C PHE B 396 -10.21 4.12 -31.97
N LYS B 397 -9.87 2.83 -31.89
CA LYS B 397 -9.20 2.24 -33.04
C LYS B 397 -10.18 2.00 -34.16
N GLY B 398 -11.36 1.47 -33.84
CA GLY B 398 -12.38 1.29 -34.86
C GLY B 398 -12.69 2.56 -35.60
N SER B 399 -12.95 3.64 -34.85
CA SER B 399 -13.21 4.91 -35.51
C SER B 399 -11.96 5.43 -36.22
N SER B 400 -10.78 5.06 -35.74
CA SER B 400 -9.54 5.54 -36.34
C SER B 400 -9.25 4.87 -37.66
N LEU B 401 -9.82 3.68 -37.88
CA LEU B 401 -9.67 2.95 -39.11
C LEU B 401 -10.54 3.54 -40.20
N LEU B 402 -11.79 3.87 -39.87
CA LEU B 402 -12.67 4.51 -40.83
C LEU B 402 -12.13 5.86 -41.24
N LEU B 403 -11.60 6.61 -40.28
CA LEU B 403 -10.97 7.89 -40.60
C LEU B 403 -9.80 7.71 -41.55
N MET B 404 -8.99 6.65 -41.37
CA MET B 404 -7.97 6.35 -42.37
C MET B 404 -8.59 6.01 -43.73
N LEU B 405 -9.68 5.25 -43.73
CA LEU B 405 -10.33 4.92 -44.98
C LEU B 405 -10.89 6.17 -45.64
N LYS B 406 -11.71 6.92 -44.91
CA LYS B 406 -12.33 8.10 -45.49
C LYS B 406 -11.28 9.07 -46.05
N THR B 407 -10.09 9.15 -45.44
CA THR B 407 -9.07 10.08 -45.87
C THR B 407 -8.33 9.60 -47.12
N TYR B 408 -8.10 8.29 -47.26
CA TYR B 408 -7.46 7.77 -48.45
C TYR B 408 -8.44 7.66 -49.61
N LEU B 409 -9.72 7.45 -49.33
CA LEU B 409 -10.70 7.08 -50.36
C LEU B 409 -11.75 8.17 -50.62
N SER B 410 -11.44 9.43 -50.29
CA SER B 410 -12.33 10.58 -50.44
C SER B 410 -13.58 10.49 -49.58
N GLU B 411 -14.24 11.64 -49.35
CA GLU B 411 -15.40 11.68 -48.46
C GLU B 411 -16.69 11.36 -49.20
N ASP B 412 -16.70 11.46 -50.52
CA ASP B 412 -17.88 11.07 -51.29
C ASP B 412 -17.95 9.56 -51.49
N VAL B 413 -16.82 8.94 -51.83
CA VAL B 413 -16.78 7.48 -51.89
C VAL B 413 -17.13 6.88 -50.54
N PHE B 414 -16.70 7.52 -49.45
CA PHE B 414 -17.07 7.06 -48.12
C PHE B 414 -18.58 7.12 -47.92
N GLN B 415 -19.17 8.28 -48.16
CA GLN B 415 -20.61 8.39 -48.04
C GLN B 415 -21.32 7.35 -48.90
N HIS B 416 -20.84 7.14 -50.13
CA HIS B 416 -21.47 6.15 -50.99
CA HIS B 416 -21.48 6.16 -50.99
C HIS B 416 -21.39 4.76 -50.39
N ALA B 417 -20.22 4.39 -49.83
CA ALA B 417 -20.08 3.06 -49.23
C ALA B 417 -20.91 2.91 -47.96
N VAL B 418 -20.97 3.98 -47.16
CA VAL B 418 -21.78 3.97 -45.95
C VAL B 418 -23.25 3.71 -46.30
N VAL B 419 -23.78 4.44 -47.29
CA VAL B 419 -25.21 4.33 -47.59
C VAL B 419 -25.55 2.97 -48.19
N LEU B 420 -24.72 2.47 -49.11
CA LEU B 420 -25.05 1.19 -49.71
C LEU B 420 -24.92 0.07 -48.68
N TYR B 421 -24.00 0.24 -47.73
CA TYR B 421 -23.90 -0.69 -46.59
C TYR B 421 -25.16 -0.64 -45.72
N LEU B 422 -25.52 0.54 -45.22
CA LEU B 422 -26.74 0.70 -44.43
C LEU B 422 -27.98 0.20 -45.18
N HIS B 423 -28.17 0.61 -46.45
CA HIS B 423 -29.36 0.21 -47.21
C HIS B 423 -29.42 -1.31 -47.35
N ASN B 424 -28.28 -1.94 -47.61
CA ASN B 424 -28.24 -3.36 -47.93
C ASN B 424 -28.50 -4.23 -46.70
N HIS B 425 -27.97 -3.86 -45.54
CA HIS B 425 -28.05 -4.71 -44.36
C HIS B 425 -29.09 -4.24 -43.34
N SER B 426 -30.08 -3.45 -43.77
CA SER B 426 -31.09 -2.91 -42.87
C SER B 426 -31.92 -4.02 -42.23
N TYR B 427 -32.02 -3.98 -40.89
CA TYR B 427 -32.77 -4.97 -40.12
C TYR B 427 -32.13 -6.35 -40.14
N ALA B 428 -30.87 -6.41 -40.51
CA ALA B 428 -30.13 -7.66 -40.63
C ALA B 428 -28.88 -7.61 -39.77
N SER B 429 -28.31 -8.77 -39.48
CA SER B 429 -27.04 -8.80 -38.81
C SER B 429 -25.91 -8.71 -39.84
N ILE B 430 -24.67 -8.57 -39.35
CA ILE B 430 -23.55 -8.30 -40.24
C ILE B 430 -22.22 -8.60 -39.57
N GLN B 431 -21.16 -8.78 -40.39
CA GLN B 431 -19.81 -9.03 -39.87
C GLN B 431 -18.77 -8.24 -40.67
N SER B 432 -17.50 -8.34 -40.25
CA SER B 432 -16.48 -7.43 -40.76
C SER B 432 -16.39 -7.43 -42.28
N ASP B 433 -16.46 -8.61 -42.90
CA ASP B 433 -16.30 -8.65 -44.35
C ASP B 433 -17.47 -8.04 -45.12
N ASP B 434 -18.66 -7.91 -44.53
CA ASP B 434 -19.75 -7.32 -45.29
C ASP B 434 -19.52 -5.82 -45.50
N LEU B 435 -18.83 -5.19 -44.54
CA LEU B 435 -18.49 -3.78 -44.66
C LEU B 435 -17.42 -3.54 -45.71
N TRP B 436 -16.35 -4.36 -45.72
CA TRP B 436 -15.29 -4.18 -46.70
C TRP B 436 -15.82 -4.34 -48.11
N ASP B 437 -16.83 -5.18 -48.30
CA ASP B 437 -17.43 -5.38 -49.60
C ASP B 437 -18.10 -4.11 -50.11
N SER B 438 -18.86 -3.42 -49.25
CA SER B 438 -19.51 -2.18 -49.70
C SER B 438 -18.49 -1.17 -50.23
N PHE B 439 -17.31 -1.09 -49.59
CA PHE B 439 -16.26 -0.26 -50.15
C PHE B 439 -15.77 -0.82 -51.48
N ASN B 440 -15.62 -2.14 -51.58
CA ASN B 440 -15.23 -2.76 -52.83
C ASN B 440 -16.30 -2.61 -53.92
N GLU B 441 -17.53 -2.26 -53.56
CA GLU B 441 -18.63 -2.08 -54.50
C GLU B 441 -18.70 -0.65 -55.02
N VAL B 442 -18.21 0.31 -54.24
CA VAL B 442 -18.21 1.71 -54.64
C VAL B 442 -16.88 2.12 -55.24
N THR B 443 -15.87 1.26 -55.19
CA THR B 443 -14.63 1.48 -55.93
C THR B 443 -14.44 0.43 -56.99
N ASN B 444 -15.40 -0.49 -57.11
CA ASN B 444 -15.45 -1.54 -58.14
C ASN B 444 -14.25 -2.47 -58.06
N GLN B 445 -13.13 -2.06 -58.64
CA GLN B 445 -11.93 -2.88 -58.75
C GLN B 445 -10.62 -2.14 -58.52
N THR B 446 -10.59 -0.80 -58.62
CA THR B 446 -9.42 0.04 -58.37
C THR B 446 -8.60 -0.43 -57.17
N LEU B 447 -9.26 -0.97 -56.15
CA LEU B 447 -8.57 -1.39 -54.94
C LEU B 447 -9.34 -2.54 -54.31
N ASP B 448 -8.64 -3.27 -53.44
CA ASP B 448 -9.20 -4.37 -52.65
C ASP B 448 -9.15 -3.99 -51.17
N VAL B 449 -10.12 -3.15 -50.75
CA VAL B 449 -10.23 -2.74 -49.35
C VAL B 449 -10.16 -3.95 -48.44
N LYS B 450 -10.74 -5.06 -48.87
CA LYS B 450 -10.75 -6.25 -48.03
C LYS B 450 -9.32 -6.67 -47.71
N ARG B 451 -8.46 -6.76 -48.73
CA ARG B 451 -7.09 -7.17 -48.43
C ARG B 451 -6.32 -6.05 -47.76
N MET B 452 -6.66 -4.81 -48.08
CA MET B 452 -6.00 -3.69 -47.46
C MET B 452 -6.32 -3.63 -45.97
N MET B 453 -7.56 -3.92 -45.60
CA MET B 453 -7.96 -3.80 -44.21
C MET B 453 -7.67 -5.05 -43.39
N LYS B 454 -7.14 -6.11 -44.00
CA LYS B 454 -7.01 -7.36 -43.28
C LYS B 454 -6.09 -7.20 -42.06
N THR B 455 -4.86 -6.72 -42.26
CA THR B 455 -3.95 -6.62 -41.13
C THR B 455 -4.44 -5.62 -40.10
N TRP B 456 -5.20 -4.61 -40.53
CA TRP B 456 -5.73 -3.65 -39.58
C TRP B 456 -6.82 -4.24 -38.68
N THR B 457 -7.62 -5.19 -39.18
CA THR B 457 -8.68 -5.70 -38.33
C THR B 457 -8.37 -7.06 -37.72
N LEU B 458 -7.39 -7.78 -38.23
CA LEU B 458 -7.13 -9.13 -37.74
C LEU B 458 -5.85 -9.26 -36.95
N GLN B 459 -5.02 -8.23 -36.95
CA GLN B 459 -3.72 -8.23 -36.27
C GLN B 459 -3.70 -7.12 -35.22
N LYS B 460 -3.22 -7.43 -34.03
CA LYS B 460 -3.13 -6.39 -33.01
C LYS B 460 -2.03 -5.38 -33.34
N GLY B 461 -2.21 -4.19 -32.82
CA GLY B 461 -1.18 -3.18 -32.81
C GLY B 461 -1.27 -2.28 -34.02
N PHE B 462 -0.17 -1.56 -34.24
CA PHE B 462 -0.10 -0.60 -35.33
C PHE B 462 1.35 -0.46 -35.80
N PRO B 463 1.57 -0.09 -37.05
CA PRO B 463 2.95 0.04 -37.55
C PRO B 463 3.67 1.26 -37.02
N LEU B 464 4.97 1.10 -36.81
CA LEU B 464 5.90 2.21 -36.69
C LEU B 464 6.58 2.44 -38.03
N VAL B 465 6.35 3.61 -38.62
CA VAL B 465 6.94 3.98 -39.91
C VAL B 465 8.18 4.80 -39.65
N THR B 466 9.33 4.32 -40.12
CA THR B 466 10.61 5.03 -39.98
C THR B 466 10.96 5.74 -41.29
N VAL B 467 11.40 6.98 -41.18
CA VAL B 467 11.59 7.88 -42.32
C VAL B 467 13.01 8.44 -42.28
N GLN B 468 13.70 8.36 -43.41
CA GLN B 468 14.95 9.07 -43.61
C GLN B 468 14.83 9.87 -44.90
N LYS B 469 15.16 11.16 -44.84
CA LYS B 469 15.30 11.97 -46.05
C LYS B 469 16.77 11.94 -46.48
N LYS B 470 17.00 11.49 -47.71
CA LYS B 470 18.35 11.42 -48.26
C LYS B 470 18.30 11.97 -49.69
N GLY B 471 18.73 13.20 -49.84
CA GLY B 471 18.67 13.85 -51.14
C GLY B 471 17.25 14.23 -51.44
N LYS B 472 16.80 13.90 -52.65
CA LYS B 472 15.43 14.15 -53.08
C LYS B 472 14.56 12.92 -52.88
N GLU B 473 14.93 12.05 -51.95
CA GLU B 473 14.20 10.81 -51.76
C GLU B 473 13.80 10.63 -50.30
N LEU B 474 12.65 9.97 -50.13
CA LEU B 474 12.07 9.64 -48.83
C LEU B 474 12.11 8.13 -48.66
N PHE B 475 12.90 7.66 -47.70
CA PHE B 475 13.04 6.22 -47.46
C PHE B 475 12.14 5.80 -46.31
N ILE B 476 11.23 4.87 -46.57
CA ILE B 476 10.17 4.47 -45.64
C ILE B 476 10.33 3.00 -45.30
N GLN B 477 10.26 2.66 -44.01
CA GLN B 477 10.15 1.26 -43.62
C GLN B 477 9.09 1.13 -42.55
N GLN B 478 8.58 -0.08 -42.40
CA GLN B 478 7.57 -0.34 -41.39
C GLN B 478 7.97 -1.50 -40.50
N GLU B 479 7.48 -1.46 -39.27
CA GLU B 479 7.70 -2.53 -38.31
C GLU B 479 6.63 -2.43 -37.24
N ARG B 480 6.38 -3.54 -36.55
CA ARG B 480 5.46 -3.47 -35.43
C ARG B 480 5.99 -2.53 -34.34
N PHE B 481 5.11 -1.69 -33.80
CA PHE B 481 5.45 -0.81 -32.69
C PHE B 481 5.26 -1.58 -31.39
N PHE B 482 6.37 -2.02 -30.80
CA PHE B 482 6.32 -2.74 -29.54
C PHE B 482 7.72 -2.74 -28.96
N LEU B 483 7.78 -2.88 -27.63
CA LEU B 483 9.03 -3.16 -26.92
C LEU B 483 8.91 -4.56 -26.34
N ASN B 484 9.88 -5.42 -26.67
CA ASN B 484 9.92 -6.80 -26.16
C ASN B 484 10.73 -6.84 -24.88
N MET B 485 10.09 -7.33 -23.81
CA MET B 485 10.78 -7.64 -22.55
C MET B 485 11.35 -9.06 -22.61
N LYS B 486 12.29 -9.22 -23.53
CA LYS B 486 13.04 -10.46 -23.70
C LYS B 486 14.26 -10.18 -24.56
N THR B 494 4.74 -13.55 -34.13
CA THR B 494 4.53 -13.51 -35.58
C THR B 494 4.66 -12.08 -36.10
N SER B 495 5.15 -11.91 -37.32
CA SER B 495 5.29 -10.59 -37.96
C SER B 495 4.48 -10.54 -39.24
N TYR B 496 3.58 -9.55 -39.34
CA TYR B 496 2.80 -9.30 -40.52
C TYR B 496 2.91 -7.83 -40.93
N LEU B 497 2.52 -7.53 -42.17
CA LEU B 497 2.69 -6.20 -42.73
C LEU B 497 1.34 -5.51 -42.88
N TRP B 498 1.37 -4.20 -42.69
CA TRP B 498 0.21 -3.35 -42.88
C TRP B 498 0.25 -2.69 -44.26
N HIS B 499 -0.92 -2.40 -44.79
CA HIS B 499 -1.04 -1.64 -46.02
C HIS B 499 -1.37 -0.22 -45.59
N ILE B 500 -0.31 0.57 -45.46
CA ILE B 500 -0.38 1.85 -44.76
C ILE B 500 -0.59 2.95 -45.80
N PRO B 501 -1.74 3.64 -45.78
CA PRO B 501 -1.86 4.91 -46.50
C PRO B 501 -0.99 6.02 -45.89
N LEU B 502 0.17 6.26 -46.47
CA LEU B 502 1.00 7.37 -46.01
C LEU B 502 0.50 8.66 -46.63
N SER B 503 0.53 9.73 -45.83
CA SER B 503 0.47 11.09 -46.33
C SER B 503 1.71 11.82 -45.84
N TYR B 504 2.06 12.90 -46.52
CA TYR B 504 3.16 13.72 -46.03
C TYR B 504 3.05 15.11 -46.63
N VAL B 505 3.67 16.07 -45.95
CA VAL B 505 3.77 17.45 -46.42
C VAL B 505 5.24 17.86 -46.31
N THR B 506 5.66 18.71 -47.24
CA THR B 506 7.04 19.17 -47.27
C THR B 506 7.03 20.67 -47.50
N GLU B 507 8.10 21.32 -47.02
CA GLU B 507 8.37 22.72 -47.29
C GLU B 507 9.68 22.78 -48.07
N GLY B 508 9.61 23.25 -49.31
CA GLY B 508 10.78 23.39 -50.15
C GLY B 508 11.67 24.54 -49.70
N ARG B 509 12.80 24.68 -50.39
CA ARG B 509 13.70 25.77 -50.04
C ARG B 509 13.10 27.14 -50.38
N ASN B 510 12.16 27.21 -51.35
CA ASN B 510 11.40 28.44 -51.57
C ASN B 510 10.26 28.61 -50.59
N TYR B 511 10.38 27.95 -49.42
CA TYR B 511 9.47 28.05 -48.28
C TYR B 511 8.03 27.72 -48.65
N SER B 512 7.81 27.08 -49.78
CA SER B 512 6.47 26.70 -50.19
C SER B 512 6.22 25.25 -49.79
N LYS B 513 4.93 24.92 -49.59
CA LYS B 513 4.53 23.69 -48.94
C LYS B 513 3.61 22.91 -49.86
N TYR B 514 3.80 21.59 -49.91
CA TYR B 514 3.13 20.72 -50.88
C TYR B 514 2.74 19.43 -50.17
N GLN B 515 1.56 18.92 -50.51
CA GLN B 515 1.01 17.74 -49.84
C GLN B 515 0.90 16.54 -50.78
N SER B 516 1.21 15.38 -50.26
CA SER B 516 1.35 14.20 -51.07
C SER B 516 0.86 13.00 -50.28
N VAL B 517 0.47 11.95 -50.99
CA VAL B 517 0.14 10.68 -50.39
C VAL B 517 0.87 9.57 -51.17
N SER B 518 0.61 8.33 -50.76
CA SER B 518 1.46 7.19 -51.04
C SER B 518 0.82 5.98 -50.38
N LEU B 519 1.21 4.80 -50.81
CA LEU B 519 0.76 3.56 -50.17
C LEU B 519 1.93 2.60 -50.04
N LEU B 520 2.25 2.21 -48.80
CA LEU B 520 3.31 1.27 -48.49
C LEU B 520 2.70 -0.09 -48.19
N ASP B 521 3.06 -1.12 -48.99
CA ASP B 521 2.62 -2.50 -48.77
C ASP B 521 3.74 -3.47 -48.44
N LYS B 522 4.98 -3.02 -48.42
CA LYS B 522 6.12 -3.89 -48.24
C LYS B 522 6.89 -3.39 -47.04
N LYS B 523 7.87 -4.19 -46.59
CA LYS B 523 8.71 -3.76 -45.47
C LYS B 523 9.32 -2.38 -45.71
N SER B 524 9.69 -2.06 -46.95
CA SER B 524 10.37 -0.82 -47.31
C SER B 524 9.81 -0.24 -48.60
N GLY B 525 10.21 0.99 -48.88
CA GLY B 525 9.80 1.72 -50.06
C GLY B 525 10.52 3.04 -50.11
N VAL B 526 10.32 3.75 -51.22
CA VAL B 526 10.94 5.06 -51.40
C VAL B 526 9.96 5.97 -52.14
N ILE B 527 9.97 7.24 -51.74
CA ILE B 527 9.15 8.27 -52.34
C ILE B 527 10.09 9.26 -53.01
N ASN B 528 9.83 9.59 -54.26
CA ASN B 528 10.61 10.60 -54.97
C ASN B 528 9.99 11.98 -54.74
N LEU B 529 10.69 12.82 -54.00
CA LEU B 529 10.35 14.24 -53.90
C LEU B 529 11.01 14.98 -55.06
N THR B 530 10.21 15.65 -55.89
CA THR B 530 10.78 16.28 -57.07
C THR B 530 11.90 17.27 -56.71
N GLU B 531 11.82 17.91 -55.54
CA GLU B 531 12.73 18.98 -55.16
C GLU B 531 13.25 18.76 -53.74
N GLU B 532 14.54 19.01 -53.52
CA GLU B 532 15.14 18.93 -52.19
C GLU B 532 14.41 19.84 -51.20
N VAL B 533 13.99 19.26 -50.08
CA VAL B 533 13.08 19.91 -49.15
C VAL B 533 13.81 20.28 -47.86
N LEU B 534 13.31 21.31 -47.18
CA LEU B 534 13.94 21.69 -45.91
C LEU B 534 13.50 20.80 -44.76
N TRP B 535 12.25 20.35 -44.76
CA TRP B 535 11.76 19.33 -43.84
C TRP B 535 10.55 18.64 -44.46
N VAL B 536 10.19 17.50 -43.87
CA VAL B 536 9.03 16.74 -44.27
C VAL B 536 8.36 16.25 -42.99
N LYS B 537 7.03 16.19 -43.01
CA LYS B 537 6.25 15.67 -41.89
C LYS B 537 5.34 14.60 -42.47
N VAL B 538 5.45 13.38 -41.91
CA VAL B 538 4.63 12.24 -42.33
C VAL B 538 3.36 12.16 -41.50
N ASN B 539 2.33 11.55 -42.09
CA ASN B 539 1.04 11.35 -41.43
C ASN B 539 0.40 12.68 -41.12
N ILE B 540 -0.18 13.30 -42.15
CA ILE B 540 -0.71 14.67 -42.05
C ILE B 540 -1.86 14.70 -41.07
N ASN B 541 -1.82 15.69 -40.18
CA ASN B 541 -2.70 15.75 -39.03
C ASN B 541 -2.41 14.45 -38.30
N MET B 542 -3.40 13.65 -37.93
CA MET B 542 -3.08 12.30 -37.55
C MET B 542 -4.12 11.41 -38.13
N ASN B 543 -4.26 11.49 -39.45
CA ASN B 543 -5.33 10.77 -40.09
C ASN B 543 -5.01 9.29 -40.19
N GLY B 544 -3.74 8.94 -39.97
CA GLY B 544 -3.28 7.57 -40.07
C GLY B 544 -2.97 6.97 -38.70
N TYR B 545 -3.40 5.72 -38.51
CA TYR B 545 -3.24 5.05 -37.24
C TYR B 545 -1.84 4.42 -37.15
N TYR B 546 -0.83 5.28 -37.04
CA TYR B 546 0.55 4.81 -36.92
C TYR B 546 1.43 5.89 -36.35
N ILE B 547 2.60 5.48 -35.86
CA ILE B 547 3.60 6.37 -35.29
C ILE B 547 4.79 6.48 -36.24
N VAL B 548 5.31 7.69 -36.40
CA VAL B 548 6.42 7.96 -37.32
C VAL B 548 7.66 8.30 -36.50
N HIS B 549 8.78 7.73 -36.91
CA HIS B 549 10.09 7.98 -36.30
C HIS B 549 11.05 8.44 -37.40
N TYR B 550 11.64 9.60 -37.23
CA TYR B 550 12.53 10.19 -38.21
C TYR B 550 13.99 9.88 -37.85
N ALA B 551 14.87 10.15 -38.81
CA ALA B 551 16.29 10.22 -38.49
C ALA B 551 16.57 11.53 -37.78
N ASP B 552 17.72 11.58 -37.09
CA ASP B 552 18.05 12.75 -36.29
C ASP B 552 18.12 14.02 -37.13
N ASP B 553 18.69 13.92 -38.33
CA ASP B 553 18.72 15.09 -39.21
C ASP B 553 17.31 15.56 -39.54
N ASP B 554 16.38 14.61 -39.62
CA ASP B 554 15.01 14.92 -40.03
C ASP B 554 14.17 15.37 -38.83
N TRP B 555 14.38 14.76 -37.65
CA TRP B 555 13.87 15.33 -36.41
C TRP B 555 14.39 16.75 -36.22
N GLU B 556 15.70 16.95 -36.41
CA GLU B 556 16.27 18.28 -36.22
C GLU B 556 15.66 19.27 -37.19
N ALA B 557 15.39 18.83 -38.42
CA ALA B 557 14.69 19.69 -39.35
C ALA B 557 13.38 20.18 -38.75
N LEU B 558 12.61 19.27 -38.13
CA LEU B 558 11.30 19.65 -37.59
C LEU B 558 11.45 20.43 -36.29
N ILE B 559 12.41 20.07 -35.45
CA ILE B 559 12.58 20.82 -34.21
C ILE B 559 13.06 22.23 -34.53
N HIS B 560 13.87 22.38 -35.57
CA HIS B 560 14.31 23.73 -35.92
C HIS B 560 13.13 24.56 -36.43
N GLN B 561 12.24 23.96 -37.22
CA GLN B 561 11.10 24.72 -37.70
C GLN B 561 10.20 25.16 -36.55
N LEU B 562 9.91 24.26 -35.62
CA LEU B 562 8.99 24.60 -34.54
C LEU B 562 9.51 25.79 -33.75
N LYS B 563 10.83 25.89 -33.57
CA LYS B 563 11.43 27.01 -32.84
C LYS B 563 11.48 28.31 -33.62
N ILE B 564 11.47 28.28 -34.95
CA ILE B 564 11.53 29.52 -35.72
C ILE B 564 10.13 29.97 -36.14
N ASN B 565 9.23 29.01 -36.41
CA ASN B 565 7.83 29.35 -36.71
C ASN B 565 6.96 28.09 -36.74
N PRO B 566 6.29 27.76 -35.64
CA PRO B 566 5.57 26.48 -35.56
C PRO B 566 4.26 26.48 -36.33
N TYR B 567 3.74 27.62 -36.72
CA TYR B 567 2.43 27.65 -37.35
C TYR B 567 2.47 27.32 -38.82
N VAL B 568 3.60 26.86 -39.36
CA VAL B 568 3.59 26.28 -40.70
C VAL B 568 3.12 24.83 -40.69
N LEU B 569 2.96 24.24 -39.51
CA LEU B 569 2.21 23.02 -39.32
C LEU B 569 0.93 23.34 -38.56
N SER B 570 -0.13 22.57 -38.83
CA SER B 570 -1.36 22.64 -38.07
C SER B 570 -1.15 22.19 -36.61
N ASP B 571 -2.08 22.60 -35.74
CA ASP B 571 -1.92 22.27 -34.32
C ASP B 571 -2.23 20.80 -34.03
N LYS B 572 -2.98 20.14 -34.92
CA LYS B 572 -3.09 18.69 -34.87
C LYS B 572 -1.76 18.01 -35.21
N ASP B 573 -1.06 18.53 -36.23
CA ASP B 573 0.26 18.00 -36.59
C ASP B 573 1.31 18.27 -35.50
N ARG B 574 1.21 19.41 -34.82
CA ARG B 574 2.16 19.69 -33.75
C ARG B 574 1.90 18.81 -32.55
N ALA B 575 0.62 18.61 -32.21
CA ALA B 575 0.31 17.73 -31.09
C ALA B 575 0.78 16.32 -31.41
N ASN B 576 0.55 15.88 -32.63
CA ASN B 576 0.99 14.56 -33.06
C ASN B 576 2.48 14.38 -32.87
N LEU B 577 3.28 15.43 -33.16
CA LEU B 577 4.74 15.30 -32.99
C LEU B 577 5.12 15.14 -31.51
N ILE B 578 4.53 15.97 -30.64
CA ILE B 578 4.84 15.91 -29.21
C ILE B 578 4.58 14.52 -28.66
N ASN B 579 3.43 13.95 -29.03
CA ASN B 579 3.08 12.62 -28.55
C ASN B 579 4.04 11.58 -29.11
N ASN B 580 4.26 11.60 -30.43
CA ASN B 580 5.09 10.58 -31.03
C ASN B 580 6.47 10.54 -30.40
N ILE B 581 7.04 11.72 -30.11
CA ILE B 581 8.41 11.71 -29.60
C ILE B 581 8.46 11.25 -28.13
N PHE B 582 7.43 11.54 -27.32
CA PHE B 582 7.47 11.02 -25.95
C PHE B 582 7.17 9.52 -25.91
N GLU B 583 6.45 9.00 -26.90
CA GLU B 583 6.21 7.57 -26.90
C GLU B 583 7.38 6.82 -27.51
N LEU B 584 8.01 7.40 -28.54
CA LEU B 584 9.23 6.82 -29.04
C LEU B 584 10.32 6.82 -27.97
N ALA B 585 10.47 7.93 -27.24
CA ALA B 585 11.39 8.01 -26.11
C ALA B 585 10.95 7.14 -24.94
N GLY B 586 9.66 6.79 -24.87
CA GLY B 586 9.20 5.91 -23.82
C GLY B 586 9.60 4.47 -24.05
N LEU B 587 9.81 4.09 -25.32
CA LEU B 587 10.15 2.71 -25.66
C LEU B 587 11.57 2.61 -26.19
N GLY B 588 12.43 3.56 -25.82
CA GLY B 588 13.85 3.50 -26.12
C GLY B 588 14.26 3.99 -27.49
N LYS B 589 13.35 4.06 -28.45
CA LYS B 589 13.75 4.28 -29.84
C LYS B 589 14.32 5.69 -30.11
N VAL B 590 14.12 6.65 -29.20
CA VAL B 590 14.88 7.91 -29.19
C VAL B 590 15.25 8.25 -27.76
N PRO B 591 16.33 9.00 -27.59
CA PRO B 591 16.69 9.47 -26.24
C PRO B 591 15.73 10.53 -25.71
N LEU B 592 15.46 10.46 -24.40
CA LEU B 592 14.48 11.35 -23.79
C LEU B 592 14.90 12.81 -23.92
N LYS B 593 16.20 13.09 -23.89
CA LYS B 593 16.67 14.44 -24.17
C LYS B 593 16.00 14.99 -25.40
N ARG B 594 15.83 14.15 -26.43
CA ARG B 594 15.28 14.58 -27.71
C ARG B 594 13.84 15.04 -27.59
N ALA B 595 13.05 14.41 -26.72
CA ALA B 595 11.67 14.85 -26.53
C ALA B 595 11.63 16.20 -25.84
N PHE B 596 12.52 16.44 -24.89
CA PHE B 596 12.54 17.73 -24.26
C PHE B 596 13.10 18.83 -25.15
N ASP B 597 13.98 18.50 -26.11
CA ASP B 597 14.43 19.53 -27.04
C ASP B 597 13.27 19.98 -27.92
N LEU B 598 12.40 19.02 -28.32
CA LEU B 598 11.22 19.39 -29.09
C LEU B 598 10.35 20.36 -28.31
N ILE B 599 9.99 20.02 -27.06
CA ILE B 599 8.98 20.84 -26.40
C ILE B 599 9.50 22.21 -26.01
N ASN B 600 10.80 22.46 -26.17
CA ASN B 600 11.32 23.81 -25.91
C ASN B 600 10.81 24.83 -26.93
N TYR B 601 10.02 24.38 -27.91
CA TYR B 601 9.33 25.32 -28.76
C TYR B 601 8.08 25.92 -28.11
N LEU B 602 7.62 25.40 -26.97
CA LEU B 602 6.30 25.77 -26.47
C LEU B 602 6.19 27.24 -26.08
N GLY B 603 7.30 27.97 -25.94
CA GLY B 603 7.20 29.40 -25.66
C GLY B 603 6.45 30.18 -26.73
N ASN B 604 6.38 29.65 -27.95
CA ASN B 604 5.67 30.29 -29.07
C ASN B 604 4.36 29.58 -29.41
N GLU B 605 3.78 28.83 -28.49
CA GLU B 605 2.59 28.05 -28.78
C GLU B 605 1.38 28.69 -28.11
N ASN B 606 0.27 28.72 -28.84
CA ASN B 606 -0.96 29.34 -28.36
C ASN B 606 -2.15 28.40 -28.32
N HIS B 607 -2.07 27.23 -28.94
CA HIS B 607 -3.27 26.45 -29.20
C HIS B 607 -3.42 25.29 -28.22
N THR B 608 -4.67 24.91 -27.99
CA THR B 608 -5.00 23.95 -26.94
C THR B 608 -4.31 22.60 -27.14
N ALA B 609 -4.44 22.01 -28.35
CA ALA B 609 -4.04 20.62 -28.57
C ALA B 609 -2.56 20.35 -28.29
N PRO B 610 -1.59 21.11 -28.84
CA PRO B 610 -0.18 20.84 -28.47
C PRO B 610 0.13 21.05 -27.00
N ILE B 611 -0.51 22.05 -26.37
CA ILE B 611 -0.24 22.31 -24.96
C ILE B 611 -0.83 21.21 -24.08
N THR B 612 -2.11 20.89 -24.30
CA THR B 612 -2.74 19.70 -23.73
C THR B 612 -1.80 18.47 -23.74
N GLU B 613 -1.35 18.03 -24.92
CA GLU B 613 -0.50 16.84 -25.02
C GLU B 613 0.81 17.00 -24.26
N ALA B 614 1.40 18.18 -24.29
CA ALA B 614 2.64 18.38 -23.55
C ALA B 614 2.41 18.32 -22.05
N LEU B 615 1.34 18.98 -21.58
CA LEU B 615 1.02 18.90 -20.16
C LEU B 615 0.71 17.48 -19.73
N PHE B 616 0.11 16.67 -20.61
CA PHE B 616 -0.17 15.29 -20.22
C PHE B 616 1.13 14.51 -20.08
N GLN B 617 2.01 14.60 -21.08
CA GLN B 617 3.32 13.95 -20.97
C GLN B 617 4.08 14.47 -19.77
N THR B 618 4.01 15.77 -19.51
CA THR B 618 4.64 16.30 -18.31
C THR B 618 4.03 15.67 -17.06
N ASP B 619 2.70 15.74 -16.93
CA ASP B 619 2.04 15.25 -15.70
C ASP B 619 2.24 13.76 -15.47
N LEU B 620 2.32 12.97 -16.55
CA LEU B 620 2.59 11.54 -16.35
C LEU B 620 3.97 11.30 -15.75
N ILE B 621 4.98 12.07 -16.19
CA ILE B 621 6.33 11.84 -15.65
C ILE B 621 6.41 12.34 -14.22
N TYR B 622 5.78 13.47 -13.94
CA TYR B 622 5.73 13.98 -12.58
C TYR B 622 5.07 12.96 -11.64
N ASN B 623 3.86 12.48 -12.00
CA ASN B 623 3.14 11.60 -11.09
C ASN B 623 3.88 10.29 -10.87
N LEU B 624 4.63 9.84 -11.87
CA LEU B 624 5.46 8.66 -11.70
C LEU B 624 6.59 8.94 -10.71
N LEU B 625 7.35 10.02 -10.94
CA LEU B 625 8.50 10.31 -10.09
C LEU B 625 8.07 10.57 -8.65
N GLU B 626 6.96 11.27 -8.48
CA GLU B 626 6.39 11.54 -7.17
C GLU B 626 6.16 10.24 -6.39
N LYS B 627 5.65 9.20 -7.05
CA LYS B 627 5.33 7.98 -6.31
C LYS B 627 6.59 7.28 -5.82
N LEU B 628 7.71 7.46 -6.51
CA LEU B 628 8.98 6.85 -6.18
C LEU B 628 9.81 7.68 -5.21
N GLY B 629 9.32 8.83 -4.80
CA GLY B 629 10.02 9.65 -3.84
C GLY B 629 11.00 10.63 -4.43
N TYR B 630 11.02 10.80 -5.75
CA TYR B 630 11.83 11.83 -6.40
C TYR B 630 11.08 13.16 -6.49
N MET B 631 10.72 13.68 -5.32
CA MET B 631 10.00 14.96 -5.22
C MET B 631 10.79 16.09 -5.87
N ASP B 632 12.08 16.20 -5.55
CA ASP B 632 12.88 17.30 -6.08
C ASP B 632 12.91 17.28 -7.60
N LEU B 633 13.26 16.13 -8.17
CA LEU B 633 13.30 16.01 -9.62
C LEU B 633 11.94 16.33 -10.23
N ALA B 634 10.86 15.78 -9.64
CA ALA B 634 9.52 16.03 -10.15
C ALA B 634 9.23 17.52 -10.16
N SER B 635 9.53 18.19 -9.06
CA SER B 635 9.25 19.61 -8.93
C SER B 635 10.08 20.43 -9.92
N ARG B 636 11.36 20.11 -10.08
CA ARG B 636 12.16 20.76 -11.13
C ARG B 636 11.53 20.57 -12.49
N LEU B 637 10.91 19.41 -12.73
CA LEU B 637 10.38 19.13 -14.04
C LEU B 637 9.23 20.06 -14.37
N VAL B 638 8.31 20.26 -13.43
CA VAL B 638 7.18 21.13 -13.76
C VAL B 638 7.59 22.58 -13.74
N THR B 639 8.61 22.92 -12.96
CA THR B 639 9.06 24.30 -12.95
C THR B 639 9.63 24.71 -14.30
N ARG B 640 10.37 23.81 -14.96
CA ARG B 640 10.90 24.12 -16.29
C ARG B 640 9.79 24.21 -17.33
N VAL B 641 8.82 23.27 -17.28
CA VAL B 641 7.65 23.35 -18.14
C VAL B 641 6.89 24.64 -17.87
N PHE B 642 6.79 25.02 -16.60
CA PHE B 642 6.13 26.28 -16.26
C PHE B 642 6.82 27.45 -16.93
N LYS B 643 8.14 27.57 -16.73
CA LYS B 643 8.88 28.67 -17.35
C LYS B 643 8.72 28.67 -18.86
N LEU B 644 8.58 27.49 -19.47
CA LEU B 644 8.32 27.39 -20.89
C LEU B 644 6.98 28.03 -21.27
N LEU B 645 5.96 27.86 -20.43
CA LEU B 645 4.61 28.34 -20.71
C LEU B 645 4.22 29.54 -19.84
N GLN B 646 5.22 30.24 -19.30
CA GLN B 646 4.94 31.29 -18.33
C GLN B 646 4.00 32.35 -18.89
N ASN B 647 4.29 32.85 -20.10
CA ASN B 647 3.56 34.01 -20.59
C ASN B 647 2.14 33.61 -20.99
N GLN B 648 2.01 32.46 -21.66
CA GLN B 648 0.69 31.87 -21.83
C GLN B 648 -0.06 31.74 -20.49
N ILE B 649 0.63 31.32 -19.41
CA ILE B 649 -0.07 31.14 -18.14
C ILE B 649 -0.44 32.47 -17.53
N GLN B 650 0.49 33.42 -17.48
CA GLN B 650 0.20 34.66 -16.79
C GLN B 650 -0.76 35.56 -17.57
N GLN B 651 -1.01 35.29 -18.84
CA GLN B 651 -1.95 36.11 -19.61
C GLN B 651 -3.40 35.71 -19.41
N GLN B 652 -3.66 34.59 -18.73
CA GLN B 652 -5.02 34.08 -18.61
C GLN B 652 -5.86 34.89 -17.61
N THR B 653 -7.12 35.08 -17.93
CA THR B 653 -8.10 35.78 -17.11
C THR B 653 -9.03 34.78 -16.43
N TRP B 654 -9.42 35.08 -15.19
CA TRP B 654 -10.32 34.19 -14.46
C TRP B 654 -11.76 34.50 -14.86
N THR B 655 -12.12 34.02 -16.05
CA THR B 655 -13.39 34.34 -16.69
C THR B 655 -13.80 33.15 -17.57
N ASP B 656 -14.91 33.33 -18.29
CA ASP B 656 -15.34 32.40 -19.33
C ASP B 656 -15.30 33.05 -20.72
N GLU B 657 -14.44 34.05 -20.92
CA GLU B 657 -14.38 34.71 -22.22
C GLU B 657 -13.63 33.85 -23.24
N GLY B 658 -14.05 33.98 -24.50
CA GLY B 658 -13.35 33.45 -25.65
C GLY B 658 -14.12 32.31 -26.30
N THR B 659 -13.45 31.68 -27.26
CA THR B 659 -13.97 30.53 -27.96
C THR B 659 -13.84 29.26 -27.12
N PRO B 660 -14.62 28.22 -27.44
CA PRO B 660 -14.47 26.95 -26.69
C PRO B 660 -13.05 26.48 -26.56
N SER B 661 -12.23 26.64 -27.60
CA SER B 661 -10.84 26.19 -27.51
C SER B 661 -10.06 27.00 -26.49
N MET B 662 -10.19 28.34 -26.55
CA MET B 662 -9.47 29.18 -25.61
C MET B 662 -9.97 28.99 -24.17
N ARG B 663 -11.24 28.63 -23.98
CA ARG B 663 -11.74 28.40 -22.62
C ARG B 663 -11.21 27.09 -22.07
N GLU B 664 -11.11 26.06 -22.91
CA GLU B 664 -10.47 24.82 -22.51
C GLU B 664 -8.97 25.01 -22.27
N LEU B 665 -8.31 25.93 -22.98
CA LEU B 665 -6.94 26.25 -22.65
C LEU B 665 -6.83 26.91 -21.28
N ARG B 666 -7.76 27.83 -20.98
CA ARG B 666 -7.72 28.53 -19.70
C ARG B 666 -7.81 27.54 -18.53
N SER B 667 -8.72 26.57 -18.62
CA SER B 667 -8.84 25.59 -17.55
C SER B 667 -7.58 24.74 -17.43
N ALA B 668 -6.91 24.44 -18.54
CA ALA B 668 -5.76 23.54 -18.49
C ALA B 668 -4.55 24.21 -17.85
N LEU B 669 -4.30 25.48 -18.19
CA LEU B 669 -3.13 26.18 -17.65
C LEU B 669 -3.33 26.55 -16.19
N LEU B 670 -4.55 26.98 -15.82
CA LEU B 670 -4.82 27.29 -14.42
C LEU B 670 -4.81 26.04 -13.55
N GLU B 671 -5.25 24.90 -14.06
CA GLU B 671 -5.19 23.66 -13.30
C GLU B 671 -3.76 23.18 -13.14
N PHE B 672 -2.93 23.41 -14.16
CA PHE B 672 -1.52 23.04 -14.05
C PHE B 672 -0.81 23.92 -13.04
N ALA B 673 -1.03 25.24 -13.12
CA ALA B 673 -0.32 26.17 -12.26
C ALA B 673 -0.73 25.99 -10.81
N CYS B 674 -2.00 25.75 -10.55
CA CYS B 674 -2.49 25.71 -9.18
CA CYS B 674 -2.49 25.71 -9.18
C CYS B 674 -2.22 24.35 -8.53
N THR B 675 -2.40 23.26 -9.27
CA THR B 675 -2.12 21.92 -8.77
C THR B 675 -0.72 21.79 -8.20
N HIS B 676 0.29 22.33 -8.90
CA HIS B 676 1.68 22.23 -8.49
C HIS B 676 2.19 23.46 -7.75
N ASN B 677 1.30 24.34 -7.29
CA ASN B 677 1.67 25.55 -6.56
C ASN B 677 2.80 26.30 -7.27
N LEU B 678 2.53 26.67 -8.52
CA LEU B 678 3.41 27.52 -9.32
C LEU B 678 2.77 28.89 -9.46
N GLY B 679 3.60 29.94 -9.45
CA GLY B 679 3.11 31.31 -9.54
C GLY B 679 2.27 31.72 -8.34
N ASN B 680 1.34 32.67 -8.58
CA ASN B 680 0.37 33.10 -7.58
C ASN B 680 -1.05 32.62 -7.90
N CYS B 681 -1.18 31.63 -8.80
CA CYS B 681 -2.49 31.14 -9.21
C CYS B 681 -3.31 30.67 -8.00
N SER B 682 -2.70 29.89 -7.11
CA SER B 682 -3.44 29.37 -5.97
C SER B 682 -3.89 30.47 -5.02
N THR B 683 -3.22 31.63 -5.01
CA THR B 683 -3.70 32.75 -4.21
C THR B 683 -4.98 33.34 -4.80
N THR B 684 -4.93 33.68 -6.08
CA THR B 684 -6.14 34.08 -6.78
C THR B 684 -7.28 33.07 -6.59
N ALA B 685 -6.97 31.78 -6.71
CA ALA B 685 -8.03 30.78 -6.63
C ALA B 685 -8.63 30.73 -5.23
N MET B 686 -7.77 30.81 -4.20
CA MET B 686 -8.25 30.79 -2.82
C MET B 686 -9.14 32.00 -2.55
N LYS B 687 -8.74 33.16 -3.06
CA LYS B 687 -9.56 34.35 -2.89
C LYS B 687 -10.96 34.14 -3.48
N LEU B 688 -11.04 33.59 -4.70
CA LEU B 688 -12.33 33.36 -5.34
C LEU B 688 -13.19 32.38 -4.54
N PHE B 689 -12.57 31.31 -4.02
CA PHE B 689 -13.29 30.33 -3.21
C PHE B 689 -13.77 30.94 -1.89
N ASP B 690 -12.91 31.73 -1.25
CA ASP B 690 -13.31 32.37 0.00
C ASP B 690 -14.49 33.31 -0.23
N ASP B 691 -14.38 34.20 -1.23
CA ASP B 691 -15.53 35.01 -1.61
C ASP B 691 -16.75 34.14 -1.90
N TRP B 692 -16.57 33.02 -2.58
CA TRP B 692 -17.72 32.20 -2.93
C TRP B 692 -18.31 31.55 -1.70
N MET B 693 -17.46 30.96 -0.85
CA MET B 693 -17.95 30.36 0.40
C MET B 693 -18.69 31.39 1.26
N ALA B 694 -18.20 32.61 1.35
CA ALA B 694 -18.86 33.62 2.19
C ALA B 694 -20.18 34.10 1.61
N SER B 695 -20.42 33.92 0.32
CA SER B 695 -21.76 34.09 -0.21
C SER B 695 -22.64 32.88 0.01
N ASN B 696 -22.12 31.80 0.60
CA ASN B 696 -22.88 30.55 0.77
C ASN B 696 -23.29 29.96 -0.59
N GLY B 697 -22.40 30.04 -1.58
CA GLY B 697 -22.65 29.45 -2.88
C GLY B 697 -23.38 30.35 -3.86
N THR B 698 -23.79 31.53 -3.41
CA THR B 698 -24.58 32.46 -4.21
C THR B 698 -23.78 33.11 -5.31
N GLN B 699 -22.57 33.56 -4.99
CA GLN B 699 -21.78 34.37 -5.89
C GLN B 699 -21.42 33.58 -7.14
N SER B 700 -21.55 34.22 -8.29
CA SER B 700 -21.21 33.54 -9.53
C SER B 700 -19.71 33.34 -9.61
N LEU B 701 -19.33 32.13 -9.94
CA LEU B 701 -18.03 31.68 -10.34
C LEU B 701 -18.03 31.39 -11.83
N PRO B 702 -17.04 31.87 -12.56
CA PRO B 702 -16.89 31.44 -13.96
C PRO B 702 -16.68 29.93 -14.02
N THR B 703 -17.45 29.28 -14.90
CA THR B 703 -17.45 27.83 -14.96
C THR B 703 -16.07 27.26 -15.29
N ASP B 704 -15.24 28.03 -16.00
CA ASP B 704 -13.95 27.51 -16.43
C ASP B 704 -12.95 27.42 -15.30
N VAL B 705 -13.08 28.23 -14.26
CA VAL B 705 -12.19 28.21 -13.11
C VAL B 705 -12.77 27.43 -11.94
N MET B 706 -13.96 26.85 -12.10
CA MET B 706 -14.70 26.26 -10.98
C MET B 706 -13.92 25.13 -10.34
N THR B 707 -13.50 24.14 -11.13
CA THR B 707 -12.71 23.04 -10.58
C THR B 707 -11.48 23.55 -9.81
N THR B 708 -10.70 24.43 -10.43
CA THR B 708 -9.48 24.95 -9.80
C THR B 708 -9.79 25.61 -8.46
N VAL B 709 -10.78 26.49 -8.43
CA VAL B 709 -11.18 27.17 -7.21
C VAL B 709 -11.64 26.17 -6.16
N PHE B 710 -12.46 25.18 -6.56
CA PHE B 710 -12.94 24.18 -5.61
C PHE B 710 -11.79 23.32 -5.07
N LYS B 711 -10.83 22.98 -5.93
CA LYS B 711 -9.72 22.15 -5.48
C LYS B 711 -8.92 22.87 -4.40
N VAL B 712 -8.63 24.15 -4.62
CA VAL B 712 -7.89 24.90 -3.62
C VAL B 712 -8.70 25.04 -2.34
N GLY B 713 -10.00 25.29 -2.48
CA GLY B 713 -10.85 25.43 -1.32
C GLY B 713 -10.99 24.15 -0.52
N ALA B 714 -10.92 23.00 -1.19
CA ALA B 714 -11.11 21.73 -0.49
C ALA B 714 -9.86 21.30 0.28
N LYS B 715 -8.79 22.09 0.27
CA LYS B 715 -7.60 21.71 1.01
C LYS B 715 -7.66 22.19 2.45
N THR B 716 -8.67 22.99 2.80
CA THR B 716 -8.94 23.34 4.18
C THR B 716 -10.11 22.51 4.70
N ASP B 717 -10.02 22.10 5.97
CA ASP B 717 -11.10 21.30 6.54
C ASP B 717 -12.43 22.06 6.49
N LYS B 718 -12.38 23.39 6.59
CA LYS B 718 -13.57 24.23 6.49
C LYS B 718 -14.16 24.17 5.08
N GLY B 719 -13.35 24.52 4.08
CA GLY B 719 -13.80 24.44 2.70
C GLY B 719 -14.12 23.03 2.25
N TRP B 720 -13.35 22.03 2.72
CA TRP B 720 -13.73 20.66 2.43
C TRP B 720 -15.12 20.37 2.97
N SER B 721 -15.33 20.62 4.27
CA SER B 721 -16.64 20.42 4.86
C SER B 721 -17.70 21.24 4.14
N PHE B 722 -17.39 22.50 3.82
CA PHE B 722 -18.38 23.34 3.14
C PHE B 722 -18.79 22.76 1.79
N LEU B 723 -17.84 22.24 1.01
CA LEU B 723 -18.21 21.71 -0.30
C LEU B 723 -19.06 20.45 -0.18
N LEU B 724 -18.82 19.62 0.85
CA LEU B 724 -19.65 18.44 1.06
C LEU B 724 -21.12 18.82 1.25
N GLY B 725 -21.40 19.83 2.07
CA GLY B 725 -22.77 20.30 2.21
C GLY B 725 -23.36 20.71 0.87
N LYS B 726 -22.57 21.42 0.05
CA LYS B 726 -23.09 21.83 -1.23
C LYS B 726 -23.31 20.65 -2.14
N TYR B 727 -22.46 19.61 -2.04
CA TYR B 727 -22.63 18.44 -2.87
C TYR B 727 -23.99 17.81 -2.66
N ILE B 728 -24.43 17.74 -1.40
CA ILE B 728 -25.64 17.00 -1.06
C ILE B 728 -26.89 17.74 -1.48
N SER B 729 -26.79 19.00 -1.87
CA SER B 729 -28.00 19.82 -2.00
C SER B 729 -28.18 20.52 -3.34
N ILE B 730 -27.14 20.71 -4.14
CA ILE B 730 -27.34 21.45 -5.37
C ILE B 730 -27.92 20.55 -6.45
N GLY B 731 -28.50 21.17 -7.48
CA GLY B 731 -29.19 20.44 -8.52
C GLY B 731 -28.53 20.38 -9.88
N SER B 732 -27.26 20.69 -10.00
CA SER B 732 -26.47 20.56 -11.21
C SER B 732 -25.47 19.41 -11.02
N GLU B 733 -25.64 18.33 -11.76
CA GLU B 733 -24.68 17.24 -11.66
C GLU B 733 -23.31 17.63 -12.19
N ALA B 734 -23.24 18.55 -13.16
CA ALA B 734 -21.95 18.93 -13.71
C ALA B 734 -21.15 19.75 -12.72
N GLU B 735 -21.81 20.59 -11.92
CA GLU B 735 -21.09 21.23 -10.83
C GLU B 735 -20.72 20.18 -9.77
N LYS B 736 -21.67 19.31 -9.41
CA LYS B 736 -21.41 18.27 -8.42
C LYS B 736 -20.13 17.50 -8.72
N ASN B 737 -19.93 17.16 -9.99
CA ASN B 737 -18.74 16.41 -10.37
C ASN B 737 -17.49 17.24 -10.18
N LYS B 738 -17.58 18.56 -10.36
CA LYS B 738 -16.40 19.39 -10.08
C LYS B 738 -16.14 19.47 -8.59
N ILE B 739 -17.19 19.37 -7.78
CA ILE B 739 -17.01 19.33 -6.34
C ILE B 739 -16.46 17.99 -5.91
N LEU B 740 -17.04 16.90 -6.43
CA LEU B 740 -16.52 15.58 -6.10
C LEU B 740 -15.03 15.46 -6.45
N GLU B 741 -14.59 16.02 -7.58
CA GLU B 741 -13.17 15.99 -7.89
C GLU B 741 -12.35 16.76 -6.85
N ALA B 742 -12.86 17.88 -6.35
CA ALA B 742 -12.14 18.61 -5.31
C ALA B 742 -12.10 17.82 -4.00
N LEU B 743 -13.23 17.24 -3.60
CA LEU B 743 -13.25 16.47 -2.35
C LEU B 743 -12.25 15.33 -2.41
N ALA B 744 -12.15 14.64 -3.55
CA ALA B 744 -11.26 13.51 -3.74
C ALA B 744 -9.81 13.93 -3.97
N SER B 745 -9.55 15.23 -4.12
CA SER B 745 -8.21 15.74 -4.26
C SER B 745 -7.66 16.28 -2.94
N SER B 746 -8.36 16.02 -1.85
CA SER B 746 -7.88 16.47 -0.54
C SER B 746 -6.67 15.65 -0.11
N GLU B 747 -5.86 16.27 0.73
CA GLU B 747 -4.64 15.62 1.18
C GLU B 747 -4.86 14.69 2.37
N ASP B 748 -6.04 14.76 3.01
CA ASP B 748 -6.37 14.01 4.24
C ASP B 748 -6.90 12.62 3.91
N VAL B 749 -6.04 11.61 4.17
CA VAL B 749 -6.31 10.21 3.81
C VAL B 749 -7.57 9.66 4.46
N ARG B 750 -7.91 10.09 5.68
CA ARG B 750 -9.16 9.65 6.29
C ARG B 750 -10.36 10.08 5.46
N LYS B 751 -10.34 11.34 5.00
CA LYS B 751 -11.40 11.84 4.13
C LYS B 751 -11.48 11.00 2.86
N LEU B 752 -10.32 10.76 2.21
CA LEU B 752 -10.34 9.99 0.97
C LEU B 752 -10.96 8.63 1.20
N TYR B 753 -10.57 7.98 2.31
CA TYR B 753 -11.12 6.66 2.60
C TYR B 753 -12.63 6.73 2.73
N TRP B 754 -13.13 7.72 3.47
CA TRP B 754 -14.57 7.86 3.64
C TRP B 754 -15.31 8.12 2.31
N LEU B 755 -14.69 8.81 1.34
CA LEU B 755 -15.32 8.99 0.02
C LEU B 755 -15.53 7.65 -0.68
N MET B 756 -14.47 6.86 -0.85
CA MET B 756 -14.60 5.55 -1.51
C MET B 756 -15.55 4.65 -0.76
N LYS B 757 -15.47 4.62 0.56
CA LYS B 757 -16.38 3.76 1.33
C LYS B 757 -17.83 4.15 1.04
N SER B 758 -18.15 5.44 1.13
CA SER B 758 -19.53 5.89 0.93
C SER B 758 -20.03 5.55 -0.46
N SER B 759 -19.21 5.79 -1.48
CA SER B 759 -19.65 5.52 -2.84
C SER B 759 -19.86 4.03 -3.06
N LEU B 760 -18.98 3.20 -2.50
CA LEU B 760 -19.08 1.76 -2.66
C LEU B 760 -20.44 1.28 -2.19
N ASN B 761 -20.89 1.77 -1.04
CA ASN B 761 -22.21 1.41 -0.54
C ASN B 761 -23.30 2.39 -0.95
N GLY B 762 -22.97 3.52 -1.56
CA GLY B 762 -23.99 4.33 -2.20
C GLY B 762 -24.73 5.24 -1.26
N ASP B 763 -24.10 5.69 -0.17
CA ASP B 763 -24.84 6.39 0.87
C ASP B 763 -24.91 7.89 0.66
N ASN B 764 -23.76 8.57 0.55
CA ASN B 764 -23.86 9.96 0.12
C ASN B 764 -23.55 10.15 -1.35
N PHE B 765 -22.75 9.26 -1.93
CA PHE B 765 -22.38 9.34 -3.33
C PHE B 765 -22.89 8.07 -4.00
N ARG B 766 -23.44 8.21 -5.19
CA ARG B 766 -23.93 7.04 -5.90
C ARG B 766 -22.77 6.18 -6.40
N THR B 767 -22.99 4.86 -6.43
CA THR B 767 -21.92 3.94 -6.76
C THR B 767 -21.33 4.20 -8.14
N GLN B 768 -22.04 4.94 -9.01
CA GLN B 768 -21.54 5.34 -10.33
C GLN B 768 -20.35 6.31 -10.25
N LYS B 769 -20.12 6.96 -9.11
CA LYS B 769 -19.01 7.87 -8.92
C LYS B 769 -17.75 7.17 -8.41
N LEU B 770 -17.86 5.88 -8.07
CA LEU B 770 -16.77 5.20 -7.37
C LEU B 770 -15.52 5.18 -8.23
N SER B 771 -15.65 4.68 -9.47
CA SER B 771 -14.56 4.73 -10.44
C SER B 771 -13.88 6.10 -10.44
N PHE B 772 -14.67 7.14 -10.64
CA PHE B 772 -14.16 8.50 -10.63
C PHE B 772 -13.37 8.79 -9.37
N ILE B 773 -13.89 8.39 -8.22
CA ILE B 773 -13.23 8.72 -6.95
C ILE B 773 -11.93 7.93 -6.80
N ILE B 774 -11.95 6.65 -7.13
CA ILE B 774 -10.76 5.82 -7.00
C ILE B 774 -9.63 6.34 -7.88
N ARG B 775 -9.94 6.71 -9.13
CA ARG B 775 -8.92 7.29 -10.01
CA ARG B 775 -8.93 7.31 -10.02
C ARG B 775 -8.30 8.54 -9.39
N THR B 776 -9.14 9.44 -8.89
CA THR B 776 -8.67 10.72 -8.36
C THR B 776 -7.83 10.51 -7.11
N VAL B 777 -8.33 9.69 -6.20
CA VAL B 777 -7.58 9.37 -4.99
C VAL B 777 -6.24 8.76 -5.34
N GLY B 778 -6.22 7.81 -6.28
CA GLY B 778 -4.99 7.11 -6.65
C GLY B 778 -3.96 7.92 -7.43
N ARG B 779 -4.35 9.08 -7.98
CA ARG B 779 -3.45 9.80 -8.85
C ARG B 779 -2.40 10.57 -8.07
N HIS B 780 -2.71 10.96 -6.85
CA HIS B 780 -1.86 11.83 -6.08
C HIS B 780 -1.25 11.06 -4.92
N PHE B 781 -0.15 11.63 -4.39
CA PHE B 781 0.64 10.93 -3.39
C PHE B 781 -0.16 10.47 -2.17
N PRO B 782 -0.98 11.31 -1.53
CA PRO B 782 -1.62 10.84 -0.28
C PRO B 782 -2.47 9.61 -0.47
N GLY B 783 -3.26 9.55 -1.54
CA GLY B 783 -4.19 8.45 -1.72
C GLY B 783 -3.68 7.30 -2.57
N HIS B 784 -2.42 7.33 -2.95
CA HIS B 784 -1.94 6.41 -3.97
C HIS B 784 -2.01 4.96 -3.50
N LEU B 785 -1.41 4.67 -2.35
CA LEU B 785 -1.50 3.31 -1.82
C LEU B 785 -2.90 2.99 -1.34
N LEU B 786 -3.62 3.98 -0.82
CA LEU B 786 -4.96 3.74 -0.27
C LEU B 786 -5.91 3.21 -1.32
N ALA B 787 -5.91 3.84 -2.51
CA ALA B 787 -6.83 3.42 -3.56
C ALA B 787 -6.58 1.98 -3.96
N TRP B 788 -5.32 1.64 -4.25
CA TRP B 788 -4.99 0.26 -4.57
C TRP B 788 -5.44 -0.68 -3.47
N ASP B 789 -5.18 -0.32 -2.20
CA ASP B 789 -5.68 -1.12 -1.10
C ASP B 789 -7.19 -1.28 -1.19
N PHE B 790 -7.90 -0.16 -1.32
CA PHE B 790 -9.36 -0.19 -1.40
C PHE B 790 -9.83 -1.16 -2.46
N VAL B 791 -9.20 -1.10 -3.64
CA VAL B 791 -9.57 -2.01 -4.73
C VAL B 791 -9.31 -3.46 -4.35
N LYS B 792 -8.15 -3.73 -3.73
CA LYS B 792 -7.83 -5.11 -3.32
C LYS B 792 -8.78 -5.62 -2.24
N GLU B 793 -9.05 -4.79 -1.22
CA GLU B 793 -9.89 -5.25 -0.11
C GLU B 793 -11.35 -5.45 -0.50
N ASN B 794 -11.90 -4.65 -1.43
CA ASN B 794 -13.30 -4.80 -1.79
C ASN B 794 -13.49 -5.47 -3.13
N TRP B 795 -12.47 -6.18 -3.62
CA TRP B 795 -12.55 -6.72 -4.96
C TRP B 795 -13.83 -7.52 -5.16
N ASN B 796 -14.19 -8.32 -4.16
CA ASN B 796 -15.39 -9.13 -4.34
C ASN B 796 -16.64 -8.26 -4.40
N LYS B 797 -16.70 -7.19 -3.61
CA LYS B 797 -17.90 -6.35 -3.66
C LYS B 797 -17.98 -5.57 -4.97
N LEU B 798 -16.82 -5.22 -5.56
CA LEU B 798 -16.80 -4.49 -6.83
C LEU B 798 -17.37 -5.34 -7.96
N VAL B 799 -16.88 -6.57 -8.10
CA VAL B 799 -17.41 -7.46 -9.12
C VAL B 799 -18.90 -7.80 -8.89
N GLN B 800 -19.42 -7.70 -7.66
CA GLN B 800 -20.88 -7.85 -7.49
C GLN B 800 -21.62 -6.61 -7.94
N LYS B 801 -20.97 -5.44 -7.94
CA LYS B 801 -21.64 -4.22 -8.36
C LYS B 801 -21.48 -3.94 -9.85
N PHE B 802 -20.34 -4.28 -10.44
CA PHE B 802 -20.02 -4.16 -11.87
C PHE B 802 -19.57 -5.51 -12.39
N PRO B 803 -20.04 -5.92 -13.55
CA PRO B 803 -19.59 -7.19 -14.10
C PRO B 803 -18.07 -7.22 -14.27
N LEU B 804 -17.56 -8.44 -14.42
CA LEU B 804 -16.12 -8.66 -14.39
C LEU B 804 -15.41 -7.96 -15.57
N GLY B 805 -15.83 -8.23 -16.79
CA GLY B 805 -15.09 -7.53 -17.82
C GLY B 805 -15.38 -6.06 -18.06
N SER B 806 -16.20 -5.41 -17.22
CA SER B 806 -16.83 -4.15 -17.58
C SER B 806 -15.82 -3.02 -17.74
N TYR B 807 -16.25 -1.94 -18.42
CA TYR B 807 -15.38 -0.78 -18.51
C TYR B 807 -15.05 -0.25 -17.13
N THR B 808 -16.06 -0.12 -16.27
CA THR B 808 -15.81 0.31 -14.90
C THR B 808 -14.69 -0.49 -14.25
N ILE B 809 -14.72 -1.81 -14.39
CA ILE B 809 -13.70 -2.63 -13.74
C ILE B 809 -12.35 -2.40 -14.40
N GLN B 810 -12.28 -2.52 -15.72
CA GLN B 810 -11.08 -2.15 -16.47
C GLN B 810 -10.52 -0.81 -16.00
N ASN B 811 -11.37 0.21 -15.98
CA ASN B 811 -10.99 1.54 -15.54
C ASN B 811 -10.34 1.53 -14.15
N ILE B 812 -10.94 0.80 -13.21
CA ILE B 812 -10.50 0.85 -11.83
C ILE B 812 -9.16 0.14 -11.68
N VAL B 813 -8.97 -0.96 -12.41
CA VAL B 813 -7.72 -1.70 -12.37
C VAL B 813 -6.59 -0.87 -12.96
N ALA B 814 -6.82 -0.33 -14.16
CA ALA B 814 -5.85 0.55 -14.78
C ALA B 814 -5.50 1.73 -13.88
N GLY B 815 -6.52 2.42 -13.38
CA GLY B 815 -6.32 3.69 -12.71
C GLY B 815 -5.68 3.59 -11.35
N SER B 816 -5.73 2.43 -10.71
CA SER B 816 -5.05 2.29 -9.42
C SER B 816 -3.68 1.65 -9.53
N THR B 817 -3.29 1.13 -10.72
CA THR B 817 -1.98 0.50 -10.87
C THR B 817 -1.03 1.17 -11.84
N TYR B 818 -1.49 2.05 -12.73
CA TYR B 818 -0.60 2.47 -13.82
C TYR B 818 0.54 3.39 -13.39
N LEU B 819 0.58 3.87 -12.14
CA LEU B 819 1.68 4.71 -11.66
C LEU B 819 2.67 3.94 -10.78
N PHE B 820 2.50 2.63 -10.64
CA PHE B 820 3.53 1.80 -10.02
C PHE B 820 4.74 1.66 -10.94
N SER B 821 5.95 1.71 -10.36
CA SER B 821 7.16 1.64 -11.17
C SER B 821 8.27 0.77 -10.57
N THR B 822 7.95 -0.21 -9.74
CA THR B 822 8.98 -1.06 -9.13
C THR B 822 8.64 -2.53 -9.32
N LYS B 823 9.68 -3.35 -9.46
CA LYS B 823 9.53 -4.78 -9.45
C LYS B 823 8.71 -5.26 -8.25
N THR B 824 8.94 -4.66 -7.07
CA THR B 824 8.17 -5.01 -5.88
C THR B 824 6.68 -4.87 -6.14
N HIS B 825 6.26 -3.74 -6.72
CA HIS B 825 4.84 -3.54 -6.97
C HIS B 825 4.33 -4.48 -8.05
N LEU B 826 5.15 -4.76 -9.07
CA LEU B 826 4.72 -5.66 -10.13
C LEU B 826 4.42 -7.04 -9.56
N SER B 827 5.31 -7.54 -8.70
CA SER B 827 5.06 -8.78 -8.00
C SER B 827 3.82 -8.67 -7.10
N GLU B 828 3.62 -7.51 -6.47
CA GLU B 828 2.45 -7.37 -5.61
C GLU B 828 1.19 -7.56 -6.42
N VAL B 829 1.09 -6.87 -7.55
CA VAL B 829 -0.14 -6.84 -8.33
C VAL B 829 -0.37 -8.20 -8.97
N GLN B 830 0.66 -8.74 -9.61
CA GLN B 830 0.52 -10.06 -10.19
C GLN B 830 0.06 -11.08 -9.17
N ALA B 831 0.67 -11.05 -7.98
CA ALA B 831 0.32 -12.01 -6.95
C ALA B 831 -1.11 -11.82 -6.48
N PHE B 832 -1.55 -10.57 -6.35
CA PHE B 832 -2.93 -10.38 -5.90
C PHE B 832 -3.88 -11.04 -6.86
N PHE B 833 -3.71 -10.75 -8.16
CA PHE B 833 -4.61 -11.30 -9.14
C PHE B 833 -4.45 -12.81 -9.29
N GLU B 834 -3.24 -13.33 -9.05
CA GLU B 834 -3.05 -14.77 -9.13
C GLU B 834 -3.88 -15.51 -8.09
N ASN B 835 -4.18 -14.89 -6.96
CA ASN B 835 -4.99 -15.52 -5.92
C ASN B 835 -6.49 -15.33 -6.13
N GLN B 836 -6.92 -14.88 -7.30
CA GLN B 836 -8.36 -14.69 -7.48
C GLN B 836 -8.99 -15.83 -8.27
N SER B 837 -8.81 -15.82 -9.59
CA SER B 837 -9.45 -16.78 -10.48
C SER B 837 -8.79 -16.65 -11.84
N GLU B 838 -8.85 -17.72 -12.63
CA GLU B 838 -8.22 -17.62 -13.94
C GLU B 838 -8.98 -16.65 -14.82
N ALA B 839 -10.32 -16.66 -14.73
CA ALA B 839 -11.12 -15.65 -15.41
C ALA B 839 -10.66 -14.24 -15.04
N THR B 840 -10.24 -14.03 -13.79
CA THR B 840 -9.79 -12.71 -13.39
C THR B 840 -8.34 -12.42 -13.73
N PHE B 841 -7.46 -13.43 -13.65
CA PHE B 841 -6.06 -13.19 -13.96
C PHE B 841 -5.84 -13.03 -15.46
N ARG B 842 -6.68 -13.67 -16.28
CA ARG B 842 -6.49 -13.67 -17.71
C ARG B 842 -7.26 -12.55 -18.42
N LEU B 843 -7.97 -11.72 -17.65
CA LEU B 843 -8.49 -10.45 -18.14
C LEU B 843 -7.39 -9.57 -18.74
N ARG B 844 -7.62 -9.09 -19.96
CA ARG B 844 -6.66 -8.16 -20.56
C ARG B 844 -6.40 -6.96 -19.64
N CYS B 845 -7.40 -6.50 -18.87
CA CYS B 845 -7.03 -5.35 -18.06
C CYS B 845 -5.95 -5.74 -17.05
N VAL B 846 -6.03 -6.95 -16.51
CA VAL B 846 -5.00 -7.39 -15.58
C VAL B 846 -3.64 -7.59 -16.28
N GLN B 847 -3.65 -8.15 -17.49
CA GLN B 847 -2.39 -8.34 -18.21
C GLN B 847 -1.78 -7.02 -18.65
N GLU B 848 -2.62 -6.04 -19.02
CA GLU B 848 -2.11 -4.74 -19.44
C GLU B 848 -1.54 -3.96 -18.27
N ALA B 849 -2.24 -3.96 -17.14
CA ALA B 849 -1.71 -3.38 -15.91
C ALA B 849 -0.28 -3.87 -15.66
N LEU B 850 -0.05 -5.19 -15.72
CA LEU B 850 1.29 -5.72 -15.49
C LEU B 850 2.29 -5.14 -16.48
N GLU B 851 1.93 -5.14 -17.77
CA GLU B 851 2.85 -4.68 -18.80
C GLU B 851 3.17 -3.20 -18.64
N VAL B 852 2.15 -2.40 -18.27
CA VAL B 852 2.38 -0.99 -17.96
C VAL B 852 3.41 -0.86 -16.85
N ILE B 853 3.22 -1.62 -15.76
CA ILE B 853 4.17 -1.56 -14.66
C ILE B 853 5.56 -1.95 -15.14
N GLN B 854 5.66 -3.01 -15.93
CA GLN B 854 6.97 -3.39 -16.46
CA GLN B 854 6.97 -3.40 -16.48
C GLN B 854 7.59 -2.24 -17.25
N LEU B 855 6.77 -1.50 -18.00
CA LEU B 855 7.30 -0.43 -18.84
C LEU B 855 7.81 0.73 -18.02
N ASN B 856 7.05 1.14 -16.98
CA ASN B 856 7.51 2.15 -16.03
C ASN B 856 8.85 1.76 -15.41
N ILE B 857 9.03 0.47 -15.11
CA ILE B 857 10.28 0.04 -14.50
C ILE B 857 11.42 0.27 -15.46
N GLN B 858 11.26 -0.19 -16.71
CA GLN B 858 12.27 0.04 -17.73
C GLN B 858 12.42 1.51 -18.08
N TRP B 859 11.32 2.25 -18.20
CA TRP B 859 11.47 3.68 -18.45
C TRP B 859 12.31 4.30 -17.36
N MET B 860 12.11 3.88 -16.11
CA MET B 860 12.82 4.48 -15.00
C MET B 860 14.28 4.04 -15.00
N GLU B 861 14.54 2.78 -15.34
CA GLU B 861 15.92 2.29 -15.49
C GLU B 861 16.72 3.16 -16.46
N LYS B 862 16.15 3.45 -17.63
CA LYS B 862 16.95 4.06 -18.67
C LYS B 862 16.94 5.57 -18.65
N ASN B 863 15.98 6.20 -18.00
CA ASN B 863 15.90 7.65 -18.07
C ASN B 863 16.19 8.35 -16.75
N LEU B 864 16.09 7.66 -15.62
CA LEU B 864 16.20 8.36 -14.34
C LEU B 864 17.51 9.12 -14.24
N LYS B 865 18.63 8.51 -14.61
CA LYS B 865 19.92 9.12 -14.30
C LYS B 865 20.16 10.32 -15.20
N SER B 866 19.83 10.22 -16.50
CA SER B 866 20.06 11.34 -17.39
C SER B 866 19.10 12.48 -17.07
N LEU B 867 17.81 12.18 -16.90
CA LEU B 867 16.84 13.19 -16.53
C LEU B 867 17.31 13.97 -15.29
N THR B 868 17.80 13.27 -14.28
CA THR B 868 18.36 13.94 -13.10
C THR B 868 19.48 14.88 -13.50
N TRP B 869 20.25 14.49 -14.51
CA TRP B 869 21.37 15.32 -14.95
C TRP B 869 20.88 16.56 -15.68
N TRP B 870 20.09 16.39 -16.76
CA TRP B 870 19.57 17.49 -17.57
CA TRP B 870 19.78 17.62 -17.47
C TRP B 870 18.73 18.49 -16.77
N LEU B 871 18.28 18.12 -15.56
CA LEU B 871 17.44 19.00 -14.75
C LEU B 871 18.19 19.56 -13.55
N ARG B 872 19.47 19.88 -13.71
CA ARG B 872 20.18 20.54 -12.62
C ARG B 872 21.02 21.69 -13.15
#